data_2E59
# 
_entry.id   2E59 
# 
_audit_conform.dict_name       mmcif_pdbx.dic 
_audit_conform.dict_version    5.397 
_audit_conform.dict_location   http://mmcif.pdb.org/dictionaries/ascii/mmcif_pdbx.dic 
# 
loop_
_database_2.database_id 
_database_2.database_code 
_database_2.pdbx_database_accession 
_database_2.pdbx_DOI 
PDB   2E59         pdb_00002e59 10.2210/pdb2e59/pdb 
RCSB  RCSB026241   ?            ?                   
WWPDB D_1000026241 ?            ?                   
# 
loop_
_pdbx_audit_revision_history.ordinal 
_pdbx_audit_revision_history.data_content_type 
_pdbx_audit_revision_history.major_revision 
_pdbx_audit_revision_history.minor_revision 
_pdbx_audit_revision_history.revision_date 
1 'Structure model' 1 0 2007-06-26 
2 'Structure model' 1 1 2008-04-30 
3 'Structure model' 1 2 2011-07-13 
4 'Structure model' 1 3 2020-07-29 
5 'Structure model' 1 4 2023-10-25 
6 'Structure model' 1 5 2024-10-23 
# 
loop_
_pdbx_audit_revision_details.ordinal 
_pdbx_audit_revision_details.revision_ordinal 
_pdbx_audit_revision_details.data_content_type 
_pdbx_audit_revision_details.provider 
_pdbx_audit_revision_details.type 
_pdbx_audit_revision_details.description 
_pdbx_audit_revision_details.details 
1 1 'Structure model' repository 'Initial release' ?                          ? 
2 4 'Structure model' repository Remediation       'Carbohydrate remediation' ? 
# 
loop_
_pdbx_audit_revision_group.ordinal 
_pdbx_audit_revision_group.revision_ordinal 
_pdbx_audit_revision_group.data_content_type 
_pdbx_audit_revision_group.group 
1  2 'Structure model' 'Version format compliance' 
2  3 'Structure model' 'Non-polymer description'   
3  3 'Structure model' 'Version format compliance' 
4  4 'Structure model' 'Data collection'           
5  4 'Structure model' 'Derived calculations'      
6  4 'Structure model' 'Structure summary'         
7  5 'Structure model' 'Data collection'           
8  5 'Structure model' 'Database references'       
9  5 'Structure model' 'Refinement description'    
10 5 'Structure model' 'Structure summary'         
11 6 'Structure model' 'Structure summary'         
# 
loop_
_pdbx_audit_revision_category.ordinal 
_pdbx_audit_revision_category.revision_ordinal 
_pdbx_audit_revision_category.data_content_type 
_pdbx_audit_revision_category.category 
1  4 'Structure model' chem_comp                     
2  4 'Structure model' entity                        
3  4 'Structure model' pdbx_chem_comp_identifier     
4  4 'Structure model' pdbx_entity_nonpoly           
5  4 'Structure model' struct_conn                   
6  4 'Structure model' struct_site                   
7  4 'Structure model' struct_site_gen               
8  5 'Structure model' chem_comp                     
9  5 'Structure model' chem_comp_atom                
10 5 'Structure model' chem_comp_bond                
11 5 'Structure model' database_2                    
12 5 'Structure model' pdbx_initial_refinement_model 
13 6 'Structure model' pdbx_entry_details            
14 6 'Structure model' pdbx_modification_feature     
# 
loop_
_pdbx_audit_revision_item.ordinal 
_pdbx_audit_revision_item.revision_ordinal 
_pdbx_audit_revision_item.data_content_type 
_pdbx_audit_revision_item.item 
1 4 'Structure model' '_chem_comp.name'                     
2 4 'Structure model' '_chem_comp.type'                     
3 4 'Structure model' '_entity.pdbx_description'            
4 4 'Structure model' '_pdbx_entity_nonpoly.name'           
5 4 'Structure model' '_struct_conn.pdbx_leaving_atom_flag' 
6 4 'Structure model' '_struct_conn.pdbx_role'              
7 5 'Structure model' '_chem_comp.pdbx_synonyms'            
8 5 'Structure model' '_database_2.pdbx_DOI'                
9 5 'Structure model' '_database_2.pdbx_database_accession' 
# 
_pdbx_database_status.status_code                     REL 
_pdbx_database_status.entry_id                        2E59 
_pdbx_database_status.recvd_initial_deposition_date   2006-12-19 
_pdbx_database_status.deposit_site                    PDBJ 
_pdbx_database_status.process_site                    PDBJ 
_pdbx_database_status.status_code_sf                  REL 
_pdbx_database_status.status_code_mr                  ? 
_pdbx_database_status.SG_entry                        ? 
_pdbx_database_status.pdb_format_compatible           Y 
_pdbx_database_status.status_code_cs                  ? 
_pdbx_database_status.status_code_nmr_data            ? 
_pdbx_database_status.methods_development_category    ? 
# 
_pdbx_database_related.db_name        PDB 
_pdbx_database_related.db_id          2E56 
_pdbx_database_related.details        'the same protein' 
_pdbx_database_related.content_type   unspecified 
# 
loop_
_audit_author.name 
_audit_author.pdbx_ordinal 
'Ohto, U.'  1 
'Satow, Y.' 2 
# 
_citation.id                        primary 
_citation.title                     'Crystal structures of human MD-2 and its complex with antiendotoxic lipid IVa' 
_citation.journal_abbrev            Science 
_citation.journal_volume            316 
_citation.page_first                1632 
_citation.page_last                 1634 
_citation.year                      2007 
_citation.journal_id_ASTM           SCIEAS 
_citation.country                   US 
_citation.journal_id_ISSN           0036-8075 
_citation.journal_id_CSD            0038 
_citation.book_publisher            ? 
_citation.pdbx_database_id_PubMed   17569869 
_citation.pdbx_database_id_DOI      10.1126/science.1139111 
# 
loop_
_citation_author.citation_id 
_citation_author.name 
_citation_author.ordinal 
_citation_author.identifier_ORCID 
primary 'Ohto, U.'   1 ? 
primary 'Fukase, K.' 2 ? 
primary 'Miyake, K.' 3 ? 
primary 'Satow, Y.'  4 ? 
# 
loop_
_entity.id 
_entity.type 
_entity.src_method 
_entity.pdbx_description 
_entity.formula_weight 
_entity.pdbx_number_of_molecules 
_entity.pdbx_ec 
_entity.pdbx_mutation 
_entity.pdbx_fragment 
_entity.details 
1 polymer     man 'Lymphocyte antigen 96' 16586.135 1  ? ? ? ? 
2 non-polymer man 2-acetamido-2-deoxy-beta-D-glucopyranose 221.208   2  ? ? ? ? 
3 non-polymer syn 
;(R)-((2R,3S,4R,5R,6R)-3-HYDROXY-2-(HYDROXYMETHYL)-5-((R)-3-HYDROXYTETRADECANAMIDO)-6-(PHOSPHONOOXY)TETRAHYDRO-2H-PYRAN-4-YL) 3-HYDROXYTETRADECANOATE
;
711.861   1  ? ? ? ? 
4 non-polymer syn 
'2-deoxy-3-O-[(3R)-3-hydroxytetradecanoyl]-2-{[(3R)-3-hydroxytetradecanoyl]amino}-4-O-phosphono-beta-D-glucopyranose' 711.861   1  
? ? ? ? 
5 water       nat water 18.015    89 ? ? ? ? 
# 
_entity_name_com.entity_id   1 
_entity_name_com.name        'MD-2 protein, ESOP-1' 
# 
_entity_poly.entity_id                      1 
_entity_poly.type                           'polypeptide(L)' 
_entity_poly.nstd_linkage                   no 
_entity_poly.nstd_monomer                   no 
_entity_poly.pdbx_seq_one_letter_code       
;EAQKQYWVCNSSDASISYTYCDKMQYPISINVNPCIELKGSKGLLHIFYIPRRDLKQLYFNLYITVNTMNLPKRKEVICR
GSDDDYSFCRALKGETVNTTISFSFKGIKFSKGKYKCVVEAISGSPEEMLFCLEFVILHQPNSN
;
_entity_poly.pdbx_seq_one_letter_code_can   
;EAQKQYWVCNSSDASISYTYCDKMQYPISINVNPCIELKGSKGLLHIFYIPRRDLKQLYFNLYITVNTMNLPKRKEVICR
GSDDDYSFCRALKGETVNTTISFSFKGIKFSKGKYKCVVEAISGSPEEMLFCLEFVILHQPNSN
;
_entity_poly.pdbx_strand_id                 A 
_entity_poly.pdbx_target_identifier         ? 
# 
loop_
_pdbx_entity_nonpoly.entity_id 
_pdbx_entity_nonpoly.name 
_pdbx_entity_nonpoly.comp_id 
2 2-acetamido-2-deoxy-beta-D-glucopyranose NAG 
3 
;(R)-((2R,3S,4R,5R,6R)-3-HYDROXY-2-(HYDROXYMETHYL)-5-((R)-3-HYDROXYTETRADECANAMIDO)-6-(PHOSPHONOOXY)TETRAHYDRO-2H-PYRAN-4-YL) 3-HYDROXYTETRADECANOATE
;
LP5 
4 '2-deoxy-3-O-[(3R)-3-hydroxytetradecanoyl]-2-{[(3R)-3-hydroxytetradecanoyl]amino}-4-O-phosphono-beta-D-glucopyranose' LP4 
5 water HOH 
# 
loop_
_entity_poly_seq.entity_id 
_entity_poly_seq.num 
_entity_poly_seq.mon_id 
_entity_poly_seq.hetero 
1 1   GLU n 
1 2   ALA n 
1 3   GLN n 
1 4   LYS n 
1 5   GLN n 
1 6   TYR n 
1 7   TRP n 
1 8   VAL n 
1 9   CYS n 
1 10  ASN n 
1 11  SER n 
1 12  SER n 
1 13  ASP n 
1 14  ALA n 
1 15  SER n 
1 16  ILE n 
1 17  SER n 
1 18  TYR n 
1 19  THR n 
1 20  TYR n 
1 21  CYS n 
1 22  ASP n 
1 23  LYS n 
1 24  MET n 
1 25  GLN n 
1 26  TYR n 
1 27  PRO n 
1 28  ILE n 
1 29  SER n 
1 30  ILE n 
1 31  ASN n 
1 32  VAL n 
1 33  ASN n 
1 34  PRO n 
1 35  CYS n 
1 36  ILE n 
1 37  GLU n 
1 38  LEU n 
1 39  LYS n 
1 40  GLY n 
1 41  SER n 
1 42  LYS n 
1 43  GLY n 
1 44  LEU n 
1 45  LEU n 
1 46  HIS n 
1 47  ILE n 
1 48  PHE n 
1 49  TYR n 
1 50  ILE n 
1 51  PRO n 
1 52  ARG n 
1 53  ARG n 
1 54  ASP n 
1 55  LEU n 
1 56  LYS n 
1 57  GLN n 
1 58  LEU n 
1 59  TYR n 
1 60  PHE n 
1 61  ASN n 
1 62  LEU n 
1 63  TYR n 
1 64  ILE n 
1 65  THR n 
1 66  VAL n 
1 67  ASN n 
1 68  THR n 
1 69  MET n 
1 70  ASN n 
1 71  LEU n 
1 72  PRO n 
1 73  LYS n 
1 74  ARG n 
1 75  LYS n 
1 76  GLU n 
1 77  VAL n 
1 78  ILE n 
1 79  CYS n 
1 80  ARG n 
1 81  GLY n 
1 82  SER n 
1 83  ASP n 
1 84  ASP n 
1 85  ASP n 
1 86  TYR n 
1 87  SER n 
1 88  PHE n 
1 89  CYS n 
1 90  ARG n 
1 91  ALA n 
1 92  LEU n 
1 93  LYS n 
1 94  GLY n 
1 95  GLU n 
1 96  THR n 
1 97  VAL n 
1 98  ASN n 
1 99  THR n 
1 100 THR n 
1 101 ILE n 
1 102 SER n 
1 103 PHE n 
1 104 SER n 
1 105 PHE n 
1 106 LYS n 
1 107 GLY n 
1 108 ILE n 
1 109 LYS n 
1 110 PHE n 
1 111 SER n 
1 112 LYS n 
1 113 GLY n 
1 114 LYS n 
1 115 TYR n 
1 116 LYS n 
1 117 CYS n 
1 118 VAL n 
1 119 VAL n 
1 120 GLU n 
1 121 ALA n 
1 122 ILE n 
1 123 SER n 
1 124 GLY n 
1 125 SER n 
1 126 PRO n 
1 127 GLU n 
1 128 GLU n 
1 129 MET n 
1 130 LEU n 
1 131 PHE n 
1 132 CYS n 
1 133 LEU n 
1 134 GLU n 
1 135 PHE n 
1 136 VAL n 
1 137 ILE n 
1 138 LEU n 
1 139 HIS n 
1 140 GLN n 
1 141 PRO n 
1 142 ASN n 
1 143 SER n 
1 144 ASN n 
# 
_entity_src_gen.entity_id                          1 
_entity_src_gen.pdbx_src_id                        1 
_entity_src_gen.pdbx_alt_source_flag               sample 
_entity_src_gen.pdbx_seq_type                      ? 
_entity_src_gen.pdbx_beg_seq_num                   ? 
_entity_src_gen.pdbx_end_seq_num                   ? 
_entity_src_gen.gene_src_common_name               human 
_entity_src_gen.gene_src_genus                     Homo 
_entity_src_gen.pdbx_gene_src_gene                 'LY96, ESOP1, MD2' 
_entity_src_gen.gene_src_species                   ? 
_entity_src_gen.gene_src_strain                    ? 
_entity_src_gen.gene_src_tissue                    ? 
_entity_src_gen.gene_src_tissue_fraction           ? 
_entity_src_gen.gene_src_details                   ? 
_entity_src_gen.pdbx_gene_src_fragment             ? 
_entity_src_gen.pdbx_gene_src_scientific_name      'Homo sapiens' 
_entity_src_gen.pdbx_gene_src_ncbi_taxonomy_id     9606 
_entity_src_gen.pdbx_gene_src_variant              ? 
_entity_src_gen.pdbx_gene_src_cell_line            ? 
_entity_src_gen.pdbx_gene_src_atcc                 ? 
_entity_src_gen.pdbx_gene_src_organ                ? 
_entity_src_gen.pdbx_gene_src_organelle            ? 
_entity_src_gen.pdbx_gene_src_cell                 ? 
_entity_src_gen.pdbx_gene_src_cellular_location    ? 
_entity_src_gen.host_org_common_name               ? 
_entity_src_gen.pdbx_host_org_scientific_name      'Pichia pastoris' 
_entity_src_gen.pdbx_host_org_ncbi_taxonomy_id     4922 
_entity_src_gen.host_org_genus                     Pichia 
_entity_src_gen.pdbx_host_org_gene                 ? 
_entity_src_gen.pdbx_host_org_organ                ? 
_entity_src_gen.host_org_species                   ? 
_entity_src_gen.pdbx_host_org_tissue               ? 
_entity_src_gen.pdbx_host_org_tissue_fraction      ? 
_entity_src_gen.pdbx_host_org_strain               ? 
_entity_src_gen.pdbx_host_org_variant              ? 
_entity_src_gen.pdbx_host_org_cell_line            ? 
_entity_src_gen.pdbx_host_org_atcc                 ? 
_entity_src_gen.pdbx_host_org_culture_collection   ? 
_entity_src_gen.pdbx_host_org_cell                 ? 
_entity_src_gen.pdbx_host_org_organelle            ? 
_entity_src_gen.pdbx_host_org_cellular_location    ? 
_entity_src_gen.pdbx_host_org_vector_type          plasmid 
_entity_src_gen.pdbx_host_org_vector               ? 
_entity_src_gen.host_org_details                   ? 
_entity_src_gen.expression_system_id               ? 
_entity_src_gen.plasmid_name                       'pPIC9, pPICZa, pPIC6a' 
_entity_src_gen.plasmid_details                    ? 
_entity_src_gen.pdbx_description                   ? 
# 
loop_
_chem_comp.id 
_chem_comp.type 
_chem_comp.mon_nstd_flag 
_chem_comp.name 
_chem_comp.pdbx_synonyms 
_chem_comp.formula 
_chem_comp.formula_weight 
ALA 'L-peptide linking'          y ALANINE ? 'C3 H7 N O2'      89.093  
ARG 'L-peptide linking'          y ARGININE ? 'C6 H15 N4 O2 1'  175.209 
ASN 'L-peptide linking'          y ASPARAGINE ? 'C4 H8 N2 O3'     132.118 
ASP 'L-peptide linking'          y 'ASPARTIC ACID' ? 'C4 H7 N O4'      133.103 
CYS 'L-peptide linking'          y CYSTEINE ? 'C3 H7 N O2 S'    121.158 
GLN 'L-peptide linking'          y GLUTAMINE ? 'C5 H10 N2 O3'    146.144 
GLU 'L-peptide linking'          y 'GLUTAMIC ACID' ? 'C5 H9 N O4'      147.129 
GLY 'peptide linking'            y GLYCINE ? 'C2 H5 N O2'      75.067  
HIS 'L-peptide linking'          y HISTIDINE ? 'C6 H10 N3 O2 1'  156.162 
HOH non-polymer                  . WATER ? 'H2 O'            18.015  
ILE 'L-peptide linking'          y ISOLEUCINE ? 'C6 H13 N O2'     131.173 
LEU 'L-peptide linking'          y LEUCINE ? 'C6 H13 N O2'     131.173 
LP4 non-polymer                  . 
'2-deoxy-3-O-[(3R)-3-hydroxytetradecanoyl]-2-{[(3R)-3-hydroxytetradecanoyl]amino}-4-O-phosphono-beta-D-glucopyranose' ? 
'C34 H66 N O12 P' 711.861 
LP5 non-polymer                  . 
;(R)-((2R,3S,4R,5R,6R)-3-HYDROXY-2-(HYDROXYMETHYL)-5-((R)-3-HYDROXYTETRADECANAMIDO)-6-(PHOSPHONOOXY)TETRAHYDRO-2H-PYRAN-4-YL) 3-HYDROXYTETRADECANOATE
;
? 'C34 H66 N O12 P' 711.861 
LYS 'L-peptide linking'          y LYSINE ? 'C6 H15 N2 O2 1'  147.195 
MET 'L-peptide linking'          y METHIONINE ? 'C5 H11 N O2 S'   149.211 
NAG 'D-saccharide, beta linking' . 2-acetamido-2-deoxy-beta-D-glucopyranose 
;N-acetyl-beta-D-glucosamine; 2-acetamido-2-deoxy-beta-D-glucose; 2-acetamido-2-deoxy-D-glucose; 2-acetamido-2-deoxy-glucose; N-ACETYL-D-GLUCOSAMINE
;
'C8 H15 N O6'     221.208 
PHE 'L-peptide linking'          y PHENYLALANINE ? 'C9 H11 N O2'     165.189 
PRO 'L-peptide linking'          y PROLINE ? 'C5 H9 N O2'      115.130 
SER 'L-peptide linking'          y SERINE ? 'C3 H7 N O3'      105.093 
THR 'L-peptide linking'          y THREONINE ? 'C4 H9 N O3'      119.119 
TRP 'L-peptide linking'          y TRYPTOPHAN ? 'C11 H12 N2 O2'   204.225 
TYR 'L-peptide linking'          y TYROSINE ? 'C9 H11 N O3'     181.189 
VAL 'L-peptide linking'          y VALINE ? 'C5 H11 N O2'     117.146 
# 
loop_
_pdbx_chem_comp_identifier.comp_id 
_pdbx_chem_comp_identifier.type 
_pdbx_chem_comp_identifier.program 
_pdbx_chem_comp_identifier.program_version 
_pdbx_chem_comp_identifier.identifier 
NAG 'CONDENSED IUPAC CARBOHYDRATE SYMBOL' GMML     1.0 DGlcpNAcb                      
NAG 'COMMON NAME'                         GMML     1.0 N-acetyl-b-D-glucopyranosamine 
NAG 'IUPAC CARBOHYDRATE SYMBOL'           PDB-CARE 1.0 b-D-GlcpNAc                    
NAG 'SNFG CARBOHYDRATE SYMBOL'            GMML     1.0 GlcNAc                         
# 
loop_
_pdbx_poly_seq_scheme.asym_id 
_pdbx_poly_seq_scheme.entity_id 
_pdbx_poly_seq_scheme.seq_id 
_pdbx_poly_seq_scheme.mon_id 
_pdbx_poly_seq_scheme.ndb_seq_num 
_pdbx_poly_seq_scheme.pdb_seq_num 
_pdbx_poly_seq_scheme.auth_seq_num 
_pdbx_poly_seq_scheme.pdb_mon_id 
_pdbx_poly_seq_scheme.auth_mon_id 
_pdbx_poly_seq_scheme.pdb_strand_id 
_pdbx_poly_seq_scheme.pdb_ins_code 
_pdbx_poly_seq_scheme.hetero 
A 1 1   GLU 1   17  17  GLU GLU A . n 
A 1 2   ALA 2   18  18  ALA ALA A . n 
A 1 3   GLN 3   19  19  GLN GLN A . n 
A 1 4   LYS 4   20  20  LYS LYS A . n 
A 1 5   GLN 5   21  21  GLN GLN A . n 
A 1 6   TYR 6   22  22  TYR TYR A . n 
A 1 7   TRP 7   23  23  TRP TRP A . n 
A 1 8   VAL 8   24  24  VAL VAL A . n 
A 1 9   CYS 9   25  25  CYS CYS A . n 
A 1 10  ASN 10  26  26  ASN ASN A . n 
A 1 11  SER 11  27  27  SER SER A . n 
A 1 12  SER 12  28  28  SER SER A . n 
A 1 13  ASP 13  29  29  ASP ASP A . n 
A 1 14  ALA 14  30  30  ALA ALA A . n 
A 1 15  SER 15  31  31  SER SER A . n 
A 1 16  ILE 16  32  32  ILE ILE A . n 
A 1 17  SER 17  33  33  SER SER A . n 
A 1 18  TYR 18  34  34  TYR TYR A . n 
A 1 19  THR 19  35  35  THR THR A . n 
A 1 20  TYR 20  36  36  TYR TYR A . n 
A 1 21  CYS 21  37  37  CYS CYS A . n 
A 1 22  ASP 22  38  38  ASP ASP A . n 
A 1 23  LYS 23  39  39  LYS LYS A . n 
A 1 24  MET 24  40  40  MET MET A . n 
A 1 25  GLN 25  41  41  GLN GLN A . n 
A 1 26  TYR 26  42  42  TYR TYR A . n 
A 1 27  PRO 27  43  43  PRO PRO A . n 
A 1 28  ILE 28  44  44  ILE ILE A . n 
A 1 29  SER 29  45  45  SER SER A . n 
A 1 30  ILE 30  46  46  ILE ILE A . n 
A 1 31  ASN 31  47  47  ASN ASN A . n 
A 1 32  VAL 32  48  48  VAL VAL A . n 
A 1 33  ASN 33  49  49  ASN ASN A . n 
A 1 34  PRO 34  50  50  PRO PRO A . n 
A 1 35  CYS 35  51  51  CYS CYS A . n 
A 1 36  ILE 36  52  52  ILE ILE A . n 
A 1 37  GLU 37  53  53  GLU GLU A . n 
A 1 38  LEU 38  54  54  LEU LEU A . n 
A 1 39  LYS 39  55  55  LYS LYS A . n 
A 1 40  GLY 40  56  56  GLY GLY A . n 
A 1 41  SER 41  57  57  SER SER A . n 
A 1 42  LYS 42  58  58  LYS LYS A . n 
A 1 43  GLY 43  59  59  GLY GLY A . n 
A 1 44  LEU 44  60  60  LEU LEU A . n 
A 1 45  LEU 45  61  61  LEU LEU A . n 
A 1 46  HIS 46  62  62  HIS HIS A . n 
A 1 47  ILE 47  63  63  ILE ILE A . n 
A 1 48  PHE 48  64  64  PHE PHE A . n 
A 1 49  TYR 49  65  65  TYR TYR A . n 
A 1 50  ILE 50  66  66  ILE ILE A . n 
A 1 51  PRO 51  67  67  PRO PRO A . n 
A 1 52  ARG 52  68  68  ARG ARG A . n 
A 1 53  ARG 53  69  69  ARG ARG A . n 
A 1 54  ASP 54  70  70  ASP ASP A . n 
A 1 55  LEU 55  71  71  LEU LEU A . n 
A 1 56  LYS 56  72  72  LYS LYS A . n 
A 1 57  GLN 57  73  73  GLN GLN A . n 
A 1 58  LEU 58  74  74  LEU LEU A . n 
A 1 59  TYR 59  75  75  TYR TYR A . n 
A 1 60  PHE 60  76  76  PHE PHE A . n 
A 1 61  ASN 61  77  77  ASN ASN A . n 
A 1 62  LEU 62  78  78  LEU LEU A . n 
A 1 63  TYR 63  79  79  TYR TYR A . n 
A 1 64  ILE 64  80  80  ILE ILE A . n 
A 1 65  THR 65  81  81  THR THR A . n 
A 1 66  VAL 66  82  82  VAL VAL A . n 
A 1 67  ASN 67  83  83  ASN ASN A . n 
A 1 68  THR 68  84  84  THR THR A . n 
A 1 69  MET 69  85  85  MET MET A . n 
A 1 70  ASN 70  86  86  ASN ASN A . n 
A 1 71  LEU 71  87  87  LEU LEU A . n 
A 1 72  PRO 72  88  88  PRO PRO A . n 
A 1 73  LYS 73  89  89  LYS LYS A . n 
A 1 74  ARG 74  90  90  ARG ARG A . n 
A 1 75  LYS 75  91  91  LYS LYS A . n 
A 1 76  GLU 76  92  92  GLU GLU A . n 
A 1 77  VAL 77  93  93  VAL VAL A . n 
A 1 78  ILE 78  94  94  ILE ILE A . n 
A 1 79  CYS 79  95  95  CYS CYS A . n 
A 1 80  ARG 80  96  96  ARG ARG A . n 
A 1 81  GLY 81  97  97  GLY GLY A . n 
A 1 82  SER 82  98  98  SER SER A . n 
A 1 83  ASP 83  99  99  ASP ASP A . n 
A 1 84  ASP 84  100 100 ASP ASP A . n 
A 1 85  ASP 85  101 101 ASP ASP A . n 
A 1 86  TYR 86  102 102 TYR TYR A . n 
A 1 87  SER 87  103 103 SER SER A . n 
A 1 88  PHE 88  104 104 PHE PHE A . n 
A 1 89  CYS 89  105 105 CYS CYS A . n 
A 1 90  ARG 90  106 106 ARG ARG A . n 
A 1 91  ALA 91  107 107 ALA ALA A . n 
A 1 92  LEU 92  108 108 LEU LEU A . n 
A 1 93  LYS 93  109 109 LYS LYS A . n 
A 1 94  GLY 94  110 110 GLY GLY A . n 
A 1 95  GLU 95  111 111 GLU GLU A . n 
A 1 96  THR 96  112 112 THR THR A . n 
A 1 97  VAL 97  113 113 VAL VAL A . n 
A 1 98  ASN 98  114 114 ASN ASN A . n 
A 1 99  THR 99  115 115 THR THR A . n 
A 1 100 THR 100 116 116 THR THR A . n 
A 1 101 ILE 101 117 117 ILE ILE A . n 
A 1 102 SER 102 118 118 SER SER A . n 
A 1 103 PHE 103 119 119 PHE PHE A . n 
A 1 104 SER 104 120 120 SER SER A . n 
A 1 105 PHE 105 121 121 PHE PHE A . n 
A 1 106 LYS 106 122 122 LYS LYS A . n 
A 1 107 GLY 107 123 123 GLY GLY A . n 
A 1 108 ILE 108 124 124 ILE ILE A . n 
A 1 109 LYS 109 125 125 LYS LYS A . n 
A 1 110 PHE 110 126 126 PHE PHE A . n 
A 1 111 SER 111 127 127 SER SER A . n 
A 1 112 LYS 112 128 128 LYS LYS A . n 
A 1 113 GLY 113 129 129 GLY GLY A . n 
A 1 114 LYS 114 130 130 LYS LYS A . n 
A 1 115 TYR 115 131 131 TYR TYR A . n 
A 1 116 LYS 116 132 132 LYS LYS A . n 
A 1 117 CYS 117 133 133 CYS CYS A . n 
A 1 118 VAL 118 134 134 VAL VAL A . n 
A 1 119 VAL 119 135 135 VAL VAL A . n 
A 1 120 GLU 120 136 136 GLU GLU A . n 
A 1 121 ALA 121 137 137 ALA ALA A . n 
A 1 122 ILE 122 138 138 ILE ILE A . n 
A 1 123 SER 123 139 139 SER SER A . n 
A 1 124 GLY 124 140 140 GLY GLY A . n 
A 1 125 SER 125 141 141 SER SER A . n 
A 1 126 PRO 126 142 142 PRO PRO A . n 
A 1 127 GLU 127 143 143 GLU GLU A . n 
A 1 128 GLU 128 144 144 GLU GLU A . n 
A 1 129 MET 129 145 145 MET MET A . n 
A 1 130 LEU 130 146 146 LEU LEU A . n 
A 1 131 PHE 131 147 147 PHE PHE A . n 
A 1 132 CYS 132 148 148 CYS CYS A . n 
A 1 133 LEU 133 149 149 LEU LEU A . n 
A 1 134 GLU 134 150 150 GLU GLU A . n 
A 1 135 PHE 135 151 151 PHE PHE A . n 
A 1 136 VAL 136 152 152 VAL VAL A . n 
A 1 137 ILE 137 153 153 ILE ILE A . n 
A 1 138 LEU 138 154 154 LEU LEU A . n 
A 1 139 HIS 139 155 155 HIS HIS A . n 
A 1 140 GLN 140 156 156 GLN GLN A . n 
A 1 141 PRO 141 157 157 PRO PRO A . n 
A 1 142 ASN 142 158 158 ASN ASN A . n 
A 1 143 SER 143 159 159 SER SER A . n 
A 1 144 ASN 144 160 160 ASN ASN A . n 
# 
loop_
_pdbx_nonpoly_scheme.asym_id 
_pdbx_nonpoly_scheme.entity_id 
_pdbx_nonpoly_scheme.mon_id 
_pdbx_nonpoly_scheme.ndb_seq_num 
_pdbx_nonpoly_scheme.pdb_seq_num 
_pdbx_nonpoly_scheme.auth_seq_num 
_pdbx_nonpoly_scheme.pdb_mon_id 
_pdbx_nonpoly_scheme.auth_mon_id 
_pdbx_nonpoly_scheme.pdb_strand_id 
_pdbx_nonpoly_scheme.pdb_ins_code 
B 2 NAG 1  801 1  NAG NAG A . 
C 2 NAG 1  901 1  NAG NAG A . 
D 3 LP5 1  501 1  LP5 LP2 A . 
E 4 LP4 1  601 1  LP4 LP1 A . 
F 5 HOH 1  902 1  HOH HOH A . 
F 5 HOH 2  903 2  HOH HOH A . 
F 5 HOH 3  904 3  HOH HOH A . 
F 5 HOH 4  905 4  HOH HOH A . 
F 5 HOH 5  906 5  HOH HOH A . 
F 5 HOH 6  907 6  HOH HOH A . 
F 5 HOH 7  908 7  HOH HOH A . 
F 5 HOH 8  909 8  HOH HOH A . 
F 5 HOH 9  910 9  HOH HOH A . 
F 5 HOH 10 911 10 HOH HOH A . 
F 5 HOH 11 912 11 HOH HOH A . 
F 5 HOH 12 913 12 HOH HOH A . 
F 5 HOH 13 914 13 HOH HOH A . 
F 5 HOH 14 915 14 HOH HOH A . 
F 5 HOH 15 916 15 HOH HOH A . 
F 5 HOH 16 917 16 HOH HOH A . 
F 5 HOH 17 918 17 HOH HOH A . 
F 5 HOH 18 919 18 HOH HOH A . 
F 5 HOH 19 920 19 HOH HOH A . 
F 5 HOH 20 921 20 HOH HOH A . 
F 5 HOH 21 922 21 HOH HOH A . 
F 5 HOH 22 923 22 HOH HOH A . 
F 5 HOH 23 924 23 HOH HOH A . 
F 5 HOH 24 925 24 HOH HOH A . 
F 5 HOH 25 926 25 HOH HOH A . 
F 5 HOH 26 927 26 HOH HOH A . 
F 5 HOH 27 928 27 HOH HOH A . 
F 5 HOH 28 929 28 HOH HOH A . 
F 5 HOH 29 930 29 HOH HOH A . 
F 5 HOH 30 931 30 HOH HOH A . 
F 5 HOH 31 932 31 HOH HOH A . 
F 5 HOH 32 933 32 HOH HOH A . 
F 5 HOH 33 934 33 HOH HOH A . 
F 5 HOH 34 935 34 HOH HOH A . 
F 5 HOH 35 936 35 HOH HOH A . 
F 5 HOH 36 937 36 HOH HOH A . 
F 5 HOH 37 938 37 HOH HOH A . 
F 5 HOH 38 939 38 HOH HOH A . 
F 5 HOH 39 940 39 HOH HOH A . 
F 5 HOH 40 941 40 HOH HOH A . 
F 5 HOH 41 942 41 HOH HOH A . 
F 5 HOH 42 943 42 HOH HOH A . 
F 5 HOH 43 944 43 HOH HOH A . 
F 5 HOH 44 945 44 HOH HOH A . 
F 5 HOH 45 946 45 HOH HOH A . 
F 5 HOH 46 947 46 HOH HOH A . 
F 5 HOH 47 948 47 HOH HOH A . 
F 5 HOH 48 949 48 HOH HOH A . 
F 5 HOH 49 950 49 HOH HOH A . 
F 5 HOH 50 951 50 HOH HOH A . 
F 5 HOH 51 952 51 HOH HOH A . 
F 5 HOH 52 953 52 HOH HOH A . 
F 5 HOH 53 954 53 HOH HOH A . 
F 5 HOH 54 955 54 HOH HOH A . 
F 5 HOH 55 956 55 HOH HOH A . 
F 5 HOH 56 957 56 HOH HOH A . 
F 5 HOH 57 958 57 HOH HOH A . 
F 5 HOH 58 959 58 HOH HOH A . 
F 5 HOH 59 960 59 HOH HOH A . 
F 5 HOH 60 961 60 HOH HOH A . 
F 5 HOH 61 962 61 HOH HOH A . 
F 5 HOH 62 963 62 HOH HOH A . 
F 5 HOH 63 964 63 HOH HOH A . 
F 5 HOH 64 965 64 HOH HOH A . 
F 5 HOH 65 966 65 HOH HOH A . 
F 5 HOH 66 967 66 HOH HOH A . 
F 5 HOH 67 968 67 HOH HOH A . 
F 5 HOH 68 969 68 HOH HOH A . 
F 5 HOH 69 970 69 HOH HOH A . 
F 5 HOH 70 971 70 HOH HOH A . 
F 5 HOH 71 972 71 HOH HOH A . 
F 5 HOH 72 973 72 HOH HOH A . 
F 5 HOH 73 974 73 HOH HOH A . 
F 5 HOH 74 975 74 HOH HOH A . 
F 5 HOH 75 976 75 HOH HOH A . 
F 5 HOH 76 977 76 HOH HOH A . 
F 5 HOH 77 978 77 HOH HOH A . 
F 5 HOH 78 979 78 HOH HOH A . 
F 5 HOH 79 980 79 HOH HOH A . 
F 5 HOH 80 981 80 HOH HOH A . 
F 5 HOH 81 982 81 HOH HOH A . 
F 5 HOH 82 983 82 HOH HOH A . 
F 5 HOH 83 984 83 HOH HOH A . 
F 5 HOH 84 985 84 HOH HOH A . 
F 5 HOH 85 986 85 HOH HOH A . 
F 5 HOH 86 987 86 HOH HOH A . 
F 5 HOH 87 988 87 HOH HOH A . 
F 5 HOH 88 989 88 HOH HOH A . 
F 5 HOH 89 990 89 HOH HOH A . 
# 
loop_
_software.name 
_software.classification 
_software.version 
_software.citation_id 
_software.pdbx_ordinal 
REFMAC   refinement        5.2.0019 ? 1 
HKL-2000 'data collection' .        ? 2 
HKL-2000 'data reduction'  .        ? 3 
HKL-2000 'data scaling'    .        ? 4 
MOLREP   phasing           .        ? 5 
# 
_cell.entry_id           2E59 
_cell.length_a           52.795 
_cell.length_b           52.795 
_cell.length_c           110.889 
_cell.angle_alpha        90.00 
_cell.angle_beta         90.00 
_cell.angle_gamma        90.00 
_cell.Z_PDB              8 
_cell.pdbx_unique_axis   ? 
_cell.length_a_esd       ? 
_cell.length_b_esd       ? 
_cell.length_c_esd       ? 
_cell.angle_alpha_esd    ? 
_cell.angle_beta_esd     ? 
_cell.angle_gamma_esd    ? 
# 
_symmetry.entry_id                         2E59 
_symmetry.space_group_name_H-M             'P 41 21 2' 
_symmetry.pdbx_full_space_group_name_H-M   ? 
_symmetry.cell_setting                     ? 
_symmetry.Int_Tables_number                92 
_symmetry.space_group_name_Hall            ? 
# 
_exptl.entry_id          2E59 
_exptl.method            'X-RAY DIFFRACTION' 
_exptl.crystals_number   1 
# 
_exptl_crystal.id                    1 
_exptl_crystal.density_meas          ? 
_exptl_crystal.density_Matthews      2.33 
_exptl_crystal.density_percent_sol   47.18 
_exptl_crystal.description           ? 
_exptl_crystal.F_000                 ? 
_exptl_crystal.preparation           ? 
# 
_exptl_crystal_grow.crystal_id      1 
_exptl_crystal_grow.method          'VAPOR DIFFUSION, HANGING DROP' 
_exptl_crystal_grow.temp            277.0 
_exptl_crystal_grow.temp_details    ? 
_exptl_crystal_grow.pH              5.4 
_exptl_crystal_grow.pdbx_details    '15% PEG3350, 40mM Na-citrate, pH 5.4, VAPOR DIFFUSION, HANGING DROP, temperature 277.0K' 
_exptl_crystal_grow.pdbx_pH_range   . 
# 
_diffrn.id                     1 
_diffrn.ambient_temp           100.0 
_diffrn.ambient_temp_details   ? 
_diffrn.crystal_id             1 
# 
_diffrn_detector.diffrn_id              1 
_diffrn_detector.detector               CCD 
_diffrn_detector.type                   'RIGAKU JUPITER 210' 
_diffrn_detector.pdbx_collection_date   2006-10-10 
_diffrn_detector.details                ? 
# 
_diffrn_radiation.diffrn_id                        1 
_diffrn_radiation.wavelength_id                    1 
_diffrn_radiation.pdbx_monochromatic_or_laue_m_l   M 
_diffrn_radiation.monochromator                    ? 
_diffrn_radiation.pdbx_diffrn_protocol             'SINGLE WAVELENGTH' 
_diffrn_radiation.pdbx_scattering_type             x-ray 
# 
_diffrn_radiation_wavelength.id           1 
_diffrn_radiation_wavelength.wavelength   1.0000 
_diffrn_radiation_wavelength.wt           1.0 
# 
_diffrn_source.diffrn_id                   1 
_diffrn_source.source                      SYNCHROTRON 
_diffrn_source.type                        'SPRING-8 BEAMLINE BL38B1' 
_diffrn_source.pdbx_synchrotron_site       SPring-8 
_diffrn_source.pdbx_synchrotron_beamline   BL38B1 
_diffrn_source.pdbx_wavelength             ? 
_diffrn_source.pdbx_wavelength_list        1.0000 
# 
_reflns.entry_id                     2E59 
_reflns.observed_criterion_sigma_F   ? 
_reflns.observed_criterion_sigma_I   ? 
_reflns.d_resolution_high            2.2 
_reflns.d_resolution_low             27.72 
_reflns.number_all                   ? 
_reflns.number_obs                   7629 
_reflns.percent_possible_obs         90.7 
_reflns.pdbx_Rmerge_I_obs            0.1 
_reflns.pdbx_Rsym_value              ? 
_reflns.pdbx_netI_over_sigmaI        9.6 
_reflns.B_iso_Wilson_estimate        25.9 
_reflns.pdbx_redundancy              11.2 
_reflns.R_free_details               ? 
_reflns.limit_h_max                  ? 
_reflns.limit_h_min                  ? 
_reflns.limit_k_max                  ? 
_reflns.limit_k_min                  ? 
_reflns.limit_l_max                  ? 
_reflns.limit_l_min                  ? 
_reflns.observed_criterion_F_max     ? 
_reflns.observed_criterion_F_min     ? 
_reflns.pdbx_chi_squared             ? 
_reflns.pdbx_scaling_rejects         ? 
_reflns.pdbx_ordinal                 1 
_reflns.pdbx_diffrn_id               1 
# 
_refine.entry_id                                 2E59 
_refine.ls_number_reflns_obs                     6291 
_refine.ls_number_reflns_all                     ? 
_refine.pdbx_ls_sigma_I                          ? 
_refine.pdbx_ls_sigma_F                          2.5 
_refine.pdbx_data_cutoff_high_absF               ? 
_refine.pdbx_data_cutoff_low_absF                ? 
_refine.pdbx_data_cutoff_high_rms_absF           ? 
_refine.ls_d_res_low                             27.72 
_refine.ls_d_res_high                            2.21 
_refine.ls_percent_reflns_obs                    78.88 
_refine.ls_R_factor_obs                          0.20842 
_refine.ls_R_factor_all                          ? 
_refine.ls_R_factor_R_work                       0.20583 
_refine.ls_R_factor_R_free                       0.26326 
_refine.ls_R_factor_R_free_error                 ? 
_refine.ls_R_factor_R_free_error_details         ? 
_refine.ls_percent_reflns_R_free                 4.5 
_refine.ls_number_reflns_R_free                  297 
_refine.ls_number_parameters                     ? 
_refine.ls_number_restraints                     ? 
_refine.occupancy_min                            ? 
_refine.occupancy_max                            ? 
_refine.correlation_coeff_Fo_to_Fc               0.941 
_refine.correlation_coeff_Fo_to_Fc_free          0.909 
_refine.B_iso_mean                               37.455 
_refine.aniso_B[1][1]                            1.08 
_refine.aniso_B[2][2]                            1.08 
_refine.aniso_B[3][3]                            -2.16 
_refine.aniso_B[1][2]                            0.00 
_refine.aniso_B[1][3]                            0.00 
_refine.aniso_B[2][3]                            0.00 
_refine.solvent_model_details                    MASK 
_refine.solvent_model_param_ksol                 ? 
_refine.solvent_model_param_bsol                 ? 
_refine.pdbx_solvent_vdw_probe_radii             1.40 
_refine.pdbx_solvent_ion_probe_radii             0.80 
_refine.pdbx_solvent_shrinkage_radii             0.80 
_refine.pdbx_ls_cross_valid_method               THROUGHOUT 
_refine.details                                  'HYDROGENS HAVE BEEN ADDED IN THE RIDING POSITIONS' 
_refine.pdbx_starting_model                      'PDB ENTRY 2E56' 
_refine.pdbx_method_to_determine_struct          'MOLECULAR REPLACEMENT' 
_refine.pdbx_isotropic_thermal_model             ? 
_refine.pdbx_stereochemistry_target_values       'MAXIMUM LIKELIHOOD' 
_refine.pdbx_stereochem_target_val_spec_case     ? 
_refine.pdbx_R_Free_selection_details            RANDOM 
_refine.pdbx_overall_ESU_R                       0.674 
_refine.pdbx_overall_ESU_R_Free                  0.300 
_refine.overall_SU_ML                            ? 
_refine.overall_SU_B                             ? 
_refine.ls_redundancy_reflns_obs                 ? 
_refine.B_iso_min                                ? 
_refine.B_iso_max                                ? 
_refine.overall_SU_R_Cruickshank_DPI             ? 
_refine.overall_SU_R_free                        ? 
_refine.ls_wR_factor_R_free                      ? 
_refine.ls_wR_factor_R_work                      ? 
_refine.overall_FOM_free_R_set                   ? 
_refine.overall_FOM_work_R_set                   ? 
_refine.pdbx_refine_id                           'X-RAY DIFFRACTION' 
_refine.pdbx_overall_phase_error                 ? 
_refine.pdbx_diffrn_id                           1 
_refine.pdbx_TLS_residual_ADP_flag               ? 
_refine.pdbx_overall_SU_R_free_Cruickshank_DPI   ? 
_refine.pdbx_overall_SU_R_Blow_DPI               ? 
_refine.pdbx_overall_SU_R_free_Blow_DPI          ? 
# 
_refine_hist.pdbx_refine_id                   'X-RAY DIFFRACTION' 
_refine_hist.cycle_id                         LAST 
_refine_hist.pdbx_number_atoms_protein        1162 
_refine_hist.pdbx_number_atoms_nucleic_acid   0 
_refine_hist.pdbx_number_atoms_ligand         123 
_refine_hist.number_atoms_solvent             89 
_refine_hist.number_atoms_total               1374 
_refine_hist.d_res_high                       2.21 
_refine_hist.d_res_low                        27.72 
# 
loop_
_refine_ls_restr.type 
_refine_ls_restr.dev_ideal 
_refine_ls_restr.dev_ideal_target 
_refine_ls_restr.weight 
_refine_ls_restr.number 
_refine_ls_restr.pdbx_refine_id 
_refine_ls_restr.pdbx_restraint_function 
r_bond_refined_d         0.011  0.022  ? 1326 'X-RAY DIFFRACTION' ? 
r_angle_refined_deg      1.495  2.059  ? 1782 'X-RAY DIFFRACTION' ? 
r_dihedral_angle_1_deg   6.597  5.000  ? 145  'X-RAY DIFFRACTION' ? 
r_dihedral_angle_2_deg   33.862 24.340 ? 53   'X-RAY DIFFRACTION' ? 
r_dihedral_angle_3_deg   16.278 15.000 ? 220  'X-RAY DIFFRACTION' ? 
r_dihedral_angle_4_deg   8.002  15.000 ? 5    'X-RAY DIFFRACTION' ? 
r_chiral_restr           0.084  0.200  ? 197  'X-RAY DIFFRACTION' ? 
r_gen_planes_refined     0.004  0.020  ? 921  'X-RAY DIFFRACTION' ? 
r_nbd_refined            0.259  0.300  ? 554  'X-RAY DIFFRACTION' ? 
r_nbtor_refined          0.344  0.500  ? 899  'X-RAY DIFFRACTION' ? 
r_xyhbond_nbd_refined    0.233  0.500  ? 134  'X-RAY DIFFRACTION' ? 
r_symmetry_vdw_refined   0.255  0.300  ? 46   'X-RAY DIFFRACTION' ? 
r_symmetry_hbond_refined 0.218  0.500  ? 12   'X-RAY DIFFRACTION' ? 
r_mcbond_it              4.014  2.000  ? 725  'X-RAY DIFFRACTION' ? 
r_mcangle_it             6.072  3.000  ? 1181 'X-RAY DIFFRACTION' ? 
r_scbond_it              4.389  2.000  ? 601  'X-RAY DIFFRACTION' ? 
r_scangle_it             6.181  3.000  ? 601  'X-RAY DIFFRACTION' ? 
# 
_refine_ls_shell.pdbx_total_number_of_bins_used   20 
_refine_ls_shell.d_res_high                       2.213 
_refine_ls_shell.d_res_low                        2.270 
_refine_ls_shell.number_reflns_R_work             184 
_refine_ls_shell.R_factor_R_work                  0.192 
_refine_ls_shell.percent_reflns_obs               31.95 
_refine_ls_shell.R_factor_R_free                  0.299 
_refine_ls_shell.R_factor_R_free_error            ? 
_refine_ls_shell.percent_reflns_R_free            ? 
_refine_ls_shell.number_reflns_R_free             8 
_refine_ls_shell.number_reflns_all                ? 
_refine_ls_shell.R_factor_all                     ? 
_refine_ls_shell.number_reflns_obs                ? 
_refine_ls_shell.redundancy_reflns_obs            ? 
_refine_ls_shell.pdbx_refine_id                   'X-RAY DIFFRACTION' 
# 
_struct.entry_id                  2E59 
_struct.title                     'Crystal structure of human MD-2 in complex with lipid IVa' 
_struct.pdbx_model_details        ? 
_struct.pdbx_CASP_flag            ? 
_struct.pdbx_model_type_details   ? 
# 
_struct_keywords.entry_id        2E59 
_struct_keywords.pdbx_keywords   'LIPID BINDING PROTEIN' 
_struct_keywords.text            'INNATE IMMUNITY, LIPID-BINDING, LIPID BINDING PROTEIN' 
# 
loop_
_struct_asym.id 
_struct_asym.pdbx_blank_PDB_chainid_flag 
_struct_asym.pdbx_modified 
_struct_asym.entity_id 
_struct_asym.details 
A N N 1 ? 
B N N 2 ? 
C N N 2 ? 
D N N 3 ? 
E N N 4 ? 
F N N 5 ? 
# 
_struct_ref.id                         1 
_struct_ref.db_name                    UNP 
_struct_ref.db_code                    LY96_HUMAN 
_struct_ref.pdbx_db_accession          Q9Y6Y9 
_struct_ref.entity_id                  1 
_struct_ref.pdbx_seq_one_letter_code   
;EAQKQYWVCNSSDASISYTYCDKMQYPISINVNPCIELKGSKGLLHIFYIPRRDLKQLYFNLYITVNTMNLPKRKEVICR
GSDDDYSFCRALKGETVNTTISFSFKGIKFSKGKYKCVVEAISGSPEEMLFCLEFVILHQPNSN
;
_struct_ref.pdbx_align_begin           17 
_struct_ref.pdbx_db_isoform            ? 
# 
_struct_ref_seq.align_id                      1 
_struct_ref_seq.ref_id                        1 
_struct_ref_seq.pdbx_PDB_id_code              2E59 
_struct_ref_seq.pdbx_strand_id                A 
_struct_ref_seq.seq_align_beg                 1 
_struct_ref_seq.pdbx_seq_align_beg_ins_code   ? 
_struct_ref_seq.seq_align_end                 144 
_struct_ref_seq.pdbx_seq_align_end_ins_code   ? 
_struct_ref_seq.pdbx_db_accession             Q9Y6Y9 
_struct_ref_seq.db_align_beg                  17 
_struct_ref_seq.pdbx_db_align_beg_ins_code    ? 
_struct_ref_seq.db_align_end                  160 
_struct_ref_seq.pdbx_db_align_end_ins_code    ? 
_struct_ref_seq.pdbx_auth_seq_align_beg       17 
_struct_ref_seq.pdbx_auth_seq_align_end       160 
# 
_pdbx_struct_assembly.id                   1 
_pdbx_struct_assembly.details              author_defined_assembly 
_pdbx_struct_assembly.method_details       ? 
_pdbx_struct_assembly.oligomeric_details   monomeric 
_pdbx_struct_assembly.oligomeric_count     1 
# 
_pdbx_struct_assembly_gen.assembly_id       1 
_pdbx_struct_assembly_gen.oper_expression   1 
_pdbx_struct_assembly_gen.asym_id_list      A,B,C,D,E,F 
# 
_pdbx_struct_oper_list.id                   1 
_pdbx_struct_oper_list.type                 'identity operation' 
_pdbx_struct_oper_list.name                 1_555 
_pdbx_struct_oper_list.symmetry_operation   x,y,z 
_pdbx_struct_oper_list.matrix[1][1]         1.0000000000 
_pdbx_struct_oper_list.matrix[1][2]         0.0000000000 
_pdbx_struct_oper_list.matrix[1][3]         0.0000000000 
_pdbx_struct_oper_list.vector[1]            0.0000000000 
_pdbx_struct_oper_list.matrix[2][1]         0.0000000000 
_pdbx_struct_oper_list.matrix[2][2]         1.0000000000 
_pdbx_struct_oper_list.matrix[2][3]         0.0000000000 
_pdbx_struct_oper_list.vector[2]            0.0000000000 
_pdbx_struct_oper_list.matrix[3][1]         0.0000000000 
_pdbx_struct_oper_list.matrix[3][2]         0.0000000000 
_pdbx_struct_oper_list.matrix[3][3]         1.0000000000 
_pdbx_struct_oper_list.vector[3]            0.0000000000 
# 
_struct_biol.id        1 
_struct_biol.details   ? 
# 
_struct_conf.conf_type_id            HELX_P 
_struct_conf.id                      HELX_P1 
_struct_conf.pdbx_PDB_helix_id       1 
_struct_conf.beg_label_comp_id       TYR 
_struct_conf.beg_label_asym_id       A 
_struct_conf.beg_label_seq_id        86 
_struct_conf.pdbx_beg_PDB_ins_code   ? 
_struct_conf.end_label_comp_id       ALA 
_struct_conf.end_label_asym_id       A 
_struct_conf.end_label_seq_id        91 
_struct_conf.pdbx_end_PDB_ins_code   ? 
_struct_conf.beg_auth_comp_id        TYR 
_struct_conf.beg_auth_asym_id        A 
_struct_conf.beg_auth_seq_id         102 
_struct_conf.end_auth_comp_id        ALA 
_struct_conf.end_auth_asym_id        A 
_struct_conf.end_auth_seq_id         107 
_struct_conf.pdbx_PDB_helix_class    5 
_struct_conf.details                 ? 
_struct_conf.pdbx_PDB_helix_length   6 
# 
_struct_conf_type.id          HELX_P 
_struct_conf_type.criteria    ? 
_struct_conf_type.reference   ? 
# 
loop_
_struct_conn.id 
_struct_conn.conn_type_id 
_struct_conn.pdbx_leaving_atom_flag 
_struct_conn.pdbx_PDB_id 
_struct_conn.ptnr1_label_asym_id 
_struct_conn.ptnr1_label_comp_id 
_struct_conn.ptnr1_label_seq_id 
_struct_conn.ptnr1_label_atom_id 
_struct_conn.pdbx_ptnr1_label_alt_id 
_struct_conn.pdbx_ptnr1_PDB_ins_code 
_struct_conn.pdbx_ptnr1_standard_comp_id 
_struct_conn.ptnr1_symmetry 
_struct_conn.ptnr2_label_asym_id 
_struct_conn.ptnr2_label_comp_id 
_struct_conn.ptnr2_label_seq_id 
_struct_conn.ptnr2_label_atom_id 
_struct_conn.pdbx_ptnr2_label_alt_id 
_struct_conn.pdbx_ptnr2_PDB_ins_code 
_struct_conn.ptnr1_auth_asym_id 
_struct_conn.ptnr1_auth_comp_id 
_struct_conn.ptnr1_auth_seq_id 
_struct_conn.ptnr2_auth_asym_id 
_struct_conn.ptnr2_auth_comp_id 
_struct_conn.ptnr2_auth_seq_id 
_struct_conn.ptnr2_symmetry 
_struct_conn.pdbx_ptnr3_label_atom_id 
_struct_conn.pdbx_ptnr3_label_seq_id 
_struct_conn.pdbx_ptnr3_label_comp_id 
_struct_conn.pdbx_ptnr3_label_asym_id 
_struct_conn.pdbx_ptnr3_label_alt_id 
_struct_conn.pdbx_ptnr3_PDB_ins_code 
_struct_conn.details 
_struct_conn.pdbx_dist_value 
_struct_conn.pdbx_value_order 
_struct_conn.pdbx_role 
disulf1 disulf ?   ? A CYS 9  SG  ? ? ? 1_555 A CYS 35  SG ? ? A CYS 25  A CYS 51  1_555 ? ? ? ? ? ? ? 2.017 ? ?               
disulf2 disulf ?   ? A CYS 21 SG  ? ? ? 1_555 A CYS 132 SG ? ? A CYS 37  A CYS 148 1_555 ? ? ? ? ? ? ? 2.043 ? ?               
disulf3 disulf ?   ? A CYS 79 SG  ? ? ? 1_555 A CYS 89  SG ? ? A CYS 95  A CYS 105 1_555 ? ? ? ? ? ? ? 2.044 ? ?               
covale1 covale one ? A ASN 10 ND2 ? ? ? 1_555 B NAG .   C1 ? ? A ASN 26  A NAG 801 1_555 ? ? ? ? ? ? ? 1.451 ? N-Glycosylation 
covale2 covale one ? A ASN 98 ND2 ? ? ? 1_555 C NAG .   C1 ? ? A ASN 114 A NAG 901 1_555 ? ? ? ? ? ? ? 1.433 ? N-Glycosylation 
covale3 covale one ? D LP5 .  O6  ? ? ? 1_555 E LP4 .   C1 ? ? A LP5 501 A LP4 601 1_555 ? ? ? ? ? ? ? 1.331 ? ?               
# 
loop_
_struct_conn_type.id 
_struct_conn_type.criteria 
_struct_conn_type.reference 
disulf ? ? 
covale ? ? 
# 
loop_
_pdbx_modification_feature.ordinal 
_pdbx_modification_feature.label_comp_id 
_pdbx_modification_feature.label_asym_id 
_pdbx_modification_feature.label_seq_id 
_pdbx_modification_feature.label_alt_id 
_pdbx_modification_feature.modified_residue_label_comp_id 
_pdbx_modification_feature.modified_residue_label_asym_id 
_pdbx_modification_feature.modified_residue_label_seq_id 
_pdbx_modification_feature.modified_residue_label_alt_id 
_pdbx_modification_feature.auth_comp_id 
_pdbx_modification_feature.auth_asym_id 
_pdbx_modification_feature.auth_seq_id 
_pdbx_modification_feature.PDB_ins_code 
_pdbx_modification_feature.symmetry 
_pdbx_modification_feature.modified_residue_auth_comp_id 
_pdbx_modification_feature.modified_residue_auth_asym_id 
_pdbx_modification_feature.modified_residue_auth_seq_id 
_pdbx_modification_feature.modified_residue_PDB_ins_code 
_pdbx_modification_feature.modified_residue_symmetry 
_pdbx_modification_feature.comp_id_linking_atom 
_pdbx_modification_feature.modified_residue_id_linking_atom 
_pdbx_modification_feature.modified_residue_id 
_pdbx_modification_feature.ref_pcm_id 
_pdbx_modification_feature.ref_comp_id 
_pdbx_modification_feature.type 
_pdbx_modification_feature.category 
1 NAG B .  ? ASN A 10  ? NAG A 801 ? 1_555 ASN A 26  ? 1_555 C1 ND2 ASN 1 NAG N-Glycosylation Carbohydrate       
2 NAG C .  ? ASN A 98  ? NAG A 901 ? 1_555 ASN A 114 ? 1_555 C1 ND2 ASN 1 NAG N-Glycosylation Carbohydrate       
3 CYS A 9  ? CYS A 35  ? CYS A 25  ? 1_555 CYS A 51  ? 1_555 SG SG  .   . .   None            'Disulfide bridge' 
4 CYS A 21 ? CYS A 132 ? CYS A 37  ? 1_555 CYS A 148 ? 1_555 SG SG  .   . .   None            'Disulfide bridge' 
5 CYS A 79 ? CYS A 89  ? CYS A 95  ? 1_555 CYS A 105 ? 1_555 SG SG  .   . .   None            'Disulfide bridge' 
# 
loop_
_struct_mon_prot_cis.pdbx_id 
_struct_mon_prot_cis.label_comp_id 
_struct_mon_prot_cis.label_seq_id 
_struct_mon_prot_cis.label_asym_id 
_struct_mon_prot_cis.label_alt_id 
_struct_mon_prot_cis.pdbx_PDB_ins_code 
_struct_mon_prot_cis.auth_comp_id 
_struct_mon_prot_cis.auth_seq_id 
_struct_mon_prot_cis.auth_asym_id 
_struct_mon_prot_cis.pdbx_label_comp_id_2 
_struct_mon_prot_cis.pdbx_label_seq_id_2 
_struct_mon_prot_cis.pdbx_label_asym_id_2 
_struct_mon_prot_cis.pdbx_PDB_ins_code_2 
_struct_mon_prot_cis.pdbx_auth_comp_id_2 
_struct_mon_prot_cis.pdbx_auth_seq_id_2 
_struct_mon_prot_cis.pdbx_auth_asym_id_2 
_struct_mon_prot_cis.pdbx_PDB_model_num 
_struct_mon_prot_cis.pdbx_omega_angle 
1 ASN 33  A . ? ASN 49  A PRO 34  A ? PRO 50  A 1 -9.37 
2 SER 125 A . ? SER 141 A PRO 126 A ? PRO 142 A 1 13.63 
# 
loop_
_struct_sheet.id 
_struct_sheet.type 
_struct_sheet.number_strands 
_struct_sheet.details 
A ? 6 ? 
B ? 6 ? 
C ? 3 ? 
# 
loop_
_struct_sheet_order.sheet_id 
_struct_sheet_order.range_id_1 
_struct_sheet_order.range_id_2 
_struct_sheet_order.offset 
_struct_sheet_order.sense 
A 1 2 ? anti-parallel 
A 2 3 ? anti-parallel 
A 3 4 ? anti-parallel 
A 4 5 ? anti-parallel 
A 5 6 ? anti-parallel 
B 1 2 ? anti-parallel 
B 2 3 ? anti-parallel 
B 3 4 ? anti-parallel 
B 4 5 ? anti-parallel 
B 5 6 ? anti-parallel 
C 1 2 ? anti-parallel 
C 2 3 ? anti-parallel 
# 
loop_
_struct_sheet_range.sheet_id 
_struct_sheet_range.id 
_struct_sheet_range.beg_label_comp_id 
_struct_sheet_range.beg_label_asym_id 
_struct_sheet_range.beg_label_seq_id 
_struct_sheet_range.pdbx_beg_PDB_ins_code 
_struct_sheet_range.end_label_comp_id 
_struct_sheet_range.end_label_asym_id 
_struct_sheet_range.end_label_seq_id 
_struct_sheet_range.pdbx_end_PDB_ins_code 
_struct_sheet_range.beg_auth_comp_id 
_struct_sheet_range.beg_auth_asym_id 
_struct_sheet_range.beg_auth_seq_id 
_struct_sheet_range.end_auth_comp_id 
_struct_sheet_range.end_auth_asym_id 
_struct_sheet_range.end_auth_seq_id 
A 1 TYR A 6   ? ASN A 10  ? TYR A 22  ASN A 26  
A 2 ALA A 14  ? TYR A 20  ? ALA A 30  TYR A 36  
A 3 GLU A 128 ? HIS A 139 ? GLU A 144 HIS A 155 
A 4 LYS A 114 ? SER A 123 ? LYS A 130 SER A 139 
A 5 TYR A 59  ? VAL A 66  ? TYR A 75  VAL A 82  
A 6 MET A 69  ? ASN A 70  ? MET A 85  ASN A 86  
B 1 TYR A 6   ? ASN A 10  ? TYR A 22  ASN A 26  
B 2 ALA A 14  ? TYR A 20  ? ALA A 30  TYR A 36  
B 3 GLU A 128 ? HIS A 139 ? GLU A 144 HIS A 155 
B 4 LYS A 114 ? SER A 123 ? LYS A 130 SER A 139 
B 5 TYR A 59  ? VAL A 66  ? TYR A 75  VAL A 82  
B 6 ARG A 74  ? VAL A 77  ? ARG A 90  VAL A 93  
C 1 ILE A 28  ? ASN A 33  ? ILE A 44  ASN A 49  
C 2 SER A 41  ? TYR A 49  ? SER A 57  TYR A 65  
C 3 VAL A 97  ? PHE A 105 ? VAL A 113 PHE A 121 
# 
loop_
_pdbx_struct_sheet_hbond.sheet_id 
_pdbx_struct_sheet_hbond.range_id_1 
_pdbx_struct_sheet_hbond.range_id_2 
_pdbx_struct_sheet_hbond.range_1_label_atom_id 
_pdbx_struct_sheet_hbond.range_1_label_comp_id 
_pdbx_struct_sheet_hbond.range_1_label_asym_id 
_pdbx_struct_sheet_hbond.range_1_label_seq_id 
_pdbx_struct_sheet_hbond.range_1_PDB_ins_code 
_pdbx_struct_sheet_hbond.range_1_auth_atom_id 
_pdbx_struct_sheet_hbond.range_1_auth_comp_id 
_pdbx_struct_sheet_hbond.range_1_auth_asym_id 
_pdbx_struct_sheet_hbond.range_1_auth_seq_id 
_pdbx_struct_sheet_hbond.range_2_label_atom_id 
_pdbx_struct_sheet_hbond.range_2_label_comp_id 
_pdbx_struct_sheet_hbond.range_2_label_asym_id 
_pdbx_struct_sheet_hbond.range_2_label_seq_id 
_pdbx_struct_sheet_hbond.range_2_PDB_ins_code 
_pdbx_struct_sheet_hbond.range_2_auth_atom_id 
_pdbx_struct_sheet_hbond.range_2_auth_comp_id 
_pdbx_struct_sheet_hbond.range_2_auth_asym_id 
_pdbx_struct_sheet_hbond.range_2_auth_seq_id 
A 1 2 N CYS A 9   ? N CYS A 25  O ILE A 16  ? O ILE A 32  
A 2 3 N SER A 15  ? N SER A 31  O LEU A 138 ? O LEU A 154 
A 3 4 O LEU A 130 ? O LEU A 146 N ALA A 121 ? N ALA A 137 
A 4 5 O ILE A 122 ? O ILE A 138 N TYR A 59  ? N TYR A 75  
A 5 6 N VAL A 66  ? N VAL A 82  O MET A 69  ? O MET A 85  
B 1 2 N CYS A 9   ? N CYS A 25  O ILE A 16  ? O ILE A 32  
B 2 3 N SER A 15  ? N SER A 31  O LEU A 138 ? O LEU A 154 
B 3 4 O LEU A 130 ? O LEU A 146 N ALA A 121 ? N ALA A 137 
B 4 5 O ILE A 122 ? O ILE A 138 N TYR A 59  ? N TYR A 75  
B 5 6 N LEU A 62  ? N LEU A 78  O ARG A 74  ? O ARG A 90  
C 1 2 N ASN A 33  ? N ASN A 49  O LEU A 44  ? O LEU A 60  
C 2 3 N TYR A 49  ? N TYR A 65  O VAL A 97  ? O VAL A 113 
# 
_pdbx_entry_details.entry_id                   2E59 
_pdbx_entry_details.compound_details           ? 
_pdbx_entry_details.source_details             ? 
_pdbx_entry_details.nonpolymer_details         ? 
_pdbx_entry_details.sequence_details           ? 
_pdbx_entry_details.has_ligand_of_interest     ? 
_pdbx_entry_details.has_protein_modification   Y 
# 
_pdbx_validate_close_contact.id               1 
_pdbx_validate_close_contact.PDB_model_num    1 
_pdbx_validate_close_contact.auth_atom_id_1   O6 
_pdbx_validate_close_contact.auth_asym_id_1   A 
_pdbx_validate_close_contact.auth_comp_id_1   LP5 
_pdbx_validate_close_contact.auth_seq_id_1    501 
_pdbx_validate_close_contact.PDB_ins_code_1   ? 
_pdbx_validate_close_contact.label_alt_id_1   ? 
_pdbx_validate_close_contact.auth_atom_id_2   O5 
_pdbx_validate_close_contact.auth_asym_id_2   A 
_pdbx_validate_close_contact.auth_comp_id_2   LP4 
_pdbx_validate_close_contact.auth_seq_id_2    601 
_pdbx_validate_close_contact.PDB_ins_code_2   ? 
_pdbx_validate_close_contact.label_alt_id_2   ? 
_pdbx_validate_close_contact.dist             1.96 
# 
loop_
_pdbx_validate_torsion.id 
_pdbx_validate_torsion.PDB_model_num 
_pdbx_validate_torsion.auth_comp_id 
_pdbx_validate_torsion.auth_asym_id 
_pdbx_validate_torsion.auth_seq_id 
_pdbx_validate_torsion.PDB_ins_code 
_pdbx_validate_torsion.label_alt_id 
_pdbx_validate_torsion.phi 
_pdbx_validate_torsion.psi 
1  1 SER A 27  ? ? -105.44 -164.70 
2  1 ASP A 38  ? ? 43.61   -147.36 
3  1 GLN A 41  ? ? -113.28 -162.33 
4  1 LYS A 55  ? ? -69.42  4.02    
5  1 THR A 84  ? ? 68.59   -13.52  
6  1 LYS A 89  ? ? -46.42  150.89  
7  1 ARG A 96  ? ? -102.32 -128.45 
8  1 SER A 98  ? ? 44.35   -139.10 
9  1 LYS A 109 ? ? -33.38  113.00  
10 1 THR A 112 ? ? -38.55  124.54  
11 1 SER A 141 ? ? -19.14  111.83  
# 
loop_
_pdbx_struct_mod_residue.id 
_pdbx_struct_mod_residue.label_asym_id 
_pdbx_struct_mod_residue.label_comp_id 
_pdbx_struct_mod_residue.label_seq_id 
_pdbx_struct_mod_residue.auth_asym_id 
_pdbx_struct_mod_residue.auth_comp_id 
_pdbx_struct_mod_residue.auth_seq_id 
_pdbx_struct_mod_residue.PDB_ins_code 
_pdbx_struct_mod_residue.parent_comp_id 
_pdbx_struct_mod_residue.details 
1 A ASN 10 A ASN 26  ? ASN 'GLYCOSYLATION SITE' 
2 A ASN 98 A ASN 114 ? ASN 'GLYCOSYLATION SITE' 
# 
loop_
_chem_comp_atom.comp_id 
_chem_comp_atom.atom_id 
_chem_comp_atom.type_symbol 
_chem_comp_atom.pdbx_aromatic_flag 
_chem_comp_atom.pdbx_stereo_config 
_chem_comp_atom.pdbx_ordinal 
ALA N    N N N 1   
ALA CA   C N S 2   
ALA C    C N N 3   
ALA O    O N N 4   
ALA CB   C N N 5   
ALA OXT  O N N 6   
ALA H    H N N 7   
ALA H2   H N N 8   
ALA HA   H N N 9   
ALA HB1  H N N 10  
ALA HB2  H N N 11  
ALA HB3  H N N 12  
ALA HXT  H N N 13  
ARG N    N N N 14  
ARG CA   C N S 15  
ARG C    C N N 16  
ARG O    O N N 17  
ARG CB   C N N 18  
ARG CG   C N N 19  
ARG CD   C N N 20  
ARG NE   N N N 21  
ARG CZ   C N N 22  
ARG NH1  N N N 23  
ARG NH2  N N N 24  
ARG OXT  O N N 25  
ARG H    H N N 26  
ARG H2   H N N 27  
ARG HA   H N N 28  
ARG HB2  H N N 29  
ARG HB3  H N N 30  
ARG HG2  H N N 31  
ARG HG3  H N N 32  
ARG HD2  H N N 33  
ARG HD3  H N N 34  
ARG HE   H N N 35  
ARG HH11 H N N 36  
ARG HH12 H N N 37  
ARG HH21 H N N 38  
ARG HH22 H N N 39  
ARG HXT  H N N 40  
ASN N    N N N 41  
ASN CA   C N S 42  
ASN C    C N N 43  
ASN O    O N N 44  
ASN CB   C N N 45  
ASN CG   C N N 46  
ASN OD1  O N N 47  
ASN ND2  N N N 48  
ASN OXT  O N N 49  
ASN H    H N N 50  
ASN H2   H N N 51  
ASN HA   H N N 52  
ASN HB2  H N N 53  
ASN HB3  H N N 54  
ASN HD21 H N N 55  
ASN HD22 H N N 56  
ASN HXT  H N N 57  
ASP N    N N N 58  
ASP CA   C N S 59  
ASP C    C N N 60  
ASP O    O N N 61  
ASP CB   C N N 62  
ASP CG   C N N 63  
ASP OD1  O N N 64  
ASP OD2  O N N 65  
ASP OXT  O N N 66  
ASP H    H N N 67  
ASP H2   H N N 68  
ASP HA   H N N 69  
ASP HB2  H N N 70  
ASP HB3  H N N 71  
ASP HD2  H N N 72  
ASP HXT  H N N 73  
CYS N    N N N 74  
CYS CA   C N R 75  
CYS C    C N N 76  
CYS O    O N N 77  
CYS CB   C N N 78  
CYS SG   S N N 79  
CYS OXT  O N N 80  
CYS H    H N N 81  
CYS H2   H N N 82  
CYS HA   H N N 83  
CYS HB2  H N N 84  
CYS HB3  H N N 85  
CYS HG   H N N 86  
CYS HXT  H N N 87  
GLN N    N N N 88  
GLN CA   C N S 89  
GLN C    C N N 90  
GLN O    O N N 91  
GLN CB   C N N 92  
GLN CG   C N N 93  
GLN CD   C N N 94  
GLN OE1  O N N 95  
GLN NE2  N N N 96  
GLN OXT  O N N 97  
GLN H    H N N 98  
GLN H2   H N N 99  
GLN HA   H N N 100 
GLN HB2  H N N 101 
GLN HB3  H N N 102 
GLN HG2  H N N 103 
GLN HG3  H N N 104 
GLN HE21 H N N 105 
GLN HE22 H N N 106 
GLN HXT  H N N 107 
GLU N    N N N 108 
GLU CA   C N S 109 
GLU C    C N N 110 
GLU O    O N N 111 
GLU CB   C N N 112 
GLU CG   C N N 113 
GLU CD   C N N 114 
GLU OE1  O N N 115 
GLU OE2  O N N 116 
GLU OXT  O N N 117 
GLU H    H N N 118 
GLU H2   H N N 119 
GLU HA   H N N 120 
GLU HB2  H N N 121 
GLU HB3  H N N 122 
GLU HG2  H N N 123 
GLU HG3  H N N 124 
GLU HE2  H N N 125 
GLU HXT  H N N 126 
GLY N    N N N 127 
GLY CA   C N N 128 
GLY C    C N N 129 
GLY O    O N N 130 
GLY OXT  O N N 131 
GLY H    H N N 132 
GLY H2   H N N 133 
GLY HA2  H N N 134 
GLY HA3  H N N 135 
GLY HXT  H N N 136 
HIS N    N N N 137 
HIS CA   C N S 138 
HIS C    C N N 139 
HIS O    O N N 140 
HIS CB   C N N 141 
HIS CG   C Y N 142 
HIS ND1  N Y N 143 
HIS CD2  C Y N 144 
HIS CE1  C Y N 145 
HIS NE2  N Y N 146 
HIS OXT  O N N 147 
HIS H    H N N 148 
HIS H2   H N N 149 
HIS HA   H N N 150 
HIS HB2  H N N 151 
HIS HB3  H N N 152 
HIS HD1  H N N 153 
HIS HD2  H N N 154 
HIS HE1  H N N 155 
HIS HE2  H N N 156 
HIS HXT  H N N 157 
HOH O    O N N 158 
HOH H1   H N N 159 
HOH H2   H N N 160 
ILE N    N N N 161 
ILE CA   C N S 162 
ILE C    C N N 163 
ILE O    O N N 164 
ILE CB   C N S 165 
ILE CG1  C N N 166 
ILE CG2  C N N 167 
ILE CD1  C N N 168 
ILE OXT  O N N 169 
ILE H    H N N 170 
ILE H2   H N N 171 
ILE HA   H N N 172 
ILE HB   H N N 173 
ILE HG12 H N N 174 
ILE HG13 H N N 175 
ILE HG21 H N N 176 
ILE HG22 H N N 177 
ILE HG23 H N N 178 
ILE HD11 H N N 179 
ILE HD12 H N N 180 
ILE HD13 H N N 181 
ILE HXT  H N N 182 
LEU N    N N N 183 
LEU CA   C N S 184 
LEU C    C N N 185 
LEU O    O N N 186 
LEU CB   C N N 187 
LEU CG   C N N 188 
LEU CD1  C N N 189 
LEU CD2  C N N 190 
LEU OXT  O N N 191 
LEU H    H N N 192 
LEU H2   H N N 193 
LEU HA   H N N 194 
LEU HB2  H N N 195 
LEU HB3  H N N 196 
LEU HG   H N N 197 
LEU HD11 H N N 198 
LEU HD12 H N N 199 
LEU HD13 H N N 200 
LEU HD21 H N N 201 
LEU HD22 H N N 202 
LEU HD23 H N N 203 
LEU HXT  H N N 204 
LP4 C1   C N R 205 
LP4 O1   O N N 206 
LP4 C2   C N R 207 
LP4 N2   N N N 208 
LP4 C3   C N R 209 
LP4 O3   O N N 210 
LP4 C4   C N S 211 
LP4 O4   O N N 212 
LP4 C5   C N R 213 
LP4 O5   O N N 214 
LP4 C6   C N N 215 
LP4 O6   O N N 216 
LP4 C7   C N N 217 
LP4 O7   O N N 218 
LP4 C8   C N N 219 
LP4 C16  C N R 220 
LP4 C17  C N N 221 
LP4 C18  C N N 222 
LP4 C19  C N N 223 
LP4 C20  C N N 224 
LP4 C21  C N N 225 
LP4 C22  C N N 226 
LP4 C23  C N N 227 
LP4 C24  C N N 228 
LP4 C25  C N N 229 
LP4 C26  C N N 230 
LP4 C27  C N N 231 
LP4 C28  C N N 232 
LP4 C29  C N N 233 
LP4 C30  C N R 234 
LP4 C31  C N N 235 
LP4 C32  C N N 236 
LP4 C33  C N N 237 
LP4 C34  C N N 238 
LP4 C35  C N N 239 
LP4 C36  C N N 240 
LP4 C37  C N N 241 
LP4 C38  C N N 242 
LP4 C39  C N N 243 
LP4 C40  C N N 244 
LP4 C41  C N N 245 
LP4 O42  O N N 246 
LP4 O43  O N N 247 
LP4 O44  O N N 248 
LP4 P45  P N N 249 
LP4 O46  O N N 250 
LP4 O47  O N N 251 
LP4 O48  O N N 252 
LP4 H1   H N N 253 
LP4 HO1  H N N 254 
LP4 H2   H N N 255 
LP4 HN2  H N N 256 
LP4 H3   H N N 257 
LP4 H4   H N N 258 
LP4 H5   H N N 259 
LP4 H6   H N N 260 
LP4 H6A  H N N 261 
LP4 HO6  H N N 262 
LP4 H8   H N N 263 
LP4 H8A  H N N 264 
LP4 H16  H N N 265 
LP4 H17  H N N 266 
LP4 H17A H N N 267 
LP4 H18  H N N 268 
LP4 H18A H N N 269 
LP4 H19  H N N 270 
LP4 H19A H N N 271 
LP4 H20  H N N 272 
LP4 H20A H N N 273 
LP4 H21  H N N 274 
LP4 H21A H N N 275 
LP4 H22  H N N 276 
LP4 H22A H N N 277 
LP4 H23  H N N 278 
LP4 H23A H N N 279 
LP4 H24  H N N 280 
LP4 H24A H N N 281 
LP4 H25  H N N 282 
LP4 H25A H N N 283 
LP4 H26  H N N 284 
LP4 H26A H N N 285 
LP4 H27  H N N 286 
LP4 H27A H N N 287 
LP4 H27B H N N 288 
LP4 H29  H N N 289 
LP4 H29A H N N 290 
LP4 H30  H N N 291 
LP4 H31  H N N 292 
LP4 H31A H N N 293 
LP4 H32  H N N 294 
LP4 H32A H N N 295 
LP4 H33  H N N 296 
LP4 H33A H N N 297 
LP4 H34  H N N 298 
LP4 H34A H N N 299 
LP4 H35  H N N 300 
LP4 H35A H N N 301 
LP4 H36  H N N 302 
LP4 H36A H N N 303 
LP4 H37  H N N 304 
LP4 H37A H N N 305 
LP4 H38  H N N 306 
LP4 H38A H N N 307 
LP4 H39  H N N 308 
LP4 H39A H N N 309 
LP4 H40  H N N 310 
LP4 H40A H N N 311 
LP4 H41  H N N 312 
LP4 H41A H N N 313 
LP4 H41B H N N 314 
LP4 HO43 H N N 315 
LP4 HO44 H N N 316 
LP4 HO46 H N N 317 
LP4 HO47 H N N 318 
LP5 O48  O N N 319 
LP5 P45  P N N 320 
LP5 O46  O N N 321 
LP5 O47  O N N 322 
LP5 O1   O N N 323 
LP5 C1   C N R 324 
LP5 C2   C N R 325 
LP5 N2   N N N 326 
LP5 C7   C N N 327 
LP5 C8   C N N 328 
LP5 C16  C N R 329 
LP5 O44  O N N 330 
LP5 C17  C N N 331 
LP5 C18  C N N 332 
LP5 C19  C N N 333 
LP5 C20  C N N 334 
LP5 C21  C N N 335 
LP5 C22  C N N 336 
LP5 C23  C N N 337 
LP5 C24  C N N 338 
LP5 C25  C N N 339 
LP5 C26  C N N 340 
LP5 C27  C N N 341 
LP5 O7   O N N 342 
LP5 C3   C N R 343 
LP5 C4   C N R 344 
LP5 C5   C N R 345 
LP5 O5   O N N 346 
LP5 C6   C N N 347 
LP5 O6   O N N 348 
LP5 O4   O N N 349 
LP5 O3   O N N 350 
LP5 C28  C N N 351 
LP5 O42  O N N 352 
LP5 C29  C N N 353 
LP5 C30  C N R 354 
LP5 O43  O N N 355 
LP5 C31  C N N 356 
LP5 C32  C N N 357 
LP5 C33  C N N 358 
LP5 C34  C N N 359 
LP5 C35  C N N 360 
LP5 C36  C N N 361 
LP5 C37  C N N 362 
LP5 C38  C N N 363 
LP5 C39  C N N 364 
LP5 C40  C N N 365 
LP5 C41  C N N 366 
LP5 HO48 H N N 367 
LP5 HO46 H N N 368 
LP5 H1   H N N 369 
LP5 H2   H N N 370 
LP5 HN2  H N N 371 
LP5 H81  H N N 372 
LP5 H82  H N N 373 
LP5 H16  H N N 374 
LP5 HO44 H N N 375 
LP5 H171 H N N 376 
LP5 H172 H N N 377 
LP5 H181 H N N 378 
LP5 H182 H N N 379 
LP5 H191 H N N 380 
LP5 H192 H N N 381 
LP5 H201 H N N 382 
LP5 H202 H N N 383 
LP5 H211 H N N 384 
LP5 H212 H N N 385 
LP5 H221 H N N 386 
LP5 H222 H N N 387 
LP5 H231 H N N 388 
LP5 H232 H N N 389 
LP5 H241 H N N 390 
LP5 H242 H N N 391 
LP5 H251 H N N 392 
LP5 H252 H N N 393 
LP5 H261 H N N 394 
LP5 H262 H N N 395 
LP5 H271 H N N 396 
LP5 H272 H N N 397 
LP5 H273 H N N 398 
LP5 H3   H N N 399 
LP5 H4   H N N 400 
LP5 H5   H N N 401 
LP5 H61  H N N 402 
LP5 H62  H N N 403 
LP5 HO6  H N N 404 
LP5 HO4  H N N 405 
LP5 H291 H N N 406 
LP5 H292 H N N 407 
LP5 H30  H N N 408 
LP5 HO43 H N N 409 
LP5 H311 H N N 410 
LP5 H312 H N N 411 
LP5 H321 H N N 412 
LP5 H322 H N N 413 
LP5 H331 H N N 414 
LP5 H332 H N N 415 
LP5 H341 H N N 416 
LP5 H342 H N N 417 
LP5 H351 H N N 418 
LP5 H352 H N N 419 
LP5 H361 H N N 420 
LP5 H362 H N N 421 
LP5 H371 H N N 422 
LP5 H372 H N N 423 
LP5 H381 H N N 424 
LP5 H382 H N N 425 
LP5 H391 H N N 426 
LP5 H392 H N N 427 
LP5 H401 H N N 428 
LP5 H402 H N N 429 
LP5 H411 H N N 430 
LP5 H412 H N N 431 
LP5 H413 H N N 432 
LYS N    N N N 433 
LYS CA   C N S 434 
LYS C    C N N 435 
LYS O    O N N 436 
LYS CB   C N N 437 
LYS CG   C N N 438 
LYS CD   C N N 439 
LYS CE   C N N 440 
LYS NZ   N N N 441 
LYS OXT  O N N 442 
LYS H    H N N 443 
LYS H2   H N N 444 
LYS HA   H N N 445 
LYS HB2  H N N 446 
LYS HB3  H N N 447 
LYS HG2  H N N 448 
LYS HG3  H N N 449 
LYS HD2  H N N 450 
LYS HD3  H N N 451 
LYS HE2  H N N 452 
LYS HE3  H N N 453 
LYS HZ1  H N N 454 
LYS HZ2  H N N 455 
LYS HZ3  H N N 456 
LYS HXT  H N N 457 
MET N    N N N 458 
MET CA   C N S 459 
MET C    C N N 460 
MET O    O N N 461 
MET CB   C N N 462 
MET CG   C N N 463 
MET SD   S N N 464 
MET CE   C N N 465 
MET OXT  O N N 466 
MET H    H N N 467 
MET H2   H N N 468 
MET HA   H N N 469 
MET HB2  H N N 470 
MET HB3  H N N 471 
MET HG2  H N N 472 
MET HG3  H N N 473 
MET HE1  H N N 474 
MET HE2  H N N 475 
MET HE3  H N N 476 
MET HXT  H N N 477 
NAG C1   C N R 478 
NAG C2   C N R 479 
NAG C3   C N R 480 
NAG C4   C N S 481 
NAG C5   C N R 482 
NAG C6   C N N 483 
NAG C7   C N N 484 
NAG C8   C N N 485 
NAG N2   N N N 486 
NAG O1   O N N 487 
NAG O3   O N N 488 
NAG O4   O N N 489 
NAG O5   O N N 490 
NAG O6   O N N 491 
NAG O7   O N N 492 
NAG H1   H N N 493 
NAG H2   H N N 494 
NAG H3   H N N 495 
NAG H4   H N N 496 
NAG H5   H N N 497 
NAG H61  H N N 498 
NAG H62  H N N 499 
NAG H81  H N N 500 
NAG H82  H N N 501 
NAG H83  H N N 502 
NAG HN2  H N N 503 
NAG HO1  H N N 504 
NAG HO3  H N N 505 
NAG HO4  H N N 506 
NAG HO6  H N N 507 
PHE N    N N N 508 
PHE CA   C N S 509 
PHE C    C N N 510 
PHE O    O N N 511 
PHE CB   C N N 512 
PHE CG   C Y N 513 
PHE CD1  C Y N 514 
PHE CD2  C Y N 515 
PHE CE1  C Y N 516 
PHE CE2  C Y N 517 
PHE CZ   C Y N 518 
PHE OXT  O N N 519 
PHE H    H N N 520 
PHE H2   H N N 521 
PHE HA   H N N 522 
PHE HB2  H N N 523 
PHE HB3  H N N 524 
PHE HD1  H N N 525 
PHE HD2  H N N 526 
PHE HE1  H N N 527 
PHE HE2  H N N 528 
PHE HZ   H N N 529 
PHE HXT  H N N 530 
PRO N    N N N 531 
PRO CA   C N S 532 
PRO C    C N N 533 
PRO O    O N N 534 
PRO CB   C N N 535 
PRO CG   C N N 536 
PRO CD   C N N 537 
PRO OXT  O N N 538 
PRO H    H N N 539 
PRO HA   H N N 540 
PRO HB2  H N N 541 
PRO HB3  H N N 542 
PRO HG2  H N N 543 
PRO HG3  H N N 544 
PRO HD2  H N N 545 
PRO HD3  H N N 546 
PRO HXT  H N N 547 
SER N    N N N 548 
SER CA   C N S 549 
SER C    C N N 550 
SER O    O N N 551 
SER CB   C N N 552 
SER OG   O N N 553 
SER OXT  O N N 554 
SER H    H N N 555 
SER H2   H N N 556 
SER HA   H N N 557 
SER HB2  H N N 558 
SER HB3  H N N 559 
SER HG   H N N 560 
SER HXT  H N N 561 
THR N    N N N 562 
THR CA   C N S 563 
THR C    C N N 564 
THR O    O N N 565 
THR CB   C N R 566 
THR OG1  O N N 567 
THR CG2  C N N 568 
THR OXT  O N N 569 
THR H    H N N 570 
THR H2   H N N 571 
THR HA   H N N 572 
THR HB   H N N 573 
THR HG1  H N N 574 
THR HG21 H N N 575 
THR HG22 H N N 576 
THR HG23 H N N 577 
THR HXT  H N N 578 
TRP N    N N N 579 
TRP CA   C N S 580 
TRP C    C N N 581 
TRP O    O N N 582 
TRP CB   C N N 583 
TRP CG   C Y N 584 
TRP CD1  C Y N 585 
TRP CD2  C Y N 586 
TRP NE1  N Y N 587 
TRP CE2  C Y N 588 
TRP CE3  C Y N 589 
TRP CZ2  C Y N 590 
TRP CZ3  C Y N 591 
TRP CH2  C Y N 592 
TRP OXT  O N N 593 
TRP H    H N N 594 
TRP H2   H N N 595 
TRP HA   H N N 596 
TRP HB2  H N N 597 
TRP HB3  H N N 598 
TRP HD1  H N N 599 
TRP HE1  H N N 600 
TRP HE3  H N N 601 
TRP HZ2  H N N 602 
TRP HZ3  H N N 603 
TRP HH2  H N N 604 
TRP HXT  H N N 605 
TYR N    N N N 606 
TYR CA   C N S 607 
TYR C    C N N 608 
TYR O    O N N 609 
TYR CB   C N N 610 
TYR CG   C Y N 611 
TYR CD1  C Y N 612 
TYR CD2  C Y N 613 
TYR CE1  C Y N 614 
TYR CE2  C Y N 615 
TYR CZ   C Y N 616 
TYR OH   O N N 617 
TYR OXT  O N N 618 
TYR H    H N N 619 
TYR H2   H N N 620 
TYR HA   H N N 621 
TYR HB2  H N N 622 
TYR HB3  H N N 623 
TYR HD1  H N N 624 
TYR HD2  H N N 625 
TYR HE1  H N N 626 
TYR HE2  H N N 627 
TYR HH   H N N 628 
TYR HXT  H N N 629 
VAL N    N N N 630 
VAL CA   C N S 631 
VAL C    C N N 632 
VAL O    O N N 633 
VAL CB   C N N 634 
VAL CG1  C N N 635 
VAL CG2  C N N 636 
VAL OXT  O N N 637 
VAL H    H N N 638 
VAL H2   H N N 639 
VAL HA   H N N 640 
VAL HB   H N N 641 
VAL HG11 H N N 642 
VAL HG12 H N N 643 
VAL HG13 H N N 644 
VAL HG21 H N N 645 
VAL HG22 H N N 646 
VAL HG23 H N N 647 
VAL HXT  H N N 648 
# 
loop_
_chem_comp_bond.comp_id 
_chem_comp_bond.atom_id_1 
_chem_comp_bond.atom_id_2 
_chem_comp_bond.value_order 
_chem_comp_bond.pdbx_aromatic_flag 
_chem_comp_bond.pdbx_stereo_config 
_chem_comp_bond.pdbx_ordinal 
ALA N   CA   sing N N 1   
ALA N   H    sing N N 2   
ALA N   H2   sing N N 3   
ALA CA  C    sing N N 4   
ALA CA  CB   sing N N 5   
ALA CA  HA   sing N N 6   
ALA C   O    doub N N 7   
ALA C   OXT  sing N N 8   
ALA CB  HB1  sing N N 9   
ALA CB  HB2  sing N N 10  
ALA CB  HB3  sing N N 11  
ALA OXT HXT  sing N N 12  
ARG N   CA   sing N N 13  
ARG N   H    sing N N 14  
ARG N   H2   sing N N 15  
ARG CA  C    sing N N 16  
ARG CA  CB   sing N N 17  
ARG CA  HA   sing N N 18  
ARG C   O    doub N N 19  
ARG C   OXT  sing N N 20  
ARG CB  CG   sing N N 21  
ARG CB  HB2  sing N N 22  
ARG CB  HB3  sing N N 23  
ARG CG  CD   sing N N 24  
ARG CG  HG2  sing N N 25  
ARG CG  HG3  sing N N 26  
ARG CD  NE   sing N N 27  
ARG CD  HD2  sing N N 28  
ARG CD  HD3  sing N N 29  
ARG NE  CZ   sing N N 30  
ARG NE  HE   sing N N 31  
ARG CZ  NH1  sing N N 32  
ARG CZ  NH2  doub N N 33  
ARG NH1 HH11 sing N N 34  
ARG NH1 HH12 sing N N 35  
ARG NH2 HH21 sing N N 36  
ARG NH2 HH22 sing N N 37  
ARG OXT HXT  sing N N 38  
ASN N   CA   sing N N 39  
ASN N   H    sing N N 40  
ASN N   H2   sing N N 41  
ASN CA  C    sing N N 42  
ASN CA  CB   sing N N 43  
ASN CA  HA   sing N N 44  
ASN C   O    doub N N 45  
ASN C   OXT  sing N N 46  
ASN CB  CG   sing N N 47  
ASN CB  HB2  sing N N 48  
ASN CB  HB3  sing N N 49  
ASN CG  OD1  doub N N 50  
ASN CG  ND2  sing N N 51  
ASN ND2 HD21 sing N N 52  
ASN ND2 HD22 sing N N 53  
ASN OXT HXT  sing N N 54  
ASP N   CA   sing N N 55  
ASP N   H    sing N N 56  
ASP N   H2   sing N N 57  
ASP CA  C    sing N N 58  
ASP CA  CB   sing N N 59  
ASP CA  HA   sing N N 60  
ASP C   O    doub N N 61  
ASP C   OXT  sing N N 62  
ASP CB  CG   sing N N 63  
ASP CB  HB2  sing N N 64  
ASP CB  HB3  sing N N 65  
ASP CG  OD1  doub N N 66  
ASP CG  OD2  sing N N 67  
ASP OD2 HD2  sing N N 68  
ASP OXT HXT  sing N N 69  
CYS N   CA   sing N N 70  
CYS N   H    sing N N 71  
CYS N   H2   sing N N 72  
CYS CA  C    sing N N 73  
CYS CA  CB   sing N N 74  
CYS CA  HA   sing N N 75  
CYS C   O    doub N N 76  
CYS C   OXT  sing N N 77  
CYS CB  SG   sing N N 78  
CYS CB  HB2  sing N N 79  
CYS CB  HB3  sing N N 80  
CYS SG  HG   sing N N 81  
CYS OXT HXT  sing N N 82  
GLN N   CA   sing N N 83  
GLN N   H    sing N N 84  
GLN N   H2   sing N N 85  
GLN CA  C    sing N N 86  
GLN CA  CB   sing N N 87  
GLN CA  HA   sing N N 88  
GLN C   O    doub N N 89  
GLN C   OXT  sing N N 90  
GLN CB  CG   sing N N 91  
GLN CB  HB2  sing N N 92  
GLN CB  HB3  sing N N 93  
GLN CG  CD   sing N N 94  
GLN CG  HG2  sing N N 95  
GLN CG  HG3  sing N N 96  
GLN CD  OE1  doub N N 97  
GLN CD  NE2  sing N N 98  
GLN NE2 HE21 sing N N 99  
GLN NE2 HE22 sing N N 100 
GLN OXT HXT  sing N N 101 
GLU N   CA   sing N N 102 
GLU N   H    sing N N 103 
GLU N   H2   sing N N 104 
GLU CA  C    sing N N 105 
GLU CA  CB   sing N N 106 
GLU CA  HA   sing N N 107 
GLU C   O    doub N N 108 
GLU C   OXT  sing N N 109 
GLU CB  CG   sing N N 110 
GLU CB  HB2  sing N N 111 
GLU CB  HB3  sing N N 112 
GLU CG  CD   sing N N 113 
GLU CG  HG2  sing N N 114 
GLU CG  HG3  sing N N 115 
GLU CD  OE1  doub N N 116 
GLU CD  OE2  sing N N 117 
GLU OE2 HE2  sing N N 118 
GLU OXT HXT  sing N N 119 
GLY N   CA   sing N N 120 
GLY N   H    sing N N 121 
GLY N   H2   sing N N 122 
GLY CA  C    sing N N 123 
GLY CA  HA2  sing N N 124 
GLY CA  HA3  sing N N 125 
GLY C   O    doub N N 126 
GLY C   OXT  sing N N 127 
GLY OXT HXT  sing N N 128 
HIS N   CA   sing N N 129 
HIS N   H    sing N N 130 
HIS N   H2   sing N N 131 
HIS CA  C    sing N N 132 
HIS CA  CB   sing N N 133 
HIS CA  HA   sing N N 134 
HIS C   O    doub N N 135 
HIS C   OXT  sing N N 136 
HIS CB  CG   sing N N 137 
HIS CB  HB2  sing N N 138 
HIS CB  HB3  sing N N 139 
HIS CG  ND1  sing Y N 140 
HIS CG  CD2  doub Y N 141 
HIS ND1 CE1  doub Y N 142 
HIS ND1 HD1  sing N N 143 
HIS CD2 NE2  sing Y N 144 
HIS CD2 HD2  sing N N 145 
HIS CE1 NE2  sing Y N 146 
HIS CE1 HE1  sing N N 147 
HIS NE2 HE2  sing N N 148 
HIS OXT HXT  sing N N 149 
HOH O   H1   sing N N 150 
HOH O   H2   sing N N 151 
ILE N   CA   sing N N 152 
ILE N   H    sing N N 153 
ILE N   H2   sing N N 154 
ILE CA  C    sing N N 155 
ILE CA  CB   sing N N 156 
ILE CA  HA   sing N N 157 
ILE C   O    doub N N 158 
ILE C   OXT  sing N N 159 
ILE CB  CG1  sing N N 160 
ILE CB  CG2  sing N N 161 
ILE CB  HB   sing N N 162 
ILE CG1 CD1  sing N N 163 
ILE CG1 HG12 sing N N 164 
ILE CG1 HG13 sing N N 165 
ILE CG2 HG21 sing N N 166 
ILE CG2 HG22 sing N N 167 
ILE CG2 HG23 sing N N 168 
ILE CD1 HD11 sing N N 169 
ILE CD1 HD12 sing N N 170 
ILE CD1 HD13 sing N N 171 
ILE OXT HXT  sing N N 172 
LEU N   CA   sing N N 173 
LEU N   H    sing N N 174 
LEU N   H2   sing N N 175 
LEU CA  C    sing N N 176 
LEU CA  CB   sing N N 177 
LEU CA  HA   sing N N 178 
LEU C   O    doub N N 179 
LEU C   OXT  sing N N 180 
LEU CB  CG   sing N N 181 
LEU CB  HB2  sing N N 182 
LEU CB  HB3  sing N N 183 
LEU CG  CD1  sing N N 184 
LEU CG  CD2  sing N N 185 
LEU CG  HG   sing N N 186 
LEU CD1 HD11 sing N N 187 
LEU CD1 HD12 sing N N 188 
LEU CD1 HD13 sing N N 189 
LEU CD2 HD21 sing N N 190 
LEU CD2 HD22 sing N N 191 
LEU CD2 HD23 sing N N 192 
LEU OXT HXT  sing N N 193 
LP4 C2  C1   sing N N 194 
LP4 C1  O5   sing N N 195 
LP4 C1  O1   sing N N 196 
LP4 C1  H1   sing N N 197 
LP4 O1  HO1  sing N N 198 
LP4 C3  C2   sing N N 199 
LP4 N2  C2   sing N N 200 
LP4 C2  H2   sing N N 201 
LP4 N2  C7   sing N N 202 
LP4 N2  HN2  sing N N 203 
LP4 O3  C3   sing N N 204 
LP4 C3  C4   sing N N 205 
LP4 C3  H3   sing N N 206 
LP4 C28 O3   sing N N 207 
LP4 O4  C4   sing N N 208 
LP4 C4  C5   sing N N 209 
LP4 C4  H4   sing N N 210 
LP4 P45 O4   sing N N 211 
LP4 C5  C6   sing N N 212 
LP4 C5  O5   sing N N 213 
LP4 C5  H5   sing N N 214 
LP4 C6  O6   sing N N 215 
LP4 C6  H6   sing N N 216 
LP4 C6  H6A  sing N N 217 
LP4 O6  HO6  sing N N 218 
LP4 C8  C7   sing N N 219 
LP4 C7  O7   doub N N 220 
LP4 C8  C16  sing N N 221 
LP4 C8  H8   sing N N 222 
LP4 C8  H8A  sing N N 223 
LP4 C17 C16  sing N N 224 
LP4 C16 O44  sing N N 225 
LP4 C16 H16  sing N N 226 
LP4 C17 C18  sing N N 227 
LP4 C17 H17  sing N N 228 
LP4 C17 H17A sing N N 229 
LP4 C19 C18  sing N N 230 
LP4 C18 H18  sing N N 231 
LP4 C18 H18A sing N N 232 
LP4 C19 C20  sing N N 233 
LP4 C19 H19  sing N N 234 
LP4 C19 H19A sing N N 235 
LP4 C20 C21  sing N N 236 
LP4 C20 H20  sing N N 237 
LP4 C20 H20A sing N N 238 
LP4 C22 C21  sing N N 239 
LP4 C21 H21  sing N N 240 
LP4 C21 H21A sing N N 241 
LP4 C23 C22  sing N N 242 
LP4 C22 H22  sing N N 243 
LP4 C22 H22A sing N N 244 
LP4 C24 C23  sing N N 245 
LP4 C23 H23  sing N N 246 
LP4 C23 H23A sing N N 247 
LP4 C25 C24  sing N N 248 
LP4 C24 H24  sing N N 249 
LP4 C24 H24A sing N N 250 
LP4 C26 C25  sing N N 251 
LP4 C25 H25  sing N N 252 
LP4 C25 H25A sing N N 253 
LP4 C27 C26  sing N N 254 
LP4 C26 H26  sing N N 255 
LP4 C26 H26A sing N N 256 
LP4 C27 H27  sing N N 257 
LP4 C27 H27A sing N N 258 
LP4 C27 H27B sing N N 259 
LP4 C29 C28  sing N N 260 
LP4 O42 C28  doub N N 261 
LP4 C30 C29  sing N N 262 
LP4 C29 H29  sing N N 263 
LP4 C29 H29A sing N N 264 
LP4 C31 C30  sing N N 265 
LP4 O43 C30  sing N N 266 
LP4 C30 H30  sing N N 267 
LP4 C32 C31  sing N N 268 
LP4 C31 H31  sing N N 269 
LP4 C31 H31A sing N N 270 
LP4 C33 C32  sing N N 271 
LP4 C32 H32  sing N N 272 
LP4 C32 H32A sing N N 273 
LP4 C33 C34  sing N N 274 
LP4 C33 H33  sing N N 275 
LP4 C33 H33A sing N N 276 
LP4 C34 C35  sing N N 277 
LP4 C34 H34  sing N N 278 
LP4 C34 H34A sing N N 279 
LP4 C36 C35  sing N N 280 
LP4 C35 H35  sing N N 281 
LP4 C35 H35A sing N N 282 
LP4 C36 C37  sing N N 283 
LP4 C36 H36  sing N N 284 
LP4 C36 H36A sing N N 285 
LP4 C37 C38  sing N N 286 
LP4 C37 H37  sing N N 287 
LP4 C37 H37A sing N N 288 
LP4 C38 C39  sing N N 289 
LP4 C38 H38  sing N N 290 
LP4 C38 H38A sing N N 291 
LP4 C39 C40  sing N N 292 
LP4 C39 H39  sing N N 293 
LP4 C39 H39A sing N N 294 
LP4 C40 C41  sing N N 295 
LP4 C40 H40  sing N N 296 
LP4 C40 H40A sing N N 297 
LP4 C41 H41  sing N N 298 
LP4 C41 H41A sing N N 299 
LP4 C41 H41B sing N N 300 
LP4 O43 HO43 sing N N 301 
LP4 O44 HO44 sing N N 302 
LP4 O48 P45  doub N N 303 
LP4 O47 P45  sing N N 304 
LP4 P45 O46  sing N N 305 
LP4 O46 HO46 sing N N 306 
LP4 O47 HO47 sing N N 307 
LP5 O48 P45  sing N N 308 
LP5 O48 HO48 sing N N 309 
LP5 P45 O1   sing N N 310 
LP5 P45 O47  doub N N 311 
LP5 P45 O46  sing N N 312 
LP5 O46 HO46 sing N N 313 
LP5 O1  C1   sing N N 314 
LP5 C1  C2   sing N N 315 
LP5 C1  O5   sing N N 316 
LP5 C1  H1   sing N N 317 
LP5 C2  C3   sing N N 318 
LP5 C2  N2   sing N N 319 
LP5 C2  H2   sing N N 320 
LP5 N2  C7   sing N N 321 
LP5 N2  HN2  sing N N 322 
LP5 C7  O7   doub N N 323 
LP5 C7  C8   sing N N 324 
LP5 C8  C16  sing N N 325 
LP5 C8  H81  sing N N 326 
LP5 C8  H82  sing N N 327 
LP5 C16 C17  sing N N 328 
LP5 C16 O44  sing N N 329 
LP5 C16 H16  sing N N 330 
LP5 O44 HO44 sing N N 331 
LP5 C17 C18  sing N N 332 
LP5 C17 H171 sing N N 333 
LP5 C17 H172 sing N N 334 
LP5 C18 C19  sing N N 335 
LP5 C18 H181 sing N N 336 
LP5 C18 H182 sing N N 337 
LP5 C19 C20  sing N N 338 
LP5 C19 H191 sing N N 339 
LP5 C19 H192 sing N N 340 
LP5 C20 C21  sing N N 341 
LP5 C20 H201 sing N N 342 
LP5 C20 H202 sing N N 343 
LP5 C21 C22  sing N N 344 
LP5 C21 H211 sing N N 345 
LP5 C21 H212 sing N N 346 
LP5 C22 C23  sing N N 347 
LP5 C22 H221 sing N N 348 
LP5 C22 H222 sing N N 349 
LP5 C23 C24  sing N N 350 
LP5 C23 H231 sing N N 351 
LP5 C23 H232 sing N N 352 
LP5 C24 C25  sing N N 353 
LP5 C24 H241 sing N N 354 
LP5 C24 H242 sing N N 355 
LP5 C25 C26  sing N N 356 
LP5 C25 H251 sing N N 357 
LP5 C25 H252 sing N N 358 
LP5 C26 C27  sing N N 359 
LP5 C26 H261 sing N N 360 
LP5 C26 H262 sing N N 361 
LP5 C27 H271 sing N N 362 
LP5 C27 H272 sing N N 363 
LP5 C27 H273 sing N N 364 
LP5 C3  O3   sing N N 365 
LP5 C3  C4   sing N N 366 
LP5 C3  H3   sing N N 367 
LP5 C4  O4   sing N N 368 
LP5 C4  C5   sing N N 369 
LP5 C4  H4   sing N N 370 
LP5 C5  C6   sing N N 371 
LP5 C5  O5   sing N N 372 
LP5 C5  H5   sing N N 373 
LP5 C6  O6   sing N N 374 
LP5 C6  H61  sing N N 375 
LP5 C6  H62  sing N N 376 
LP5 O6  HO6  sing N N 377 
LP5 O4  HO4  sing N N 378 
LP5 O3  C28  sing N N 379 
LP5 C28 C29  sing N N 380 
LP5 C28 O42  doub N N 381 
LP5 C29 C30  sing N N 382 
LP5 C29 H291 sing N N 383 
LP5 C29 H292 sing N N 384 
LP5 C30 C31  sing N N 385 
LP5 C30 O43  sing N N 386 
LP5 C30 H30  sing N N 387 
LP5 O43 HO43 sing N N 388 
LP5 C31 C32  sing N N 389 
LP5 C31 H311 sing N N 390 
LP5 C31 H312 sing N N 391 
LP5 C32 C33  sing N N 392 
LP5 C32 H321 sing N N 393 
LP5 C32 H322 sing N N 394 
LP5 C33 C34  sing N N 395 
LP5 C33 H331 sing N N 396 
LP5 C33 H332 sing N N 397 
LP5 C34 C35  sing N N 398 
LP5 C34 H341 sing N N 399 
LP5 C34 H342 sing N N 400 
LP5 C35 C36  sing N N 401 
LP5 C35 H351 sing N N 402 
LP5 C35 H352 sing N N 403 
LP5 C36 C37  sing N N 404 
LP5 C36 H361 sing N N 405 
LP5 C36 H362 sing N N 406 
LP5 C37 C38  sing N N 407 
LP5 C37 H371 sing N N 408 
LP5 C37 H372 sing N N 409 
LP5 C38 C39  sing N N 410 
LP5 C38 H381 sing N N 411 
LP5 C38 H382 sing N N 412 
LP5 C39 C40  sing N N 413 
LP5 C39 H391 sing N N 414 
LP5 C39 H392 sing N N 415 
LP5 C40 C41  sing N N 416 
LP5 C40 H401 sing N N 417 
LP5 C40 H402 sing N N 418 
LP5 C41 H411 sing N N 419 
LP5 C41 H412 sing N N 420 
LP5 C41 H413 sing N N 421 
LYS N   CA   sing N N 422 
LYS N   H    sing N N 423 
LYS N   H2   sing N N 424 
LYS CA  C    sing N N 425 
LYS CA  CB   sing N N 426 
LYS CA  HA   sing N N 427 
LYS C   O    doub N N 428 
LYS C   OXT  sing N N 429 
LYS CB  CG   sing N N 430 
LYS CB  HB2  sing N N 431 
LYS CB  HB3  sing N N 432 
LYS CG  CD   sing N N 433 
LYS CG  HG2  sing N N 434 
LYS CG  HG3  sing N N 435 
LYS CD  CE   sing N N 436 
LYS CD  HD2  sing N N 437 
LYS CD  HD3  sing N N 438 
LYS CE  NZ   sing N N 439 
LYS CE  HE2  sing N N 440 
LYS CE  HE3  sing N N 441 
LYS NZ  HZ1  sing N N 442 
LYS NZ  HZ2  sing N N 443 
LYS NZ  HZ3  sing N N 444 
LYS OXT HXT  sing N N 445 
MET N   CA   sing N N 446 
MET N   H    sing N N 447 
MET N   H2   sing N N 448 
MET CA  C    sing N N 449 
MET CA  CB   sing N N 450 
MET CA  HA   sing N N 451 
MET C   O    doub N N 452 
MET C   OXT  sing N N 453 
MET CB  CG   sing N N 454 
MET CB  HB2  sing N N 455 
MET CB  HB3  sing N N 456 
MET CG  SD   sing N N 457 
MET CG  HG2  sing N N 458 
MET CG  HG3  sing N N 459 
MET SD  CE   sing N N 460 
MET CE  HE1  sing N N 461 
MET CE  HE2  sing N N 462 
MET CE  HE3  sing N N 463 
MET OXT HXT  sing N N 464 
NAG C1  C2   sing N N 465 
NAG C1  O1   sing N N 466 
NAG C1  O5   sing N N 467 
NAG C1  H1   sing N N 468 
NAG C2  C3   sing N N 469 
NAG C2  N2   sing N N 470 
NAG C2  H2   sing N N 471 
NAG C3  C4   sing N N 472 
NAG C3  O3   sing N N 473 
NAG C3  H3   sing N N 474 
NAG C4  C5   sing N N 475 
NAG C4  O4   sing N N 476 
NAG C4  H4   sing N N 477 
NAG C5  C6   sing N N 478 
NAG C5  O5   sing N N 479 
NAG C5  H5   sing N N 480 
NAG C6  O6   sing N N 481 
NAG C6  H61  sing N N 482 
NAG C6  H62  sing N N 483 
NAG C7  C8   sing N N 484 
NAG C7  N2   sing N N 485 
NAG C7  O7   doub N N 486 
NAG C8  H81  sing N N 487 
NAG C8  H82  sing N N 488 
NAG C8  H83  sing N N 489 
NAG N2  HN2  sing N N 490 
NAG O1  HO1  sing N N 491 
NAG O3  HO3  sing N N 492 
NAG O4  HO4  sing N N 493 
NAG O6  HO6  sing N N 494 
PHE N   CA   sing N N 495 
PHE N   H    sing N N 496 
PHE N   H2   sing N N 497 
PHE CA  C    sing N N 498 
PHE CA  CB   sing N N 499 
PHE CA  HA   sing N N 500 
PHE C   O    doub N N 501 
PHE C   OXT  sing N N 502 
PHE CB  CG   sing N N 503 
PHE CB  HB2  sing N N 504 
PHE CB  HB3  sing N N 505 
PHE CG  CD1  doub Y N 506 
PHE CG  CD2  sing Y N 507 
PHE CD1 CE1  sing Y N 508 
PHE CD1 HD1  sing N N 509 
PHE CD2 CE2  doub Y N 510 
PHE CD2 HD2  sing N N 511 
PHE CE1 CZ   doub Y N 512 
PHE CE1 HE1  sing N N 513 
PHE CE2 CZ   sing Y N 514 
PHE CE2 HE2  sing N N 515 
PHE CZ  HZ   sing N N 516 
PHE OXT HXT  sing N N 517 
PRO N   CA   sing N N 518 
PRO N   CD   sing N N 519 
PRO N   H    sing N N 520 
PRO CA  C    sing N N 521 
PRO CA  CB   sing N N 522 
PRO CA  HA   sing N N 523 
PRO C   O    doub N N 524 
PRO C   OXT  sing N N 525 
PRO CB  CG   sing N N 526 
PRO CB  HB2  sing N N 527 
PRO CB  HB3  sing N N 528 
PRO CG  CD   sing N N 529 
PRO CG  HG2  sing N N 530 
PRO CG  HG3  sing N N 531 
PRO CD  HD2  sing N N 532 
PRO CD  HD3  sing N N 533 
PRO OXT HXT  sing N N 534 
SER N   CA   sing N N 535 
SER N   H    sing N N 536 
SER N   H2   sing N N 537 
SER CA  C    sing N N 538 
SER CA  CB   sing N N 539 
SER CA  HA   sing N N 540 
SER C   O    doub N N 541 
SER C   OXT  sing N N 542 
SER CB  OG   sing N N 543 
SER CB  HB2  sing N N 544 
SER CB  HB3  sing N N 545 
SER OG  HG   sing N N 546 
SER OXT HXT  sing N N 547 
THR N   CA   sing N N 548 
THR N   H    sing N N 549 
THR N   H2   sing N N 550 
THR CA  C    sing N N 551 
THR CA  CB   sing N N 552 
THR CA  HA   sing N N 553 
THR C   O    doub N N 554 
THR C   OXT  sing N N 555 
THR CB  OG1  sing N N 556 
THR CB  CG2  sing N N 557 
THR CB  HB   sing N N 558 
THR OG1 HG1  sing N N 559 
THR CG2 HG21 sing N N 560 
THR CG2 HG22 sing N N 561 
THR CG2 HG23 sing N N 562 
THR OXT HXT  sing N N 563 
TRP N   CA   sing N N 564 
TRP N   H    sing N N 565 
TRP N   H2   sing N N 566 
TRP CA  C    sing N N 567 
TRP CA  CB   sing N N 568 
TRP CA  HA   sing N N 569 
TRP C   O    doub N N 570 
TRP C   OXT  sing N N 571 
TRP CB  CG   sing N N 572 
TRP CB  HB2  sing N N 573 
TRP CB  HB3  sing N N 574 
TRP CG  CD1  doub Y N 575 
TRP CG  CD2  sing Y N 576 
TRP CD1 NE1  sing Y N 577 
TRP CD1 HD1  sing N N 578 
TRP CD2 CE2  doub Y N 579 
TRP CD2 CE3  sing Y N 580 
TRP NE1 CE2  sing Y N 581 
TRP NE1 HE1  sing N N 582 
TRP CE2 CZ2  sing Y N 583 
TRP CE3 CZ3  doub Y N 584 
TRP CE3 HE3  sing N N 585 
TRP CZ2 CH2  doub Y N 586 
TRP CZ2 HZ2  sing N N 587 
TRP CZ3 CH2  sing Y N 588 
TRP CZ3 HZ3  sing N N 589 
TRP CH2 HH2  sing N N 590 
TRP OXT HXT  sing N N 591 
TYR N   CA   sing N N 592 
TYR N   H    sing N N 593 
TYR N   H2   sing N N 594 
TYR CA  C    sing N N 595 
TYR CA  CB   sing N N 596 
TYR CA  HA   sing N N 597 
TYR C   O    doub N N 598 
TYR C   OXT  sing N N 599 
TYR CB  CG   sing N N 600 
TYR CB  HB2  sing N N 601 
TYR CB  HB3  sing N N 602 
TYR CG  CD1  doub Y N 603 
TYR CG  CD2  sing Y N 604 
TYR CD1 CE1  sing Y N 605 
TYR CD1 HD1  sing N N 606 
TYR CD2 CE2  doub Y N 607 
TYR CD2 HD2  sing N N 608 
TYR CE1 CZ   doub Y N 609 
TYR CE1 HE1  sing N N 610 
TYR CE2 CZ   sing Y N 611 
TYR CE2 HE2  sing N N 612 
TYR CZ  OH   sing N N 613 
TYR OH  HH   sing N N 614 
TYR OXT HXT  sing N N 615 
VAL N   CA   sing N N 616 
VAL N   H    sing N N 617 
VAL N   H2   sing N N 618 
VAL CA  C    sing N N 619 
VAL CA  CB   sing N N 620 
VAL CA  HA   sing N N 621 
VAL C   O    doub N N 622 
VAL C   OXT  sing N N 623 
VAL CB  CG1  sing N N 624 
VAL CB  CG2  sing N N 625 
VAL CB  HB   sing N N 626 
VAL CG1 HG11 sing N N 627 
VAL CG1 HG12 sing N N 628 
VAL CG1 HG13 sing N N 629 
VAL CG2 HG21 sing N N 630 
VAL CG2 HG22 sing N N 631 
VAL CG2 HG23 sing N N 632 
VAL OXT HXT  sing N N 633 
# 
_pdbx_initial_refinement_model.id               1 
_pdbx_initial_refinement_model.entity_id_list   ? 
_pdbx_initial_refinement_model.type             'experimental model' 
_pdbx_initial_refinement_model.source_name      PDB 
_pdbx_initial_refinement_model.accession_code   2E56 
_pdbx_initial_refinement_model.details          'PDB ENTRY 2E56' 
# 
_atom_sites.entry_id                    2E59 
_atom_sites.fract_transf_matrix[1][1]   0.01483324 
_atom_sites.fract_transf_matrix[1][2]   -0.00333888 
_atom_sites.fract_transf_matrix[1][3]   -0.01129551 
_atom_sites.fract_transf_matrix[2][1]   -0.00403454 
_atom_sites.fract_transf_matrix[2][2]   -0.01850552 
_atom_sites.fract_transf_matrix[2][3]   0.00017196 
_atom_sites.fract_transf_matrix[3][1]   -0.00526869 
_atom_sites.fract_transf_matrix[3][2]   0.00108141 
_atom_sites.fract_transf_matrix[3][3]   -0.00723849 
_atom_sites.fract_transf_vector[1]      0.013498 
_atom_sites.fract_transf_vector[2]      0.446096 
_atom_sites.fract_transf_vector[3]      0.121508 
# 
loop_
_atom_type.symbol 
C 
N 
O 
P 
S 
# 
loop_
_atom_site.group_PDB 
_atom_site.id 
_atom_site.type_symbol 
_atom_site.label_atom_id 
_atom_site.label_alt_id 
_atom_site.label_comp_id 
_atom_site.label_asym_id 
_atom_site.label_entity_id 
_atom_site.label_seq_id 
_atom_site.pdbx_PDB_ins_code 
_atom_site.Cartn_x 
_atom_site.Cartn_y 
_atom_site.Cartn_z 
_atom_site.occupancy 
_atom_site.B_iso_or_equiv 
_atom_site.pdbx_formal_charge 
_atom_site.auth_seq_id 
_atom_site.auth_comp_id 
_atom_site.auth_asym_id 
_atom_site.auth_atom_id 
_atom_site.pdbx_PDB_model_num 
ATOM   1    N N   . GLU A 1 1   ? 15.511  -19.318 7.336   1.00 51.55 ? 17  GLU A N   1 
ATOM   2    C CA  . GLU A 1 1   ? 14.831  -18.607 6.219   1.00 49.75 ? 17  GLU A CA  1 
ATOM   3    C C   . GLU A 1 1   ? 14.840  -17.109 6.433   1.00 48.48 ? 17  GLU A C   1 
ATOM   4    O O   . GLU A 1 1   ? 14.145  -16.611 7.307   1.00 44.76 ? 17  GLU A O   1 
ATOM   5    C CB  . GLU A 1 1   ? 13.387  -19.073 6.079   1.00 53.61 ? 17  GLU A CB  1 
ATOM   6    C CG  . GLU A 1 1   ? 12.737  -18.594 4.800   1.00 62.63 ? 17  GLU A CG  1 
ATOM   7    C CD  . GLU A 1 1   ? 11.267  -18.933 4.732   1.00 68.80 ? 17  GLU A CD  1 
ATOM   8    O OE1 . GLU A 1 1   ? 10.555  -18.702 5.738   1.00 70.62 ? 17  GLU A OE1 1 
ATOM   9    O OE2 . GLU A 1 1   ? 10.826  -19.420 3.664   1.00 70.95 ? 17  GLU A OE2 1 
ATOM   10   N N   . ALA A 1 2   ? 15.625  -16.397 5.627   1.00 51.85 ? 18  ALA A N   1 
ATOM   11   C CA  . ALA A 1 2   ? 15.686  -14.938 5.686   1.00 52.80 ? 18  ALA A CA  1 
ATOM   12   C C   . ALA A 1 2   ? 14.358  -14.324 5.210   1.00 55.95 ? 18  ALA A C   1 
ATOM   13   O O   . ALA A 1 2   ? 13.661  -14.897 4.373   1.00 56.17 ? 18  ALA A O   1 
ATOM   14   C CB  . ALA A 1 2   ? 16.869  -14.413 4.856   1.00 49.10 ? 18  ALA A CB  1 
ATOM   15   N N   . GLN A 1 3   ? 14.002  -13.166 5.754   1.00 59.10 ? 19  GLN A N   1 
ATOM   16   C CA  . GLN A 1 3   ? 12.736  -12.539 5.423   1.00 57.40 ? 19  GLN A CA  1 
ATOM   17   C C   . GLN A 1 3   ? 12.736  -12.150 3.959   1.00 53.20 ? 19  GLN A C   1 
ATOM   18   O O   . GLN A 1 3   ? 13.672  -11.521 3.467   1.00 50.80 ? 19  GLN A O   1 
ATOM   19   C CB  . GLN A 1 3   ? 12.497  -11.310 6.282   1.00 61.08 ? 19  GLN A CB  1 
ATOM   20   C CG  . GLN A 1 3   ? 13.426  -10.174 5.955   1.00 61.89 ? 19  GLN A CG  1 
ATOM   21   C CD  . GLN A 1 3   ? 12.718  -8.862  6.014   1.00 65.07 ? 19  GLN A CD  1 
ATOM   22   O OE1 . GLN A 1 3   ? 11.574  -8.783  6.481   1.00 67.45 ? 19  GLN A OE1 1 
ATOM   23   N NE2 . GLN A 1 3   ? 13.376  -7.813  5.532   1.00 67.23 ? 19  GLN A NE2 1 
ATOM   24   N N   . LYS A 1 4   ? 11.663  -12.527 3.279   1.00 50.29 ? 20  LYS A N   1 
ATOM   25   C CA  . LYS A 1 4   ? 11.591  -12.406 1.836   1.00 46.35 ? 20  LYS A CA  1 
ATOM   26   C C   . LYS A 1 4   ? 11.222  -10.989 1.417   1.00 39.54 ? 20  LYS A C   1 
ATOM   27   O O   . LYS A 1 4   ? 10.388  -10.338 2.036   1.00 33.36 ? 20  LYS A O   1 
ATOM   28   C CB  . LYS A 1 4   ? 10.612  -13.451 1.292   1.00 48.44 ? 20  LYS A CB  1 
ATOM   29   C CG  . LYS A 1 4   ? 10.923  -14.871 1.795   1.00 47.18 ? 20  LYS A CG  1 
ATOM   30   C CD  . LYS A 1 4   ? 9.850   -15.882 1.434   1.00 47.45 ? 20  LYS A CD  1 
ATOM   31   C CE  . LYS A 1 4   ? 8.507   -15.473 1.985   1.00 51.24 ? 20  LYS A CE  1 
ATOM   32   N NZ  . LYS A 1 4   ? 7.488   -16.543 1.802   1.00 55.93 ? 20  LYS A NZ  1 
ATOM   33   N N   . GLN A 1 5   ? 11.875  -10.503 0.371   1.00 43.20 ? 21  GLN A N   1 
ATOM   34   C CA  . GLN A 1 5   ? 11.618  -9.149  -0.121  1.00 43.37 ? 21  GLN A CA  1 
ATOM   35   C C   . GLN A 1 5   ? 10.849  -9.146  -1.437  1.00 40.01 ? 21  GLN A C   1 
ATOM   36   O O   . GLN A 1 5   ? 11.174  -9.893  -2.361  1.00 37.37 ? 21  GLN A O   1 
ATOM   37   C CB  . GLN A 1 5   ? 12.920  -8.353  -0.260  1.00 43.43 ? 21  GLN A CB  1 
ATOM   38   C CG  . GLN A 1 5   ? 12.712  -6.911  -0.680  1.00 45.77 ? 21  GLN A CG  1 
ATOM   39   C CD  . GLN A 1 5   ? 13.697  -5.974  -0.015  1.00 53.54 ? 21  GLN A CD  1 
ATOM   40   O OE1 . GLN A 1 5   ? 14.346  -6.342  0.963   1.00 58.75 ? 21  GLN A OE1 1 
ATOM   41   N NE2 . GLN A 1 5   ? 13.808  -4.751  -0.531  1.00 53.79 ? 21  GLN A NE2 1 
ATOM   42   N N   . TYR A 1 6   ? 9.845   -8.277  -1.517  1.00 36.06 ? 22  TYR A N   1 
ATOM   43   C CA  . TYR A 1 6   ? 8.949   -8.223  -2.664  1.00 32.06 ? 22  TYR A CA  1 
ATOM   44   C C   . TYR A 1 6   ? 9.128   -6.951  -3.452  1.00 28.20 ? 22  TYR A C   1 
ATOM   45   O O   . TYR A 1 6   ? 9.047   -5.857  -2.911  1.00 36.78 ? 22  TYR A O   1 
ATOM   46   C CB  . TYR A 1 6   ? 7.500   -8.322  -2.187  1.00 30.08 ? 22  TYR A CB  1 
ATOM   47   C CG  . TYR A 1 6   ? 7.237   -9.604  -1.464  1.00 25.37 ? 22  TYR A CG  1 
ATOM   48   C CD1 . TYR A 1 6   ? 7.297   -9.673  -0.080  1.00 25.75 ? 22  TYR A CD1 1 
ATOM   49   C CD2 . TYR A 1 6   ? 6.967   -10.758 -2.168  1.00 27.05 ? 22  TYR A CD2 1 
ATOM   50   C CE1 . TYR A 1 6   ? 7.075   -10.864 0.577   1.00 26.63 ? 22  TYR A CE1 1 
ATOM   51   C CE2 . TYR A 1 6   ? 6.736   -11.938 -1.531  1.00 34.53 ? 22  TYR A CE2 1 
ATOM   52   C CZ  . TYR A 1 6   ? 6.791   -11.997 -0.160  1.00 30.19 ? 22  TYR A CZ  1 
ATOM   53   O OH  . TYR A 1 6   ? 6.564   -13.210 0.456   1.00 35.00 ? 22  TYR A OH  1 
ATOM   54   N N   . TRP A 1 7   ? 9.389   -7.091  -4.739  1.00 30.21 ? 23  TRP A N   1 
ATOM   55   C CA  . TRP A 1 7   ? 9.481   -5.930  -5.587  1.00 33.47 ? 23  TRP A CA  1 
ATOM   56   C C   . TRP A 1 7   ? 8.171   -5.735  -6.339  1.00 31.99 ? 23  TRP A C   1 
ATOM   57   O O   . TRP A 1 7   ? 7.575   -6.705  -6.834  1.00 27.60 ? 23  TRP A O   1 
ATOM   58   C CB  . TRP A 1 7   ? 10.691  -6.041  -6.515  1.00 40.05 ? 23  TRP A CB  1 
ATOM   59   C CG  . TRP A 1 7   ? 11.982  -6.148  -5.740  1.00 43.15 ? 23  TRP A CG  1 
ATOM   60   C CD1 . TRP A 1 7   ? 12.531  -7.285  -5.207  1.00 42.29 ? 23  TRP A CD1 1 
ATOM   61   C CD2 . TRP A 1 7   ? 12.877  -5.074  -5.396  1.00 43.15 ? 23  TRP A CD2 1 
ATOM   62   N NE1 . TRP A 1 7   ? 13.701  -6.980  -4.557  1.00 44.18 ? 23  TRP A NE1 1 
ATOM   63   C CE2 . TRP A 1 7   ? 13.935  -5.633  -4.658  1.00 44.47 ? 23  TRP A CE2 1 
ATOM   64   C CE3 . TRP A 1 7   ? 12.880  -3.692  -5.638  1.00 46.75 ? 23  TRP A CE3 1 
ATOM   65   C CZ2 . TRP A 1 7   ? 14.993  -4.863  -4.170  1.00 48.11 ? 23  TRP A CZ2 1 
ATOM   66   C CZ3 . TRP A 1 7   ? 13.926  -2.925  -5.143  1.00 42.98 ? 23  TRP A CZ3 1 
ATOM   67   C CH2 . TRP A 1 7   ? 14.966  -3.512  -4.424  1.00 45.15 ? 23  TRP A CH2 1 
ATOM   68   N N   . VAL A 1 8   ? 7.708   -4.484  -6.363  1.00 28.22 ? 24  VAL A N   1 
ATOM   69   C CA  . VAL A 1 8   ? 6.477   -4.106  -7.061  1.00 27.93 ? 24  VAL A CA  1 
ATOM   70   C C   . VAL A 1 8   ? 6.824   -3.585  -8.469  1.00 28.81 ? 24  VAL A C   1 
ATOM   71   O O   . VAL A 1 8   ? 6.355   -4.107  -9.478  1.00 26.68 ? 24  VAL A O   1 
ATOM   72   C CB  . VAL A 1 8   ? 5.647   -3.031  -6.275  1.00 27.80 ? 24  VAL A CB  1 
ATOM   73   C CG1 . VAL A 1 8   ? 4.309   -2.772  -6.960  1.00 33.54 ? 24  VAL A CG1 1 
ATOM   74   C CG2 . VAL A 1 8   ? 5.390   -3.445  -4.855  1.00 27.03 ? 24  VAL A CG2 1 
ATOM   75   N N   . CYS A 1 9   ? 7.666   -2.562  -8.538  1.00 26.29 ? 25  CYS A N   1 
ATOM   76   C CA  . CYS A 1 9   ? 8.020   -1.977  -9.820  1.00 25.20 ? 25  CYS A CA  1 
ATOM   77   C C   . CYS A 1 9   ? 9.128   -0.945  -9.647  1.00 25.76 ? 25  CYS A C   1 
ATOM   78   O O   . CYS A 1 9   ? 9.367   -0.487  -8.540  1.00 25.23 ? 25  CYS A O   1 
ATOM   79   C CB  . CYS A 1 9   ? 6.782   -1.346  -10.486 1.00 31.68 ? 25  CYS A CB  1 
ATOM   80   S SG  . CYS A 1 9   ? 6.031   0.048   -9.573  1.00 34.44 ? 25  CYS A SG  1 
ATOM   81   N N   . ASN A 1 10  ? 9.819   -0.631  -10.745 1.00 24.80 ? 26  ASN A N   1 
ATOM   82   C CA  . ASN A 1 10  ? 10.759  0.477   -10.849 1.00 24.80 ? 26  ASN A CA  1 
ATOM   83   C C   . ASN A 1 10  ? 10.167  1.471   -11.841 1.00 31.30 ? 26  ASN A C   1 
ATOM   84   O O   . ASN A 1 10  ? 9.768   1.083   -12.939 1.00 29.30 ? 26  ASN A O   1 
ATOM   85   C CB  . ASN A 1 10  ? 12.089  0.024   -11.474 1.00 27.23 ? 26  ASN A CB  1 
ATOM   86   C CG  . ASN A 1 10  ? 13.096  -0.459  -10.461 1.00 28.99 ? 26  ASN A CG  1 
ATOM   87   O OD1 . ASN A 1 10  ? 12.744  -0.766  -9.327  1.00 22.72 ? 26  ASN A OD1 1 
ATOM   88   N ND2 . ASN A 1 10  ? 14.371  -0.539  -10.880 1.00 32.05 ? 26  ASN A ND2 1 
ATOM   89   N N   . SER A 1 11  ? 10.131  2.745   -11.480 1.00 26.09 ? 27  SER A N   1 
ATOM   90   C CA  . SER A 1 11  ? 9.801   3.757   -12.436 1.00 21.33 ? 27  SER A CA  1 
ATOM   91   C C   . SER A 1 11  ? 11.085  4.446   -12.766 1.00 21.10 ? 27  SER A C   1 
ATOM   92   O O   . SER A 1 11  ? 12.149  3.927   -12.495 1.00 31.09 ? 27  SER A O   1 
ATOM   93   C CB  . SER A 1 11  ? 8.800   4.747   -11.868 1.00 24.37 ? 27  SER A CB  1 
ATOM   94   O OG  . SER A 1 11  ? 9.348   5.376   -10.739 1.00 23.36 ? 27  SER A OG  1 
ATOM   95   N N   . SER A 1 12  ? 10.999  5.609   -13.384 1.00 30.06 ? 28  SER A N   1 
ATOM   96   C CA  . SER A 1 12  ? 12.192  6.298   -13.831 1.00 29.71 ? 28  SER A CA  1 
ATOM   97   C C   . SER A 1 12  ? 12.909  6.914   -12.639 1.00 27.22 ? 28  SER A C   1 
ATOM   98   O O   . SER A 1 12  ? 14.116  7.172   -12.684 1.00 25.35 ? 28  SER A O   1 
ATOM   99   C CB  . SER A 1 12  ? 11.840  7.370   -14.884 1.00 34.25 ? 28  SER A CB  1 
ATOM   100  O OG  . SER A 1 12  ? 11.211  8.505   -14.305 1.00 42.52 ? 28  SER A OG  1 
ATOM   101  N N   . ASP A 1 13  ? 12.160  7.140   -11.564 1.00 27.50 ? 29  ASP A N   1 
ATOM   102  C CA  . ASP A 1 13  ? 12.694  7.861   -10.434 1.00 22.86 ? 29  ASP A CA  1 
ATOM   103  C C   . ASP A 1 13  ? 12.472  7.150   -9.113  1.00 23.25 ? 29  ASP A C   1 
ATOM   104  O O   . ASP A 1 13  ? 12.946  7.612   -8.090  1.00 26.36 ? 29  ASP A O   1 
ATOM   105  C CB  . ASP A 1 13  ? 12.169  9.299   -10.407 1.00 17.33 ? 29  ASP A CB  1 
ATOM   106  C CG  . ASP A 1 13  ? 10.838  9.429   -9.734  1.00 24.46 ? 29  ASP A CG  1 
ATOM   107  O OD1 . ASP A 1 13  ? 10.275  8.427   -9.258  1.00 25.02 ? 29  ASP A OD1 1 
ATOM   108  O OD2 . ASP A 1 13  ? 10.351  10.566  -9.656  1.00 28.36 ? 29  ASP A OD2 1 
ATOM   109  N N   . ALA A 1 14  ? 11.781  6.015   -9.133  1.00 14.70 ? 30  ALA A N   1 
ATOM   110  C CA  . ALA A 1 14  ? 11.549  5.290   -7.912  1.00 16.80 ? 30  ALA A CA  1 
ATOM   111  C C   . ALA A 1 14  ? 11.762  3.789   -8.099  1.00 19.95 ? 30  ALA A C   1 
ATOM   112  O O   . ALA A 1 14  ? 11.581  3.259   -9.170  1.00 21.12 ? 30  ALA A O   1 
ATOM   113  C CB  . ALA A 1 14  ? 10.178  5.574   -7.380  1.00 16.88 ? 30  ALA A CB  1 
ATOM   114  N N   . SER A 1 15  ? 12.178  3.126   -7.042  1.00 16.65 ? 31  SER A N   1 
ATOM   115  C CA  . SER A 1 15  ? 12.213  1.694   -7.010  1.00 23.54 ? 31  SER A CA  1 
ATOM   116  C C   . SER A 1 15  ? 11.410  1.269   -5.787  1.00 23.38 ? 31  SER A C   1 
ATOM   117  O O   . SER A 1 15  ? 11.746  1.664   -4.665  1.00 28.27 ? 31  SER A O   1 
ATOM   118  C CB  . SER A 1 15  ? 13.660  1.242   -6.853  1.00 27.45 ? 31  SER A CB  1 
ATOM   119  O OG  . SER A 1 15  ? 13.701  -0.136  -6.526  1.00 30.53 ? 31  SER A OG  1 
ATOM   120  N N   . ILE A 1 16  ? 10.373  0.458   -5.987  1.00 17.82 ? 32  ILE A N   1 
ATOM   121  C CA  . ILE A 1 16  ? 9.370   0.173   -4.950  1.00 19.15 ? 32  ILE A CA  1 
ATOM   122  C C   . ILE A 1 16  ? 9.352   -1.301  -4.534  1.00 20.34 ? 32  ILE A C   1 
ATOM   123  O O   . ILE A 1 16  ? 9.258   -2.177  -5.355  1.00 23.09 ? 32  ILE A O   1 
ATOM   124  C CB  . ILE A 1 16  ? 7.947   0.628   -5.404  1.00 18.41 ? 32  ILE A CB  1 
ATOM   125  C CG1 . ILE A 1 16  ? 7.952   2.119   -5.693  1.00 23.43 ? 32  ILE A CG1 1 
ATOM   126  C CG2 . ILE A 1 16  ? 6.919   0.416   -4.336  1.00 24.19 ? 32  ILE A CG2 1 
ATOM   127  C CD1 . ILE A 1 16  ? 6.707   2.607   -6.324  1.00 25.35 ? 32  ILE A CD1 1 
ATOM   128  N N   . SER A 1 17  ? 9.462   -1.566  -3.237  1.00 20.62 ? 33  SER A N   1 
ATOM   129  C CA  . SER A 1 17  ? 9.440   -2.920  -2.748  1.00 17.20 ? 33  SER A CA  1 
ATOM   130  C C   . SER A 1 17  ? 8.692   -2.900  -1.445  1.00 19.83 ? 33  SER A C   1 
ATOM   131  O O   . SER A 1 17  ? 8.379   -1.836  -0.936  1.00 19.51 ? 33  SER A O   1 
ATOM   132  C CB  . SER A 1 17  ? 10.858  -3.434  -2.515  1.00 21.21 ? 33  SER A CB  1 
ATOM   133  O OG  . SER A 1 17  ? 11.532  -2.729  -1.482  1.00 25.56 ? 33  SER A OG  1 
ATOM   134  N N   . TYR A 1 18  ? 8.397   -4.074  -0.905  1.00 19.61 ? 34  TYR A N   1 
ATOM   135  C CA  . TYR A 1 18  ? 7.830   -4.129  0.419   1.00 21.62 ? 34  TYR A CA  1 
ATOM   136  C C   . TYR A 1 18  ? 8.132   -5.449  1.069   1.00 22.72 ? 34  TYR A C   1 
ATOM   137  O O   . TYR A 1 18  ? 8.575   -6.397  0.421   1.00 23.24 ? 34  TYR A O   1 
ATOM   138  C CB  . TYR A 1 18  ? 6.328   -3.910  0.381   1.00 23.65 ? 34  TYR A CB  1 
ATOM   139  C CG  . TYR A 1 18  ? 5.558   -5.030  -0.271  1.00 27.46 ? 34  TYR A CG  1 
ATOM   140  C CD1 . TYR A 1 18  ? 5.429   -5.097  -1.651  1.00 29.56 ? 34  TYR A CD1 1 
ATOM   141  C CD2 . TYR A 1 18  ? 4.945   -6.021  0.491   1.00 29.63 ? 34  TYR A CD2 1 
ATOM   142  C CE1 . TYR A 1 18  ? 4.714   -6.127  -2.256  1.00 21.79 ? 34  TYR A CE1 1 
ATOM   143  C CE2 . TYR A 1 18  ? 4.229   -7.044  -0.102  1.00 21.25 ? 34  TYR A CE2 1 
ATOM   144  C CZ  . TYR A 1 18  ? 4.117   -7.087  -1.478  1.00 26.03 ? 34  TYR A CZ  1 
ATOM   145  O OH  . TYR A 1 18  ? 3.400   -8.092  -2.094  1.00 28.76 ? 34  TYR A OH  1 
ATOM   146  N N   . THR A 1 19  ? 7.889   -5.492  2.371   1.00 23.49 ? 35  THR A N   1 
ATOM   147  C CA  . THR A 1 19  ? 7.978   -6.708  3.127   1.00 23.57 ? 35  THR A CA  1 
ATOM   148  C C   . THR A 1 19  ? 6.730   -6.791  3.993   1.00 20.28 ? 35  THR A C   1 
ATOM   149  O O   . THR A 1 19  ? 6.060   -5.799  4.226   1.00 21.42 ? 35  THR A O   1 
ATOM   150  C CB  . THR A 1 19  ? 9.247   -6.718  4.040   1.00 26.69 ? 35  THR A CB  1 
ATOM   151  O OG1 . THR A 1 19  ? 9.234   -5.578  4.893   1.00 27.09 ? 35  THR A OG1 1 
ATOM   152  C CG2 . THR A 1 19  ? 10.526  -6.689  3.219   1.00 26.95 ? 35  THR A CG2 1 
ATOM   153  N N   . TYR A 1 20  ? 6.421   -7.981  4.484   1.00 26.79 ? 36  TYR A N   1 
ATOM   154  C CA  . TYR A 1 20  ? 5.343   -8.120  5.455   1.00 28.66 ? 36  TYR A CA  1 
ATOM   155  C C   . TYR A 1 20  ? 5.809   -7.713  6.815   1.00 29.93 ? 36  TYR A C   1 
ATOM   156  O O   . TYR A 1 20  ? 6.827   -8.205  7.286   1.00 28.74 ? 36  TYR A O   1 
ATOM   157  C CB  . TYR A 1 20  ? 4.852   -9.554  5.511   1.00 27.57 ? 36  TYR A CB  1 
ATOM   158  C CG  . TYR A 1 20  ? 4.176   -9.921  4.241   1.00 25.26 ? 36  TYR A CG  1 
ATOM   159  C CD1 . TYR A 1 20  ? 2.849   -9.593  4.018   1.00 30.90 ? 36  TYR A CD1 1 
ATOM   160  C CD2 . TYR A 1 20  ? 4.876   -10.546 3.240   1.00 30.02 ? 36  TYR A CD2 1 
ATOM   161  C CE1 . TYR A 1 20  ? 2.229   -9.917  2.834   1.00 28.23 ? 36  TYR A CE1 1 
ATOM   162  C CE2 . TYR A 1 20  ? 4.272   -10.876 2.059   1.00 35.69 ? 36  TYR A CE2 1 
ATOM   163  C CZ  . TYR A 1 20  ? 2.951   -10.566 1.856   1.00 30.30 ? 36  TYR A CZ  1 
ATOM   164  O OH  . TYR A 1 20  ? 2.383   -10.900 0.649   1.00 32.17 ? 36  TYR A OH  1 
ATOM   165  N N   . CYS A 1 21  ? 5.087   -6.791  7.438   1.00 32.47 ? 37  CYS A N   1 
ATOM   166  C CA  . CYS A 1 21  ? 5.367   -6.484  8.815   1.00 30.28 ? 37  CYS A CA  1 
ATOM   167  C C   . CYS A 1 21  ? 4.428   -7.250  9.710   1.00 39.39 ? 37  CYS A C   1 
ATOM   168  O O   . CYS A 1 21  ? 3.547   -7.965  9.230   1.00 40.75 ? 37  CYS A O   1 
ATOM   169  C CB  . CYS A 1 21  ? 5.322   -4.988  9.132   1.00 33.73 ? 37  CYS A CB  1 
ATOM   170  S SG  . CYS A 1 21  ? 4.186   -3.967  8.252   1.00 42.34 ? 37  CYS A SG  1 
ATOM   171  N N   . ASP A 1 22  ? 4.634   -7.086  11.015  1.00 39.18 ? 38  ASP A N   1 
ATOM   172  C CA  . ASP A 1 22  ? 3.880   -7.781  12.038  1.00 38.93 ? 38  ASP A CA  1 
ATOM   173  C C   . ASP A 1 22  ? 3.678   -9.267  11.727  1.00 39.21 ? 38  ASP A C   1 
ATOM   174  O O   . ASP A 1 22  ? 4.550   -9.900  11.138  1.00 35.62 ? 38  ASP A O   1 
ATOM   175  C CB  . ASP A 1 22  ? 2.552   -7.092  12.299  1.00 41.50 ? 38  ASP A CB  1 
ATOM   176  C CG  . ASP A 1 22  ? 2.001   -7.434  13.654  1.00 46.39 ? 38  ASP A CG  1 
ATOM   177  O OD1 . ASP A 1 22  ? 2.650   -7.066  14.660  1.00 46.68 ? 38  ASP A OD1 1 
ATOM   178  O OD2 . ASP A 1 22  ? 0.932   -8.082  13.706  1.00 46.49 ? 38  ASP A OD2 1 
ATOM   179  N N   . LYS A 1 23  ? 2.549   -9.833  12.146  1.00 34.55 ? 39  LYS A N   1 
ATOM   180  C CA  . LYS A 1 23  ? 2.373   -11.260 11.989  1.00 39.64 ? 39  LYS A CA  1 
ATOM   181  C C   . LYS A 1 23  ? 2.180   -11.536 10.512  1.00 49.51 ? 39  LYS A C   1 
ATOM   182  O O   . LYS A 1 23  ? 1.555   -10.741 9.794   1.00 54.19 ? 39  LYS A O   1 
ATOM   183  C CB  . LYS A 1 23  ? 1.239   -11.789 12.864  1.00 38.83 ? 39  LYS A CB  1 
ATOM   184  C CG  . LYS A 1 23  ? 1.738   -12.207 14.243  1.00 45.37 ? 39  LYS A CG  1 
ATOM   185  C CD  . LYS A 1 23  ? 0.786   -11.887 15.406  1.00 47.87 ? 39  LYS A CD  1 
ATOM   186  C CE  . LYS A 1 23  ? 1.402   -12.408 16.735  1.00 51.67 ? 39  LYS A CE  1 
ATOM   187  N NZ  . LYS A 1 23  ? 0.912   -11.757 18.003  1.00 50.16 ? 39  LYS A NZ  1 
ATOM   188  N N   . MET A 1 24  ? 2.780   -12.619 10.037  1.00 56.85 ? 40  MET A N   1 
ATOM   189  C CA  . MET A 1 24  ? 2.663   -12.948 8.634   1.00 65.52 ? 40  MET A CA  1 
ATOM   190  C C   . MET A 1 24  ? 1.250   -13.486 8.455   1.00 60.46 ? 40  MET A C   1 
ATOM   191  O O   . MET A 1 24  ? 0.834   -14.429 9.136   1.00 53.51 ? 40  MET A O   1 
ATOM   192  C CB  . MET A 1 24  ? 3.755   -13.935 8.191   1.00 69.11 ? 40  MET A CB  1 
ATOM   193  C CG  . MET A 1 24  ? 4.051   -13.906 6.680   1.00 76.98 ? 40  MET A CG  1 
ATOM   194  S SD  . MET A 1 24  ? 5.744   -14.369 6.166   1.00 84.13 ? 40  MET A SD  1 
ATOM   195  C CE  . MET A 1 24  ? 6.600   -12.788 6.274   1.00 83.60 ? 40  MET A CE  1 
ATOM   196  N N   . GLN A 1 25  ? 0.493   -12.823 7.586   1.00 60.48 ? 41  GLN A N   1 
ATOM   197  C CA  . GLN A 1 25  ? -0.889  -13.212 7.324   1.00 63.33 ? 41  GLN A CA  1 
ATOM   198  C C   . GLN A 1 25  ? -1.018  -13.724 5.892   1.00 59.05 ? 41  GLN A C   1 
ATOM   199  O O   . GLN A 1 25  ? -0.015  -14.066 5.255   1.00 59.07 ? 41  GLN A O   1 
ATOM   200  C CB  . GLN A 1 25  ? -1.838  -12.029 7.562   1.00 69.95 ? 41  GLN A CB  1 
ATOM   201  C CG  . GLN A 1 25  ? -1.618  -11.265 8.881   1.00 72.25 ? 41  GLN A CG  1 
ATOM   202  C CD  . GLN A 1 25  ? -1.931  -12.091 10.128  1.00 73.54 ? 41  GLN A CD  1 
ATOM   203  O OE1 . GLN A 1 25  ? -1.300  -13.125 10.389  1.00 72.39 ? 41  GLN A OE1 1 
ATOM   204  N NE2 . GLN A 1 25  ? -2.896  -11.620 10.917  1.00 71.41 ? 41  GLN A NE2 1 
ATOM   205  N N   . TYR A 1 26  ? -2.241  -13.779 5.373   1.00 50.98 ? 42  TYR A N   1 
ATOM   206  C CA  . TYR A 1 26  ? -2.403  -14.172 3.982   1.00 42.96 ? 42  TYR A CA  1 
ATOM   207  C C   . TYR A 1 26  ? -1.614  -13.218 3.114   1.00 30.88 ? 42  TYR A C   1 
ATOM   208  O O   . TYR A 1 26  ? -1.508  -12.026 3.418   1.00 30.75 ? 42  TYR A O   1 
ATOM   209  C CB  . TYR A 1 26  ? -3.865  -14.155 3.558   1.00 53.24 ? 42  TYR A CB  1 
ATOM   210  C CG  . TYR A 1 26  ? -4.691  -15.315 4.066   1.00 55.25 ? 42  TYR A CG  1 
ATOM   211  C CD1 . TYR A 1 26  ? -4.280  -16.072 5.156   1.00 58.80 ? 42  TYR A CD1 1 
ATOM   212  C CD2 . TYR A 1 26  ? -5.909  -15.619 3.480   1.00 54.14 ? 42  TYR A CD2 1 
ATOM   213  C CE1 . TYR A 1 26  ? -5.051  -17.115 5.626   1.00 58.20 ? 42  TYR A CE1 1 
ATOM   214  C CE2 . TYR A 1 26  ? -6.684  -16.647 3.942   1.00 55.22 ? 42  TYR A CE2 1 
ATOM   215  C CZ  . TYR A 1 26  ? -6.254  -17.393 5.011   1.00 57.02 ? 42  TYR A CZ  1 
ATOM   216  O OH  . TYR A 1 26  ? -7.037  -18.425 5.463   1.00 57.56 ? 42  TYR A OH  1 
ATOM   217  N N   . PRO A 1 27  ? -1.046  -13.741 2.024   1.00 29.66 ? 43  PRO A N   1 
ATOM   218  C CA  . PRO A 1 27  ? -0.262  -12.892 1.146   1.00 30.63 ? 43  PRO A CA  1 
ATOM   219  C C   . PRO A 1 27  ? -1.142  -11.983 0.292   1.00 34.19 ? 43  PRO A C   1 
ATOM   220  O O   . PRO A 1 27  ? -2.366  -12.137 0.264   1.00 32.86 ? 43  PRO A O   1 
ATOM   221  C CB  . PRO A 1 27  ? 0.533   -13.889 0.285   1.00 27.56 ? 43  PRO A CB  1 
ATOM   222  C CG  . PRO A 1 27  ? -0.202  -15.158 0.368   1.00 25.22 ? 43  PRO A CG  1 
ATOM   223  C CD  . PRO A 1 27  ? -1.104  -15.137 1.563   1.00 22.86 ? 43  PRO A CD  1 
ATOM   224  N N   . ILE A 1 28  ? -0.512  -11.032 -0.382  1.00 25.54 ? 44  ILE A N   1 
ATOM   225  C CA  . ILE A 1 28  ? -1.237  -10.086 -1.179  1.00 25.82 ? 44  ILE A CA  1 
ATOM   226  C C   . ILE A 1 28  ? -0.411  -9.849  -2.435  1.00 30.30 ? 44  ILE A C   1 
ATOM   227  O O   . ILE A 1 28  ? 0.817   -9.899  -2.389  1.00 24.48 ? 44  ILE A O   1 
ATOM   228  C CB  . ILE A 1 28  ? -1.516  -8.784  -0.368  1.00 27.14 ? 44  ILE A CB  1 
ATOM   229  C CG1 . ILE A 1 28  ? -2.427  -7.833  -1.124  1.00 17.75 ? 44  ILE A CG1 1 
ATOM   230  C CG2 . ILE A 1 28  ? -0.246  -8.048  -0.042  1.00 28.09 ? 44  ILE A CG2 1 
ATOM   231  C CD1 . ILE A 1 28  ? -2.998  -6.738  -0.247  1.00 22.66 ? 44  ILE A CD1 1 
ATOM   232  N N   . SER A 1 29  ? -1.080  -9.653  -3.571  1.00 30.18 ? 45  SER A N   1 
ATOM   233  C CA  . SER A 1 29  ? -0.395  -9.305  -4.815  1.00 22.14 ? 45  SER A CA  1 
ATOM   234  C C   . SER A 1 29  ? -0.762  -7.877  -5.134  1.00 28.86 ? 45  SER A C   1 
ATOM   235  O O   . SER A 1 29  ? -1.927  -7.496  -5.089  1.00 27.17 ? 45  SER A O   1 
ATOM   236  C CB  . SER A 1 29  ? -0.804  -10.228 -5.959  1.00 27.01 ? 45  SER A CB  1 
ATOM   237  O OG  . SER A 1 29  ? -0.042  -9.972  -7.120  1.00 25.01 ? 45  SER A OG  1 
ATOM   238  N N   . ILE A 1 30  ? 0.245   -7.071  -5.412  1.00 31.12 ? 46  ILE A N   1 
ATOM   239  C CA  . ILE A 1 30  ? 0.063   -5.651  -5.547  1.00 30.66 ? 46  ILE A CA  1 
ATOM   240  C C   . ILE A 1 30  ? 0.766   -5.292  -6.822  1.00 34.08 ? 46  ILE A C   1 
ATOM   241  O O   . ILE A 1 30  ? 1.937   -5.638  -7.010  1.00 32.80 ? 46  ILE A O   1 
ATOM   242  C CB  . ILE A 1 30  ? 0.670   -4.928  -4.323  1.00 35.67 ? 46  ILE A CB  1 
ATOM   243  C CG1 . ILE A 1 30  ? -0.278  -5.081  -3.138  1.00 33.85 ? 46  ILE A CG1 1 
ATOM   244  C CG2 . ILE A 1 30  ? 0.922   -3.446  -4.579  1.00 26.44 ? 46  ILE A CG2 1 
ATOM   245  C CD1 . ILE A 1 30  ? 0.355   -4.774  -1.846  1.00 35.82 ? 46  ILE A CD1 1 
ATOM   246  N N   . ASN A 1 31  ? 0.041   -4.659  -7.736  1.00 32.24 ? 47  ASN A N   1 
ATOM   247  C CA  . ASN A 1 31  ? 0.682   -4.187  -8.945  1.00 32.59 ? 47  ASN A CA  1 
ATOM   248  C C   . ASN A 1 31  ? 0.253   -2.792  -9.300  1.00 23.84 ? 47  ASN A C   1 
ATOM   249  O O   . ASN A 1 31  ? -0.877  -2.408  -9.060  1.00 25.46 ? 47  ASN A O   1 
ATOM   250  C CB  . ASN A 1 31  ? 0.490   -5.158  -10.099 1.00 46.34 ? 47  ASN A CB  1 
ATOM   251  C CG  . ASN A 1 31  ? 1.176   -6.491  -9.850  1.00 54.53 ? 47  ASN A CG  1 
ATOM   252  O OD1 . ASN A 1 31  ? 2.301   -6.724  -10.313 1.00 58.05 ? 47  ASN A OD1 1 
ATOM   253  N ND2 . ASN A 1 31  ? 0.511   -7.367  -9.097  1.00 54.12 ? 47  ASN A ND2 1 
ATOM   254  N N   . VAL A 1 32  ? 1.189   -2.027  -9.838  1.00 23.86 ? 48  VAL A N   1 
ATOM   255  C CA  . VAL A 1 32  ? 0.973   -0.615  -10.091 1.00 24.80 ? 48  VAL A CA  1 
ATOM   256  C C   . VAL A 1 32  ? 1.276   -0.282  -11.553 1.00 26.96 ? 48  VAL A C   1 
ATOM   257  O O   . VAL A 1 32  ? 2.330   -0.652  -12.085 1.00 24.86 ? 48  VAL A O   1 
ATOM   258  C CB  . VAL A 1 32  ? 1.834   0.238   -9.137  1.00 27.06 ? 48  VAL A CB  1 
ATOM   259  C CG1 . VAL A 1 32  ? 1.748   1.690   -9.519  1.00 34.98 ? 48  VAL A CG1 1 
ATOM   260  C CG2 . VAL A 1 32  ? 1.354   0.055   -7.716  1.00 28.44 ? 48  VAL A CG2 1 
ATOM   261  N N   . ASN A 1 33  ? 0.354   0.413   -12.212 1.00 23.43 ? 49  ASN A N   1 
ATOM   262  C CA  . ASN A 1 33  ? 0.492   0.648   -13.645 1.00 24.83 ? 49  ASN A CA  1 
ATOM   263  C C   . ASN A 1 33  ? 0.095   2.062   -14.048 1.00 26.38 ? 49  ASN A C   1 
ATOM   264  O O   . ASN A 1 33  ? -1.053  2.454   -13.835 1.00 26.84 ? 49  ASN A O   1 
ATOM   265  C CB  . ASN A 1 33  ? -0.371  -0.364  -14.397 1.00 25.91 ? 49  ASN A CB  1 
ATOM   266  C CG  . ASN A 1 33  ? -0.408  -0.121  -15.884 1.00 23.76 ? 49  ASN A CG  1 
ATOM   267  O OD1 . ASN A 1 33  ? 0.526   0.433   -16.471 1.00 24.99 ? 49  ASN A OD1 1 
ATOM   268  N ND2 . ASN A 1 33  ? -1.503  -0.553  -16.517 1.00 22.35 ? 49  ASN A ND2 1 
ATOM   269  N N   . PRO A 1 34  ? 1.053   2.849   -14.575 1.00 25.37 ? 50  PRO A N   1 
ATOM   270  C CA  . PRO A 1 34  ? 2.509   2.569   -14.637 1.00 25.71 ? 50  PRO A CA  1 
ATOM   271  C C   . PRO A 1 34  ? 3.160   2.750   -13.286 1.00 19.90 ? 50  PRO A C   1 
ATOM   272  O O   . PRO A 1 34  ? 2.544   3.305   -12.388 1.00 26.80 ? 50  PRO A O   1 
ATOM   273  C CB  . PRO A 1 34  ? 3.041   3.642   -15.580 1.00 25.97 ? 50  PRO A CB  1 
ATOM   274  C CG  . PRO A 1 34  ? 2.044   4.761   -15.470 1.00 29.87 ? 50  PRO A CG  1 
ATOM   275  C CD  . PRO A 1 34  ? 0.705   4.132   -15.201 1.00 20.24 ? 50  PRO A CD  1 
ATOM   276  N N   . CYS A 1 35  ? 4.397   2.307   -13.119 1.00 24.57 ? 51  CYS A N   1 
ATOM   277  C CA  . CYS A 1 35  ? 5.028   2.415   -11.796 1.00 23.41 ? 51  CYS A CA  1 
ATOM   278  C C   . CYS A 1 35  ? 5.013   3.865   -11.324 1.00 20.65 ? 51  CYS A C   1 
ATOM   279  O O   . CYS A 1 35  ? 5.256   4.761   -12.109 1.00 26.60 ? 51  CYS A O   1 
ATOM   280  C CB  . CYS A 1 35  ? 6.458   1.888   -11.822 1.00 26.31 ? 51  CYS A CB  1 
ATOM   281  S SG  . CYS A 1 35  ? 7.118   1.640   -10.169 1.00 28.52 ? 51  CYS A SG  1 
ATOM   282  N N   . ILE A 1 36  ? 4.718   4.094   -10.046 1.00 22.13 ? 52  ILE A N   1 
ATOM   283  C CA  . ILE A 1 36  ? 4.642   5.452   -9.503  1.00 23.58 ? 52  ILE A CA  1 
ATOM   284  C C   . ILE A 1 36  ? 5.948   6.222   -9.627  1.00 27.39 ? 52  ILE A C   1 
ATOM   285  O O   . ILE A 1 36  ? 6.995   5.681   -9.348  1.00 33.87 ? 52  ILE A O   1 
ATOM   286  C CB  . ILE A 1 36  ? 4.308   5.405   -8.033  1.00 27.33 ? 52  ILE A CB  1 
ATOM   287  C CG1 . ILE A 1 36  ? 2.835   5.124   -7.854  1.00 24.84 ? 52  ILE A CG1 1 
ATOM   288  C CG2 . ILE A 1 36  ? 4.674   6.722   -7.336  1.00 36.33 ? 52  ILE A CG2 1 
ATOM   289  C CD1 . ILE A 1 36  ? 2.540   4.395   -6.594  1.00 29.80 ? 52  ILE A CD1 1 
ATOM   290  N N   . GLU A 1 37  ? 5.881   7.487   -10.024 1.00 25.41 ? 53  GLU A N   1 
ATOM   291  C CA  . GLU A 1 37  ? 7.034   8.337   -9.979  1.00 25.56 ? 53  GLU A CA  1 
ATOM   292  C C   . GLU A 1 37  ? 6.962   9.256   -8.775  1.00 32.45 ? 53  GLU A C   1 
ATOM   293  O O   . GLU A 1 37  ? 5.910   9.814   -8.484  1.00 30.58 ? 53  GLU A O   1 
ATOM   294  C CB  . GLU A 1 37  ? 7.161   9.140   -11.257 1.00 32.29 ? 53  GLU A CB  1 
ATOM   295  C CG  . GLU A 1 37  ? 7.707   8.303   -12.375 1.00 42.33 ? 53  GLU A CG  1 
ATOM   296  C CD  . GLU A 1 37  ? 7.909   9.072   -13.641 1.00 45.05 ? 53  GLU A CD  1 
ATOM   297  O OE1 . GLU A 1 37  ? 8.774   9.979   -13.672 1.00 49.76 ? 53  GLU A OE1 1 
ATOM   298  O OE2 . GLU A 1 37  ? 7.217   8.740   -14.616 1.00 49.70 ? 53  GLU A OE2 1 
ATOM   299  N N   . LEU A 1 38  ? 8.085   9.415   -8.079  1.00 29.74 ? 54  LEU A N   1 
ATOM   300  C CA  . LEU A 1 38  ? 8.096   10.210  -6.855  1.00 31.10 ? 54  LEU A CA  1 
ATOM   301  C C   . LEU A 1 38  ? 7.720   11.649  -7.189  1.00 28.25 ? 54  LEU A C   1 
ATOM   302  O O   . LEU A 1 38  ? 7.017   12.307  -6.433  1.00 31.80 ? 54  LEU A O   1 
ATOM   303  C CB  . LEU A 1 38  ? 9.457   10.122  -6.142  1.00 29.71 ? 54  LEU A CB  1 
ATOM   304  C CG  . LEU A 1 38  ? 9.662   8.921   -5.219  1.00 22.46 ? 54  LEU A CG  1 
ATOM   305  C CD1 . LEU A 1 38  ? 11.113  8.662   -4.910  1.00 24.46 ? 54  LEU A CD1 1 
ATOM   306  C CD2 . LEU A 1 38  ? 8.862   9.077   -3.945  1.00 22.28 ? 54  LEU A CD2 1 
ATOM   307  N N   . LYS A 1 39  ? 8.146   12.116  -8.352  1.00 26.82 ? 55  LYS A N   1 
ATOM   308  C CA  . LYS A 1 39  ? 7.761   13.435  -8.810  1.00 27.50 ? 55  LYS A CA  1 
ATOM   309  C C   . LYS A 1 39  ? 6.270   13.596  -9.200  1.00 33.06 ? 55  LYS A C   1 
ATOM   310  O O   . LYS A 1 39  ? 5.860   14.656  -9.674  1.00 27.24 ? 55  LYS A O   1 
ATOM   311  C CB  . LYS A 1 39  ? 8.654   13.840  -9.974  1.00 32.45 ? 55  LYS A CB  1 
ATOM   312  C CG  . LYS A 1 39  ? 8.500   13.002  -11.219 1.00 38.03 ? 55  LYS A CG  1 
ATOM   313  C CD  . LYS A 1 39  ? 9.338   13.601  -12.320 1.00 36.49 ? 55  LYS A CD  1 
ATOM   314  C CE  . LYS A 1 39  ? 10.764  13.776  -11.838 1.00 39.21 ? 55  LYS A CE  1 
ATOM   315  N NZ  . LYS A 1 39  ? 11.589  12.552  -12.153 1.00 39.41 ? 55  LYS A NZ  1 
ATOM   316  N N   . GLY A 1 40  ? 5.463   12.555  -9.009  1.00 32.35 ? 56  GLY A N   1 
ATOM   317  C CA  . GLY A 1 40  ? 4.052   12.620  -9.387  1.00 29.99 ? 56  GLY A CA  1 
ATOM   318  C C   . GLY A 1 40  ? 3.674   11.845  -10.637 1.00 30.45 ? 56  GLY A C   1 
ATOM   319  O O   . GLY A 1 40  ? 4.307   11.976  -11.696 1.00 25.77 ? 56  GLY A O   1 
ATOM   320  N N   . SER A 1 41  ? 2.633   11.025  -10.504 1.00 28.96 ? 57  SER A N   1 
ATOM   321  C CA  . SER A 1 41  ? 2.080   10.281  -11.625 1.00 25.22 ? 57  SER A CA  1 
ATOM   322  C C   . SER A 1 41  ? 0.724   9.726   -11.240 1.00 21.74 ? 57  SER A C   1 
ATOM   323  O O   . SER A 1 41  ? 0.341   9.754   -10.072 1.00 28.21 ? 57  SER A O   1 
ATOM   324  C CB  . SER A 1 41  ? 3.003   9.135   -12.011 1.00 27.10 ? 57  SER A CB  1 
ATOM   325  O OG  . SER A 1 41  ? 3.020   8.176   -10.978 1.00 31.40 ? 57  SER A OG  1 
ATOM   326  N N   . LYS A 1 42  ? -0.015  9.237   -12.220 1.00 23.95 ? 58  LYS A N   1 
ATOM   327  C CA  . LYS A 1 42  ? -1.270  8.562   -11.925 1.00 26.32 ? 58  LYS A CA  1 
ATOM   328  C C   . LYS A 1 42  ? -1.314  7.208   -12.589 1.00 24.80 ? 58  LYS A C   1 
ATOM   329  O O   . LYS A 1 42  ? -0.447  6.866   -13.397 1.00 29.01 ? 58  LYS A O   1 
ATOM   330  C CB  . LYS A 1 42  ? -2.474  9.418   -12.312 1.00 27.86 ? 58  LYS A CB  1 
ATOM   331  C CG  . LYS A 1 42  ? -2.233  10.430  -13.395 1.00 28.74 ? 58  LYS A CG  1 
ATOM   332  C CD  . LYS A 1 42  ? -3.148  11.649  -13.238 1.00 32.78 ? 58  LYS A CD  1 
ATOM   333  C CE  . LYS A 1 42  ? -4.530  11.269  -12.706 1.00 39.80 ? 58  LYS A CE  1 
ATOM   334  N NZ  . LYS A 1 42  ? -5.445  12.452  -12.566 1.00 44.40 ? 58  LYS A NZ  1 
ATOM   335  N N   . GLY A 1 43  ? -2.315  6.421   -12.243 1.00 28.01 ? 59  GLY A N   1 
ATOM   336  C CA  . GLY A 1 43  ? -2.414  5.105   -12.832 1.00 24.44 ? 59  GLY A CA  1 
ATOM   337  C C   . GLY A 1 43  ? -3.377  4.200   -12.116 1.00 25.76 ? 59  GLY A C   1 
ATOM   338  O O   . GLY A 1 43  ? -4.353  4.665   -11.508 1.00 28.13 ? 59  GLY A O   1 
ATOM   339  N N   . LEU A 1 44  ? -3.084  2.901   -12.179 1.00 24.48 ? 60  LEU A N   1 
ATOM   340  C CA  . LEU A 1 44  ? -3.988  1.893   -11.688 1.00 20.37 ? 60  LEU A CA  1 
ATOM   341  C C   . LEU A 1 44  ? -3.299  0.962   -10.734 1.00 20.72 ? 60  LEU A C   1 
ATOM   342  O O   . LEU A 1 44  ? -2.198  0.486   -10.977 1.00 24.15 ? 60  LEU A O   1 
ATOM   343  C CB  . LEU A 1 44  ? -4.520  1.081   -12.857 1.00 24.22 ? 60  LEU A CB  1 
ATOM   344  C CG  . LEU A 1 44  ? -5.283  1.855   -13.936 1.00 23.16 ? 60  LEU A CG  1 
ATOM   345  C CD1 . LEU A 1 44  ? -5.560  0.951   -15.082 1.00 20.44 ? 60  LEU A CD1 1 
ATOM   346  C CD2 . LEU A 1 44  ? -6.579  2.430   -13.390 1.00 21.71 ? 60  LEU A CD2 1 
ATOM   347  N N   . LEU A 1 45  ? -3.981  0.681   -9.650  1.00 23.13 ? 61  LEU A N   1 
ATOM   348  C CA  . LEU A 1 45  ? -3.486  -0.244  -8.675  1.00 24.02 ? 61  LEU A CA  1 
ATOM   349  C C   . LEU A 1 45  ? -4.239  -1.552  -8.795  1.00 22.95 ? 61  LEU A C   1 
ATOM   350  O O   . LEU A 1 45  ? -5.447  -1.589  -8.572  1.00 22.32 ? 61  LEU A O   1 
ATOM   351  C CB  . LEU A 1 45  ? -3.724  0.352   -7.298  1.00 25.75 ? 61  LEU A CB  1 
ATOM   352  C CG  . LEU A 1 45  ? -3.478  -0.598  -6.145  1.00 28.15 ? 61  LEU A CG  1 
ATOM   353  C CD1 . LEU A 1 45  ? -2.027  -1.034  -6.128  1.00 21.78 ? 61  LEU A CD1 1 
ATOM   354  C CD2 . LEU A 1 45  ? -3.880  0.077   -4.864  1.00 27.27 ? 61  LEU A CD2 1 
ATOM   355  N N   . HIS A 1 46  ? -3.553  -2.626  -9.158  1.00 24.05 ? 62  HIS A N   1 
ATOM   356  C CA  . HIS A 1 46  ? -4.216  -3.920  -9.133  1.00 27.37 ? 62  HIS A CA  1 
ATOM   357  C C   . HIS A 1 46  ? -3.893  -4.653  -7.858  1.00 29.16 ? 62  HIS A C   1 
ATOM   358  O O   . HIS A 1 46  ? -2.734  -4.702  -7.447  1.00 35.00 ? 62  HIS A O   1 
ATOM   359  C CB  . HIS A 1 46  ? -3.870  -4.802  -10.332 1.00 29.84 ? 62  HIS A CB  1 
ATOM   360  C CG  . HIS A 1 46  ? -4.693  -6.058  -10.395 1.00 34.05 ? 62  HIS A CG  1 
ATOM   361  N ND1 . HIS A 1 46  ? -4.160  -7.316  -10.201 1.00 35.96 ? 62  HIS A ND1 1 
ATOM   362  C CD2 . HIS A 1 46  ? -6.023  -6.243  -10.593 1.00 30.23 ? 62  HIS A CD2 1 
ATOM   363  C CE1 . HIS A 1 46  ? -5.118  -8.219  -10.294 1.00 29.99 ? 62  HIS A CE1 1 
ATOM   364  N NE2 . HIS A 1 46  ? -6.257  -7.594  -10.531 1.00 33.21 ? 62  HIS A NE2 1 
ATOM   365  N N   . ILE A 1 47  ? -4.934  -5.218  -7.243  1.00 28.37 ? 63  ILE A N   1 
ATOM   366  C CA  . ILE A 1 47  ? -4.840  -5.984  -6.013  1.00 29.23 ? 63  ILE A CA  1 
ATOM   367  C C   . ILE A 1 47  ? -5.459  -7.368  -6.218  1.00 31.73 ? 63  ILE A C   1 
ATOM   368  O O   . ILE A 1 47  ? -6.629  -7.465  -6.562  1.00 27.66 ? 63  ILE A O   1 
ATOM   369  C CB  . ILE A 1 47  ? -5.636  -5.288  -4.879  1.00 28.91 ? 63  ILE A CB  1 
ATOM   370  C CG1 . ILE A 1 47  ? -5.125  -3.867  -4.622  1.00 30.96 ? 63  ILE A CG1 1 
ATOM   371  C CG2 . ILE A 1 47  ? -5.567  -6.083  -3.595  1.00 25.54 ? 63  ILE A CG2 1 
ATOM   372  C CD1 . ILE A 1 47  ? -3.827  -3.798  -3.873  1.00 23.99 ? 63  ILE A CD1 1 
ATOM   373  N N   . PHE A 1 48  ? -4.679  -8.433  -6.028  1.00 31.08 ? 64  PHE A N   1 
ATOM   374  C CA  . PHE A 1 48  ? -5.242  -9.776  -5.885  1.00 21.62 ? 64  PHE A CA  1 
ATOM   375  C C   . PHE A 1 48  ? -5.056  -10.214 -4.433  1.00 29.34 ? 64  PHE A C   1 
ATOM   376  O O   . PHE A 1 48  ? -3.941  -10.267 -3.934  1.00 33.77 ? 64  PHE A O   1 
ATOM   377  C CB  . PHE A 1 48  ? -4.592  -10.771 -6.844  1.00 28.16 ? 64  PHE A CB  1 
ATOM   378  C CG  . PHE A 1 48  ? -5.320  -12.116 -6.937  1.00 31.02 ? 64  PHE A CG  1 
ATOM   379  C CD1 . PHE A 1 48  ? -6.082  -12.438 -8.052  1.00 28.72 ? 64  PHE A CD1 1 
ATOM   380  C CD2 . PHE A 1 48  ? -5.229  -13.053 -5.915  1.00 32.11 ? 64  PHE A CD2 1 
ATOM   381  C CE1 . PHE A 1 48  ? -6.737  -13.657 -8.144  1.00 30.30 ? 64  PHE A CE1 1 
ATOM   382  C CE2 . PHE A 1 48  ? -5.887  -14.272 -6.003  1.00 26.68 ? 64  PHE A CE2 1 
ATOM   383  C CZ  . PHE A 1 48  ? -6.636  -14.572 -7.118  1.00 30.32 ? 64  PHE A CZ  1 
ATOM   384  N N   . TYR A 1 49  ? -6.149  -10.501 -3.739  1.00 23.71 ? 65  TYR A N   1 
ATOM   385  C CA  . TYR A 1 49  ? -6.086  -10.772 -2.315  1.00 25.95 ? 65  TYR A CA  1 
ATOM   386  C C   . TYR A 1 49  ? -7.183  -11.739 -1.917  1.00 31.14 ? 65  TYR A C   1 
ATOM   387  O O   . TYR A 1 49  ? -8.330  -11.549 -2.282  1.00 36.97 ? 65  TYR A O   1 
ATOM   388  C CB  . TYR A 1 49  ? -6.249  -9.475  -1.517  1.00 25.74 ? 65  TYR A CB  1 
ATOM   389  C CG  . TYR A 1 49  ? -5.915  -9.601  -0.042  1.00 28.35 ? 65  TYR A CG  1 
ATOM   390  C CD1 . TYR A 1 49  ? -4.830  -10.370 0.382   1.00 24.49 ? 65  TYR A CD1 1 
ATOM   391  C CD2 . TYR A 1 49  ? -6.660  -8.934  0.925   1.00 26.50 ? 65  TYR A CD2 1 
ATOM   392  C CE1 . TYR A 1 49  ? -4.522  -10.492 1.732   1.00 28.41 ? 65  TYR A CE1 1 
ATOM   393  C CE2 . TYR A 1 49  ? -6.350  -9.057  2.285   1.00 27.32 ? 65  TYR A CE2 1 
ATOM   394  C CZ  . TYR A 1 49  ? -5.281  -9.840  2.670   1.00 27.54 ? 65  TYR A CZ  1 
ATOM   395  O OH  . TYR A 1 49  ? -4.947  -9.959  4.008   1.00 34.90 ? 65  TYR A OH  1 
ATOM   396  N N   . ILE A 1 50  ? -6.842  -12.780 -1.173  1.00 35.17 ? 66  ILE A N   1 
ATOM   397  C CA  . ILE A 1 50  ? -7.868  -13.562 -0.495  1.00 30.55 ? 66  ILE A CA  1 
ATOM   398  C C   . ILE A 1 50  ? -7.835  -13.126 0.970   1.00 30.02 ? 66  ILE A C   1 
ATOM   399  O O   . ILE A 1 50  ? -6.865  -13.407 1.663   1.00 33.49 ? 66  ILE A O   1 
ATOM   400  C CB  . ILE A 1 50  ? -7.614  -15.058 -0.636  1.00 27.78 ? 66  ILE A CB  1 
ATOM   401  C CG1 . ILE A 1 50  ? -7.626  -15.458 -2.117  1.00 33.17 ? 66  ILE A CG1 1 
ATOM   402  C CG2 . ILE A 1 50  ? -8.680  -15.810 0.090   1.00 27.80 ? 66  ILE A CG2 1 
ATOM   403  C CD1 . ILE A 1 50  ? -6.763  -16.680 -2.450  1.00 37.35 ? 66  ILE A CD1 1 
ATOM   404  N N   . PRO A 1 51  ? -8.854  -12.379 1.430   1.00 25.25 ? 67  PRO A N   1 
ATOM   405  C CA  . PRO A 1 51  ? -8.704  -11.807 2.765   1.00 27.01 ? 67  PRO A CA  1 
ATOM   406  C C   . PRO A 1 51  ? -9.002  -12.815 3.870   1.00 39.09 ? 67  PRO A C   1 
ATOM   407  O O   . PRO A 1 51  ? -9.735  -13.783 3.628   1.00 38.32 ? 67  PRO A O   1 
ATOM   408  C CB  . PRO A 1 51  ? -9.713  -10.654 2.779   1.00 20.61 ? 67  PRO A CB  1 
ATOM   409  C CG  . PRO A 1 51  ? -10.631 -10.895 1.648   1.00 19.63 ? 67  PRO A CG  1 
ATOM   410  C CD  . PRO A 1 51  ? -10.125 -12.003 0.796   1.00 22.06 ? 67  PRO A CD  1 
ATOM   411  N N   . ARG A 1 52  ? -8.429  -12.619 5.063   1.00 42.97 ? 68  ARG A N   1 
ATOM   412  C CA  . ARG A 1 52  ? -8.806  -13.473 6.207   1.00 51.14 ? 68  ARG A CA  1 
ATOM   413  C C   . ARG A 1 52  ? -9.750  -12.757 7.172   1.00 50.12 ? 68  ARG A C   1 
ATOM   414  O O   . ARG A 1 52  ? -10.209 -13.331 8.159   1.00 52.88 ? 68  ARG A O   1 
ATOM   415  C CB  . ARG A 1 52  ? -7.604  -14.124 6.924   1.00 51.44 ? 68  ARG A CB  1 
ATOM   416  C CG  . ARG A 1 52  ? -6.530  -13.184 7.444   1.00 54.02 ? 68  ARG A CG  1 
ATOM   417  C CD  . ARG A 1 52  ? -5.347  -13.982 8.021   1.00 58.98 ? 68  ARG A CD  1 
ATOM   418  N NE  . ARG A 1 52  ? -5.416  -14.132 9.477   1.00 63.69 ? 68  ARG A NE  1 
ATOM   419  C CZ  . ARG A 1 52  ? -6.062  -15.105 10.115  1.00 62.73 ? 68  ARG A CZ  1 
ATOM   420  N NH1 . ARG A 1 52  ? -6.710  -16.040 9.437   1.00 67.53 ? 68  ARG A NH1 1 
ATOM   421  N NH2 . ARG A 1 52  ? -6.059  -15.143 11.439  1.00 60.71 ? 68  ARG A NH2 1 
ATOM   422  N N   . ARG A 1 53  ? -10.049 -11.504 6.865   1.00 43.31 ? 69  ARG A N   1 
ATOM   423  C CA  . ARG A 1 53  ? -11.104 -10.808 7.545   1.00 42.45 ? 69  ARG A CA  1 
ATOM   424  C C   . ARG A 1 53  ? -11.959 -10.272 6.442   1.00 43.19 ? 69  ARG A C   1 
ATOM   425  O O   . ARG A 1 53  ? -11.514 -10.214 5.286   1.00 34.07 ? 69  ARG A O   1 
ATOM   426  C CB  . ARG A 1 53  ? -10.565 -9.628  8.343   1.00 52.08 ? 69  ARG A CB  1 
ATOM   427  C CG  . ARG A 1 53  ? -9.619  -10.000 9.450   1.00 62.11 ? 69  ARG A CG  1 
ATOM   428  C CD  . ARG A 1 53  ? -10.341 -10.662 10.599  1.00 70.37 ? 69  ARG A CD  1 
ATOM   429  N NE  . ARG A 1 53  ? -9.385  -10.993 11.645  1.00 76.31 ? 69  ARG A NE  1 
ATOM   430  C CZ  . ARG A 1 53  ? -8.874  -12.204 11.829  1.00 76.68 ? 69  ARG A CZ  1 
ATOM   431  N NH1 . ARG A 1 53  ? -9.249  -13.213 11.057  1.00 77.33 ? 69  ARG A NH1 1 
ATOM   432  N NH2 . ARG A 1 53  ? -7.997  -12.411 12.801  1.00 78.08 ? 69  ARG A NH2 1 
ATOM   433  N N   . ASP A 1 54  ? -13.178 -9.875  6.802   1.00 41.09 ? 70  ASP A N   1 
ATOM   434  C CA  . ASP A 1 54  ? -14.053 -9.155  5.891   1.00 38.94 ? 70  ASP A CA  1 
ATOM   435  C C   . ASP A 1 54  ? -13.474 -7.770  5.712   1.00 34.49 ? 70  ASP A C   1 
ATOM   436  O O   . ASP A 1 54  ? -13.060 -7.158  6.682   1.00 35.90 ? 70  ASP A O   1 
ATOM   437  C CB  . ASP A 1 54  ? -15.447 -8.988  6.482   1.00 38.13 ? 70  ASP A CB  1 
ATOM   438  C CG  . ASP A 1 54  ? -16.049 -10.280 6.958   1.00 35.82 ? 70  ASP A CG  1 
ATOM   439  O OD1 . ASP A 1 54  ? -15.572 -11.366 6.573   1.00 30.18 ? 70  ASP A OD1 1 
ATOM   440  O OD2 . ASP A 1 54  ? -17.029 -10.189 7.721   1.00 39.39 ? 70  ASP A OD2 1 
ATOM   441  N N   . LEU A 1 55  ? -13.479 -7.266  4.482   1.00 32.00 ? 71  LEU A N   1 
ATOM   442  C CA  . LEU A 1 55  ? -12.916 -5.953  4.192   1.00 27.48 ? 71  LEU A CA  1 
ATOM   443  C C   . LEU A 1 55  ? -13.827 -4.811  4.612   1.00 28.32 ? 71  LEU A C   1 
ATOM   444  O O   . LEU A 1 55  ? -13.552 -3.665  4.297   1.00 28.48 ? 71  LEU A O   1 
ATOM   445  C CB  . LEU A 1 55  ? -12.603 -5.826  2.710   1.00 22.57 ? 71  LEU A CB  1 
ATOM   446  C CG  . LEU A 1 55  ? -11.330 -6.544  2.305   1.00 32.48 ? 71  LEU A CG  1 
ATOM   447  C CD1 . LEU A 1 55  ? -11.349 -7.962  2.844   1.00 34.25 ? 71  LEU A CD1 1 
ATOM   448  C CD2 . LEU A 1 55  ? -11.183 -6.559  0.798   1.00 35.15 ? 71  LEU A CD2 1 
ATOM   449  N N   . LYS A 1 56  ? -14.901 -5.105  5.329   1.00 33.80 ? 72  LYS A N   1 
ATOM   450  C CA  . LYS A 1 56  ? -15.866 -4.057  5.617   1.00 41.39 ? 72  LYS A CA  1 
ATOM   451  C C   . LYS A 1 56  ? -15.311 -3.084  6.646   1.00 45.80 ? 72  LYS A C   1 
ATOM   452  O O   . LYS A 1 56  ? -14.706 -3.494  7.632   1.00 50.91 ? 72  LYS A O   1 
ATOM   453  C CB  . LYS A 1 56  ? -17.240 -4.616  6.020   1.00 39.12 ? 72  LYS A CB  1 
ATOM   454  C CG  . LYS A 1 56  ? -17.266 -5.566  7.212   1.00 39.14 ? 72  LYS A CG  1 
ATOM   455  C CD  . LYS A 1 56  ? -18.705 -5.723  7.699   1.00 37.06 ? 72  LYS A CD  1 
ATOM   456  C CE  . LYS A 1 56  ? -18.814 -6.740  8.819   1.00 42.57 ? 72  LYS A CE  1 
ATOM   457  N NZ  . LYS A 1 56  ? -19.185 -8.104  8.346   1.00 44.11 ? 72  LYS A NZ  1 
ATOM   458  N N   . GLN A 1 57  ? -15.505 -1.795  6.388   1.00 49.01 ? 73  GLN A N   1 
ATOM   459  C CA  . GLN A 1 57  ? -14.982 -0.735  7.243   1.00 52.14 ? 73  GLN A CA  1 
ATOM   460  C C   . GLN A 1 57  ? -13.453 -0.710  7.290   1.00 51.51 ? 73  GLN A C   1 
ATOM   461  O O   . GLN A 1 57  ? -12.866 -0.433  8.335   1.00 54.26 ? 73  GLN A O   1 
ATOM   462  C CB  . GLN A 1 57  ? -15.564 -0.848  8.649   1.00 52.67 ? 73  GLN A CB  1 
ATOM   463  C CG  . GLN A 1 57  ? -17.077 -0.778  8.655   1.00 64.30 ? 73  GLN A CG  1 
ATOM   464  C CD  . GLN A 1 57  ? -17.681 -0.730  10.052  1.00 70.10 ? 73  GLN A CD  1 
ATOM   465  O OE1 . GLN A 1 57  ? -17.052 -0.261  11.011  1.00 71.22 ? 73  GLN A OE1 1 
ATOM   466  N NE2 . GLN A 1 57  ? -18.921 -1.213  10.172  1.00 71.55 ? 73  GLN A NE2 1 
ATOM   467  N N   . LEU A 1 58  ? -12.826 -0.987  6.146   1.00 48.97 ? 74  LEU A N   1 
ATOM   468  C CA  . LEU A 1 58  ? -11.368 -1.030  6.020   1.00 43.48 ? 74  LEU A CA  1 
ATOM   469  C C   . LEU A 1 58  ? -10.765 0.355   6.073   1.00 39.98 ? 74  LEU A C   1 
ATOM   470  O O   . LEU A 1 58  ? -11.232 1.248   5.387   1.00 39.39 ? 74  LEU A O   1 
ATOM   471  C CB  . LEU A 1 58  ? -10.977 -1.698  4.698   1.00 37.59 ? 74  LEU A CB  1 
ATOM   472  C CG  . LEU A 1 58  ? -9.522  -1.619  4.237   1.00 30.13 ? 74  LEU A CG  1 
ATOM   473  C CD1 . LEU A 1 58  ? -8.619  -2.572  4.997   1.00 31.61 ? 74  LEU A CD1 1 
ATOM   474  C CD2 . LEU A 1 58  ? -9.473  -1.934  2.807   1.00 28.00 ? 74  LEU A CD2 1 
ATOM   475  N N   . TYR A 1 59  ? -9.728  0.529   6.894   1.00 42.91 ? 75  TYR A N   1 
ATOM   476  C CA  . TYR A 1 59  ? -8.953  1.786   6.938   1.00 41.84 ? 75  TYR A CA  1 
ATOM   477  C C   . TYR A 1 59  ? -7.456  1.472   7.067   1.00 38.65 ? 75  TYR A C   1 
ATOM   478  O O   . TYR A 1 59  ? -7.075  0.368   7.465   1.00 39.01 ? 75  TYR A O   1 
ATOM   479  C CB  . TYR A 1 59  ? -9.428  2.706   8.080   1.00 42.31 ? 75  TYR A CB  1 
ATOM   480  C CG  . TYR A 1 59  ? -9.182  2.131   9.463   1.00 48.16 ? 75  TYR A CG  1 
ATOM   481  C CD1 . TYR A 1 59  ? -10.010 1.145   9.986   1.00 47.01 ? 75  TYR A CD1 1 
ATOM   482  C CD2 . TYR A 1 59  ? -8.110  2.564   10.242  1.00 49.94 ? 75  TYR A CD2 1 
ATOM   483  C CE1 . TYR A 1 59  ? -9.787  0.611   11.244  1.00 48.80 ? 75  TYR A CE1 1 
ATOM   484  C CE2 . TYR A 1 59  ? -7.875  2.033   11.505  1.00 47.42 ? 75  TYR A CE2 1 
ATOM   485  C CZ  . TYR A 1 59  ? -8.717  1.056   11.998  1.00 49.24 ? 75  TYR A CZ  1 
ATOM   486  O OH  . TYR A 1 59  ? -8.490  0.515   13.243  1.00 48.12 ? 75  TYR A OH  1 
ATOM   487  N N   . PHE A 1 60  ? -6.616  2.438   6.717   1.00 34.58 ? 76  PHE A N   1 
ATOM   488  C CA  . PHE A 1 60  ? -5.177  2.309   6.871   1.00 30.81 ? 76  PHE A CA  1 
ATOM   489  C C   . PHE A 1 60  ? -4.619  3.275   7.904   1.00 29.71 ? 76  PHE A C   1 
ATOM   490  O O   . PHE A 1 60  ? -4.901  4.470   7.845   1.00 30.11 ? 76  PHE A O   1 
ATOM   491  C CB  . PHE A 1 60  ? -4.462  2.646   5.574   1.00 25.42 ? 76  PHE A CB  1 
ATOM   492  C CG  . PHE A 1 60  ? -4.747  1.706   4.455   1.00 26.12 ? 76  PHE A CG  1 
ATOM   493  C CD1 . PHE A 1 60  ? -5.127  0.412   4.698   1.00 26.33 ? 76  PHE A CD1 1 
ATOM   494  C CD2 . PHE A 1 60  ? -4.585  2.115   3.155   1.00 23.56 ? 76  PHE A CD2 1 
ATOM   495  C CE1 . PHE A 1 60  ? -5.369  -0.442  3.660   1.00 28.45 ? 76  PHE A CE1 1 
ATOM   496  C CE2 . PHE A 1 60  ? -4.821  1.266   2.131   1.00 25.54 ? 76  PHE A CE2 1 
ATOM   497  C CZ  . PHE A 1 60  ? -5.216  -0.024  2.390   1.00 26.55 ? 76  PHE A CZ  1 
ATOM   498  N N   . ASN A 1 61  ? -3.812  2.767   8.832   1.00 31.85 ? 77  ASN A N   1 
ATOM   499  C CA  . ASN A 1 61  ? -2.859  3.635   9.551   1.00 29.99 ? 77  ASN A CA  1 
ATOM   500  C C   . ASN A 1 61  ? -1.589  3.694   8.709   1.00 24.03 ? 77  ASN A C   1 
ATOM   501  O O   . ASN A 1 61  ? -0.997  2.665   8.398   1.00 29.62 ? 77  ASN A O   1 
ATOM   502  C CB  . ASN A 1 61  ? -2.522  3.082   10.935  1.00 28.77 ? 77  ASN A CB  1 
ATOM   503  C CG  . ASN A 1 61  ? -3.688  3.131   11.893  1.00 30.67 ? 77  ASN A CG  1 
ATOM   504  O OD1 . ASN A 1 61  ? -4.449  4.091   11.915  1.00 32.67 ? 77  ASN A OD1 1 
ATOM   505  N ND2 . ASN A 1 61  ? -3.826  2.093   12.701  1.00 31.95 ? 77  ASN A ND2 1 
ATOM   506  N N   . LEU A 1 62  ? -1.207  4.892   8.299   1.00 23.48 ? 78  LEU A N   1 
ATOM   507  C CA  . LEU A 1 62  ? 0.014   5.109   7.533   1.00 23.33 ? 78  LEU A CA  1 
ATOM   508  C C   . LEU A 1 62  ? 1.101   5.739   8.382   1.00 28.32 ? 78  LEU A C   1 
ATOM   509  O O   . LEU A 1 62  ? 0.931   6.839   8.939   1.00 21.67 ? 78  LEU A O   1 
ATOM   510  C CB  . LEU A 1 62  ? -0.256  6.033   6.351   1.00 19.00 ? 78  LEU A CB  1 
ATOM   511  C CG  . LEU A 1 62  ? -1.419  5.593   5.446   1.00 22.20 ? 78  LEU A CG  1 
ATOM   512  C CD1 . LEU A 1 62  ? -1.611  6.626   4.370   1.00 26.07 ? 78  LEU A CD1 1 
ATOM   513  C CD2 . LEU A 1 62  ? -1.193  4.220   4.825   1.00 15.33 ? 78  LEU A CD2 1 
ATOM   514  N N   . TYR A 1 63  ? 2.223   5.039   8.476   1.00 30.52 ? 79  TYR A N   1 
ATOM   515  C CA  . TYR A 1 63  ? 3.418   5.601   9.083   1.00 25.71 ? 79  TYR A CA  1 
ATOM   516  C C   . TYR A 1 63  ? 4.460   5.841   8.029   1.00 19.09 ? 79  TYR A C   1 
ATOM   517  O O   . TYR A 1 63  ? 5.137   4.907   7.617   1.00 16.04 ? 79  TYR A O   1 
ATOM   518  C CB  . TYR A 1 63  ? 3.995   4.662   10.120  1.00 21.07 ? 79  TYR A CB  1 
ATOM   519  C CG  . TYR A 1 63  ? 3.148   4.486   11.326  1.00 22.60 ? 79  TYR A CG  1 
ATOM   520  C CD1 . TYR A 1 63  ? 2.135   3.538   11.346  1.00 20.84 ? 79  TYR A CD1 1 
ATOM   521  C CD2 . TYR A 1 63  ? 3.359   5.266   12.461  1.00 27.36 ? 79  TYR A CD2 1 
ATOM   522  C CE1 . TYR A 1 63  ? 1.354   3.356   12.456  1.00 29.14 ? 79  TYR A CE1 1 
ATOM   523  C CE2 . TYR A 1 63  ? 2.583   5.098   13.595  1.00 29.27 ? 79  TYR A CE2 1 
ATOM   524  C CZ  . TYR A 1 63  ? 1.580   4.130   13.589  1.00 32.48 ? 79  TYR A CZ  1 
ATOM   525  O OH  . TYR A 1 63  ? 0.790   3.934   14.707  1.00 31.60 ? 79  TYR A OH  1 
ATOM   526  N N   . ILE A 1 64  ? 4.597   7.102   7.624   1.00 20.70 ? 80  ILE A N   1 
ATOM   527  C CA  . ILE A 1 64  ? 5.544   7.517   6.599   1.00 21.03 ? 80  ILE A CA  1 
ATOM   528  C C   . ILE A 1 64  ? 6.876   7.989   7.222   1.00 23.79 ? 80  ILE A C   1 
ATOM   529  O O   . ILE A 1 64  ? 6.874   8.639   8.260   1.00 27.72 ? 80  ILE A O   1 
ATOM   530  C CB  . ILE A 1 64  ? 4.924   8.626   5.727   1.00 22.98 ? 80  ILE A CB  1 
ATOM   531  C CG1 . ILE A 1 64  ? 3.688   8.088   5.000   1.00 28.41 ? 80  ILE A CG1 1 
ATOM   532  C CG2 . ILE A 1 64  ? 5.909   9.136   4.696   1.00 21.74 ? 80  ILE A CG2 1 
ATOM   533  C CD1 . ILE A 1 64  ? 2.833   9.153   4.380   1.00 23.99 ? 80  ILE A CD1 1 
ATOM   534  N N   . THR A 1 65  ? 7.994   7.636   6.582   1.00 20.86 ? 81  THR A N   1 
ATOM   535  C CA  . THR A 1 65  ? 9.349   7.965   7.046   1.00 22.65 ? 81  THR A CA  1 
ATOM   536  C C   . THR A 1 65  ? 10.115  8.573   5.876   1.00 25.07 ? 81  THR A C   1 
ATOM   537  O O   . THR A 1 65  ? 10.175  7.989   4.800   1.00 25.22 ? 81  THR A O   1 
ATOM   538  C CB  . THR A 1 65  ? 10.079  6.705   7.573   1.00 16.44 ? 81  THR A CB  1 
ATOM   539  O OG1 . THR A 1 65  ? 9.289   6.098   8.598   1.00 19.80 ? 81  THR A OG1 1 
ATOM   540  C CG2 . THR A 1 65  ? 11.423  7.028   8.137   1.00 18.04 ? 81  THR A CG2 1 
ATOM   541  N N   . VAL A 1 66  ? 10.673  9.763   6.075   1.00 21.66 ? 82  VAL A N   1 
ATOM   542  C CA  . VAL A 1 66  ? 11.353  10.473  5.017   1.00 17.35 ? 82  VAL A CA  1 
ATOM   543  C C   . VAL A 1 66  ? 12.815  10.563  5.369   1.00 17.47 ? 82  VAL A C   1 
ATOM   544  O O   . VAL A 1 66  ? 13.208  11.328  6.230   1.00 24.30 ? 82  VAL A O   1 
ATOM   545  C CB  . VAL A 1 66  ? 10.766  11.886  4.829   1.00 21.42 ? 82  VAL A CB  1 
ATOM   546  C CG1 . VAL A 1 66  ? 11.503  12.644  3.729   1.00 20.49 ? 82  VAL A CG1 1 
ATOM   547  C CG2 . VAL A 1 66  ? 9.283   11.800  4.520   1.00 24.84 ? 82  VAL A CG2 1 
ATOM   548  N N   . ASN A 1 67  ? 13.633  9.764   4.710   1.00 25.96 ? 83  ASN A N   1 
ATOM   549  C CA  . ASN A 1 67  ? 15.036  9.675   5.088   1.00 26.41 ? 83  ASN A CA  1 
ATOM   550  C C   . ASN A 1 67  ? 15.251  9.618   6.603   1.00 29.84 ? 83  ASN A C   1 
ATOM   551  O O   . ASN A 1 67  ? 15.845  10.518  7.192   1.00 36.17 ? 83  ASN A O   1 
ATOM   552  C CB  . ASN A 1 67  ? 15.773  10.836  4.457   1.00 23.74 ? 83  ASN A CB  1 
ATOM   553  C CG  . ASN A 1 67  ? 15.799  10.731  2.969   1.00 17.49 ? 83  ASN A CG  1 
ATOM   554  O OD1 . ASN A 1 67  ? 16.347  9.782   2.433   1.00 19.20 ? 83  ASN A OD1 1 
ATOM   555  N ND2 . ASN A 1 67  ? 15.189  11.694  2.283   1.00 21.40 ? 83  ASN A ND2 1 
ATOM   556  N N   . THR A 1 68  ? 14.755  8.539   7.209   1.00 27.55 ? 84  THR A N   1 
ATOM   557  C CA  . THR A 1 68  ? 14.798  8.267   8.651   1.00 25.60 ? 84  THR A CA  1 
ATOM   558  C C   . THR A 1 68  ? 13.947  9.157   9.550   1.00 24.89 ? 84  THR A C   1 
ATOM   559  O O   . THR A 1 68  ? 13.735  8.818   10.708  1.00 25.86 ? 84  THR A O   1 
ATOM   560  C CB  . THR A 1 68  ? 16.235  8.146   9.202   1.00 21.62 ? 84  THR A CB  1 
ATOM   561  O OG1 . THR A 1 68  ? 16.814  9.444   9.346   1.00 25.42 ? 84  THR A OG1 1 
ATOM   562  C CG2 . THR A 1 68  ? 17.066  7.326   8.251   1.00 22.12 ? 84  THR A CG2 1 
ATOM   563  N N   . MET A 1 69  ? 13.446  10.274  9.028   1.00 22.48 ? 85  MET A N   1 
ATOM   564  C CA  . MET A 1 69  ? 12.536  11.126  9.797   1.00 25.26 ? 85  MET A CA  1 
ATOM   565  C C   . MET A 1 69  ? 11.099  10.626  9.773   1.00 26.43 ? 85  MET A C   1 
ATOM   566  O O   . MET A 1 69  ? 10.438  10.637  8.748   1.00 30.36 ? 85  MET A O   1 
ATOM   567  C CB  . MET A 1 69  ? 12.568  12.559  9.294   1.00 27.21 ? 85  MET A CB  1 
ATOM   568  C CG  . MET A 1 69  ? 13.958  13.198  9.352   1.00 52.09 ? 85  MET A CG  1 
ATOM   569  S SD  . MET A 1 69  ? 14.475  13.711  11.016  1.00 69.92 ? 85  MET A SD  1 
ATOM   570  C CE  . MET A 1 69  ? 13.717  15.341  11.132  1.00 62.98 ? 85  MET A CE  1 
ATOM   571  N N   . ASN A 1 70  ? 10.623  10.175  10.915  1.00 27.80 ? 86  ASN A N   1 
ATOM   572  C CA  . ASN A 1 70  ? 9.278   9.695   11.014  1.00 27.60 ? 86  ASN A CA  1 
ATOM   573  C C   . ASN A 1 70  ? 8.337   10.889  10.942  1.00 30.85 ? 86  ASN A C   1 
ATOM   574  O O   . ASN A 1 70  ? 8.627   11.950  11.480  1.00 36.19 ? 86  ASN A O   1 
ATOM   575  C CB  . ASN A 1 70  ? 9.092   8.894   12.312  1.00 27.19 ? 86  ASN A CB  1 
ATOM   576  C CG  . ASN A 1 70  ? 9.958   7.644   12.366  1.00 26.25 ? 86  ASN A CG  1 
ATOM   577  O OD1 . ASN A 1 70  ? 10.398  7.210   13.433  1.00 30.53 ? 86  ASN A OD1 1 
ATOM   578  N ND2 . ASN A 1 70  ? 10.213  7.064   11.217  1.00 23.75 ? 86  ASN A ND2 1 
ATOM   579  N N   . LEU A 1 71  ? 7.235   10.734  10.219  1.00 32.68 ? 87  LEU A N   1 
ATOM   580  C CA  . LEU A 1 71  ? 6.189   11.732  10.221  1.00 27.83 ? 87  LEU A CA  1 
ATOM   581  C C   . LEU A 1 71  ? 5.099   11.220  11.157  1.00 31.96 ? 87  LEU A C   1 
ATOM   582  O O   . LEU A 1 71  ? 5.074   10.017  11.500  1.00 27.22 ? 87  LEU A O   1 
ATOM   583  C CB  . LEU A 1 71  ? 5.615   11.935  8.817   1.00 33.94 ? 87  LEU A CB  1 
ATOM   584  C CG  . LEU A 1 71  ? 6.521   12.294  7.639   1.00 32.20 ? 87  LEU A CG  1 
ATOM   585  C CD1 . LEU A 1 71  ? 5.672   12.550  6.408   1.00 30.93 ? 87  LEU A CD1 1 
ATOM   586  C CD2 . LEU A 1 71  ? 7.377   13.497  7.965   1.00 35.00 ? 87  LEU A CD2 1 
ATOM   587  N N   . PRO A 1 72  ? 4.206   12.126  11.597  1.00 29.46 ? 88  PRO A N   1 
ATOM   588  C CA  . PRO A 1 72  ? 3.107   11.720  12.461  1.00 34.73 ? 88  PRO A CA  1 
ATOM   589  C C   . PRO A 1 72  ? 2.147   10.785  11.718  1.00 31.79 ? 88  PRO A C   1 
ATOM   590  O O   . PRO A 1 72  ? 1.975   10.920  10.510  1.00 35.19 ? 88  PRO A O   1 
ATOM   591  C CB  . PRO A 1 72  ? 2.421   13.049  12.810  1.00 37.92 ? 88  PRO A CB  1 
ATOM   592  C CG  . PRO A 1 72  ? 3.420   14.114  12.484  1.00 37.51 ? 88  PRO A CG  1 
ATOM   593  C CD  . PRO A 1 72  ? 4.188   13.574  11.328  1.00 34.70 ? 88  PRO A CD  1 
ATOM   594  N N   . LYS A 1 73  ? 1.550   9.843   12.441  1.00 28.86 ? 89  LYS A N   1 
ATOM   595  C CA  . LYS A 1 73  ? 0.620   8.889   11.870  1.00 30.19 ? 89  LYS A CA  1 
ATOM   596  C C   . LYS A 1 73  ? -0.395  9.588   10.962  1.00 37.44 ? 89  LYS A C   1 
ATOM   597  O O   . LYS A 1 73  ? -0.708  10.772  11.150  1.00 36.80 ? 89  LYS A O   1 
ATOM   598  C CB  . LYS A 1 73  ? -0.108  8.149   12.980  1.00 29.72 ? 89  LYS A CB  1 
ATOM   599  C CG  . LYS A 1 73  ? -0.399  6.704   12.668  1.00 32.86 ? 89  LYS A CG  1 
ATOM   600  C CD  . LYS A 1 73  ? -1.324  6.103   13.695  1.00 34.79 ? 89  LYS A CD  1 
ATOM   601  C CE  . LYS A 1 73  ? -2.592  6.931   13.814  1.00 37.18 ? 89  LYS A CE  1 
ATOM   602  N NZ  . LYS A 1 73  ? -3.543  6.363   14.813  1.00 36.10 ? 89  LYS A NZ  1 
ATOM   603  N N   . ARG A 1 74  ? -0.876  8.858   9.959   1.00 34.57 ? 90  ARG A N   1 
ATOM   604  C CA  . ARG A 1 74  ? -1.971  9.319   9.122   1.00 31.93 ? 90  ARG A CA  1 
ATOM   605  C C   . ARG A 1 74  ? -3.032  8.221   9.085   1.00 35.43 ? 90  ARG A C   1 
ATOM   606  O O   . ARG A 1 74  ? -2.724  7.047   9.193   1.00 33.88 ? 90  ARG A O   1 
ATOM   607  C CB  . ARG A 1 74  ? -1.483  9.676   7.706   1.00 32.51 ? 90  ARG A CB  1 
ATOM   608  C CG  . ARG A 1 74  ? -0.613  10.948  7.627   1.00 31.74 ? 90  ARG A CG  1 
ATOM   609  C CD  . ARG A 1 74  ? -0.185  11.268  6.207   1.00 35.28 ? 90  ARG A CD  1 
ATOM   610  N NE  . ARG A 1 74  ? 0.785   12.360  6.134   1.00 32.88 ? 90  ARG A NE  1 
ATOM   611  C CZ  . ARG A 1 74  ? 1.330   12.797  4.999   1.00 34.01 ? 90  ARG A CZ  1 
ATOM   612  N NH1 . ARG A 1 74  ? 1.005   12.235  3.847   1.00 38.34 ? 90  ARG A NH1 1 
ATOM   613  N NH2 . ARG A 1 74  ? 2.195   13.798  5.009   1.00 34.61 ? 90  ARG A NH2 1 
ATOM   614  N N   . LYS A 1 75  ? -4.293  8.609   8.975   1.00 40.03 ? 91  LYS A N   1 
ATOM   615  C CA  . LYS A 1 75  ? -5.354  7.638   8.796   1.00 40.53 ? 91  LYS A CA  1 
ATOM   616  C C   . LYS A 1 75  ? -6.063  7.968   7.495   1.00 40.06 ? 91  LYS A C   1 
ATOM   617  O O   . LYS A 1 75  ? -6.234  9.131   7.134   1.00 44.57 ? 91  LYS A O   1 
ATOM   618  C CB  . LYS A 1 75  ? -6.342  7.645   9.963   1.00 38.78 ? 91  LYS A CB  1 
ATOM   619  C CG  . LYS A 1 75  ? -7.280  6.438   9.958   1.00 40.33 ? 91  LYS A CG  1 
ATOM   620  C CD  . LYS A 1 75  ? -8.197  6.400   11.183  1.00 42.41 ? 91  LYS A CD  1 
ATOM   621  C CE  . LYS A 1 75  ? -9.213  5.259   11.031  1.00 44.72 ? 91  LYS A CE  1 
ATOM   622  N NZ  . LYS A 1 75  ? -9.783  4.785   12.338  1.00 46.60 ? 91  LYS A NZ  1 
ATOM   623  N N   . GLU A 1 76  ? -6.440  6.933   6.767   1.00 38.05 ? 92  GLU A N   1 
ATOM   624  C CA  . GLU A 1 76  ? -7.226  7.115   5.579   1.00 39.36 ? 92  GLU A CA  1 
ATOM   625  C C   . GLU A 1 76  ? -8.211  5.969   5.579   1.00 38.66 ? 92  GLU A C   1 
ATOM   626  O O   . GLU A 1 76  ? -7.817  4.816   5.430   1.00 37.88 ? 92  GLU A O   1 
ATOM   627  C CB  . GLU A 1 76  ? -6.348  7.070   4.324   1.00 42.88 ? 92  GLU A CB  1 
ATOM   628  C CG  . GLU A 1 76  ? -5.008  7.788   4.440   1.00 49.71 ? 92  GLU A CG  1 
ATOM   629  C CD  . GLU A 1 76  ? -5.070  9.272   4.133   1.00 56.27 ? 92  GLU A CD  1 
ATOM   630  O OE1 . GLU A 1 76  ? -6.190  9.811   3.985   1.00 61.79 ? 92  GLU A OE1 1 
ATOM   631  O OE2 . GLU A 1 76  ? -3.986  9.901   4.041   1.00 60.11 ? 92  GLU A OE2 1 
ATOM   632  N N   . VAL A 1 77  ? -9.485  6.280   5.799   1.00 42.24 ? 93  VAL A N   1 
ATOM   633  C CA  . VAL A 1 77  ? -10.527 5.274   5.692   1.00 42.53 ? 93  VAL A CA  1 
ATOM   634  C C   . VAL A 1 77  ? -10.732 4.951   4.228   1.00 36.43 ? 93  VAL A C   1 
ATOM   635  O O   . VAL A 1 77  ? -10.794 5.845   3.395   1.00 34.65 ? 93  VAL A O   1 
ATOM   636  C CB  . VAL A 1 77  ? -11.847 5.728   6.318   1.00 48.49 ? 93  VAL A CB  1 
ATOM   637  C CG1 . VAL A 1 77  ? -13.018 4.963   5.691   1.00 52.20 ? 93  VAL A CG1 1 
ATOM   638  C CG2 . VAL A 1 77  ? -11.809 5.512   7.834   1.00 49.23 ? 93  VAL A CG2 1 
ATOM   639  N N   . ILE A 1 78  ? -10.814 3.661   3.923   1.00 38.74 ? 94  ILE A N   1 
ATOM   640  C CA  . ILE A 1 78  ? -10.897 3.192   2.552   1.00 33.59 ? 94  ILE A CA  1 
ATOM   641  C C   . ILE A 1 78  ? -12.326 2.773   2.234   1.00 40.99 ? 94  ILE A C   1 
ATOM   642  O O   . ILE A 1 78  ? -12.946 3.286   1.304   1.00 44.41 ? 94  ILE A O   1 
ATOM   643  C CB  . ILE A 1 78  ? -9.971  2.002   2.339   1.00 28.78 ? 94  ILE A CB  1 
ATOM   644  C CG1 . ILE A 1 78  ? -8.531  2.393   2.664   1.00 22.76 ? 94  ILE A CG1 1 
ATOM   645  C CG2 . ILE A 1 78  ? -10.105 1.477   0.943   1.00 18.63 ? 94  ILE A CG2 1 
ATOM   646  C CD1 . ILE A 1 78  ? -8.093  3.658   2.042   1.00 20.31 ? 94  ILE A CD1 1 
ATOM   647  N N   . CYS A 1 79  ? -12.831 1.826   3.013   1.00 44.74 ? 95  CYS A N   1 
ATOM   648  C CA  . CYS A 1 79  ? -14.226 1.457   2.983   1.00 44.93 ? 95  CYS A CA  1 
ATOM   649  C C   . CYS A 1 79  ? -14.970 2.318   4.000   1.00 53.08 ? 95  CYS A C   1 
ATOM   650  O O   . CYS A 1 79  ? -14.747 2.191   5.202   1.00 57.35 ? 95  CYS A O   1 
ATOM   651  C CB  . CYS A 1 79  ? -14.384 -0.015  3.347   1.00 38.99 ? 95  CYS A CB  1 
ATOM   652  S SG  . CYS A 1 79  ? -13.703 -1.159  2.151   1.00 37.86 ? 95  CYS A SG  1 
ATOM   653  N N   . ARG A 1 80  ? -15.844 3.197   3.513   1.00 62.89 ? 96  ARG A N   1 
ATOM   654  C CA  . ARG A 1 80  ? -16.681 4.031   4.383   1.00 70.41 ? 96  ARG A CA  1 
ATOM   655  C C   . ARG A 1 80  ? -18.124 3.520   4.486   1.00 73.50 ? 96  ARG A C   1 
ATOM   656  O O   . ARG A 1 80  ? -18.356 2.342   4.778   1.00 74.50 ? 96  ARG A O   1 
ATOM   657  C CB  . ARG A 1 80  ? -16.660 5.489   3.922   1.00 70.26 ? 96  ARG A CB  1 
ATOM   658  C CG  . ARG A 1 80  ? -16.627 5.687   2.403   1.00 73.69 ? 96  ARG A CG  1 
ATOM   659  C CD  . ARG A 1 80  ? -16.591 7.171   2.041   1.00 77.14 ? 96  ARG A CD  1 
ATOM   660  N NE  . ARG A 1 80  ? -15.549 7.910   2.771   1.00 84.41 ? 96  ARG A NE  1 
ATOM   661  C CZ  . ARG A 1 80  ? -15.771 8.709   3.820   1.00 84.87 ? 96  ARG A CZ  1 
ATOM   662  N NH1 . ARG A 1 80  ? -17.003 8.888   4.287   1.00 84.14 ? 96  ARG A NH1 1 
ATOM   663  N NH2 . ARG A 1 80  ? -14.755 9.335   4.409   1.00 83.96 ? 96  ARG A NH2 1 
ATOM   664  N N   . GLY A 1 81  ? -19.087 4.408   4.248   1.00 78.60 ? 97  GLY A N   1 
ATOM   665  C CA  . GLY A 1 81  ? -20.508 4.070   4.383   1.00 81.65 ? 97  GLY A CA  1 
ATOM   666  C C   . GLY A 1 81  ? -21.265 3.820   3.087   1.00 81.13 ? 97  GLY A C   1 
ATOM   667  O O   . GLY A 1 81  ? -21.051 4.503   2.083   1.00 80.06 ? 97  GLY A O   1 
ATOM   668  N N   . SER A 1 82  ? -22.175 2.836   3.122   1.00 88.48 ? 98  SER A N   1 
ATOM   669  C CA  . SER A 1 82  ? -23.007 2.503   1.972   1.00 88.48 ? 98  SER A CA  1 
ATOM   670  C C   . SER A 1 82  ? -22.184 2.466   0.687   1.00 88.48 ? 98  SER A C   1 
ATOM   671  O O   . SER A 1 82  ? -21.051 1.977   0.705   1.00 88.48 ? 98  SER A O   1 
ATOM   672  C CB  . SER A 1 82  ? -24.155 3.504   1.831   1.00 88.48 ? 98  SER A CB  1 
ATOM   673  O OG  . SER A 1 82  ? -23.666 4.800   1.533   1.00 88.48 ? 98  SER A OG  1 
ATOM   674  N N   . ASP A 1 83  ? -22.721 2.988   -0.404  1.00 88.46 ? 99  ASP A N   1 
ATOM   675  C CA  . ASP A 1 83  ? -21.991 2.943   -1.665  1.00 88.69 ? 99  ASP A CA  1 
ATOM   676  C C   . ASP A 1 83  ? -21.086 4.162   -1.865  1.00 85.86 ? 99  ASP A C   1 
ATOM   677  O O   . ASP A 1 83  ? -20.792 4.893   -0.912  1.00 82.13 ? 99  ASP A O   1 
ATOM   678  C CB  . ASP A 1 83  ? -22.928 2.724   -2.865  1.00 90.00 ? 99  ASP A CB  1 
ATOM   679  C CG  . ASP A 1 83  ? -22.292 1.855   -3.964  1.00 90.00 ? 99  ASP A CG  1 
ATOM   680  O OD1 . ASP A 1 83  ? -22.960 1.599   -4.991  1.00 90.00 ? 99  ASP A OD1 1 
ATOM   681  O OD2 . ASP A 1 83  ? -21.126 1.421   -3.805  1.00 90.00 ? 99  ASP A OD2 1 
ATOM   682  N N   . ASP A 1 84  ? -20.672 4.372   -3.115  1.00 82.53 ? 100 ASP A N   1 
ATOM   683  C CA  . ASP A 1 84  ? -19.491 5.167   -3.447  1.00 77.43 ? 100 ASP A CA  1 
ATOM   684  C C   . ASP A 1 84  ? -18.284 4.395   -2.910  1.00 71.30 ? 100 ASP A C   1 
ATOM   685  O O   . ASP A 1 84  ? -17.182 4.932   -2.769  1.00 74.35 ? 100 ASP A O   1 
ATOM   686  C CB  . ASP A 1 84  ? -19.569 6.583   -2.861  1.00 80.83 ? 100 ASP A CB  1 
ATOM   687  C CG  . ASP A 1 84  ? -18.831 7.619   -3.715  1.00 84.74 ? 100 ASP A CG  1 
ATOM   688  O OD1 . ASP A 1 84  ? -18.837 7.495   -4.966  1.00 84.04 ? 100 ASP A OD1 1 
ATOM   689  O OD2 . ASP A 1 84  ? -18.253 8.569   -3.130  1.00 85.65 ? 100 ASP A OD2 1 
ATOM   690  N N   . ASP A 1 85  ? -18.522 3.121   -2.608  1.00 59.86 ? 101 ASP A N   1 
ATOM   691  C CA  . ASP A 1 85  ? -17.504 2.240   -2.058  1.00 51.98 ? 101 ASP A CA  1 
ATOM   692  C C   . ASP A 1 85  ? -17.056 1.272   -3.110  1.00 48.18 ? 101 ASP A C   1 
ATOM   693  O O   . ASP A 1 85  ? -17.842 0.823   -3.954  1.00 50.00 ? 101 ASP A O   1 
ATOM   694  C CB  . ASP A 1 85  ? -18.050 1.417   -0.888  1.00 49.01 ? 101 ASP A CB  1 
ATOM   695  C CG  . ASP A 1 85  ? -17.728 2.014   0.457   1.00 41.86 ? 101 ASP A CG  1 
ATOM   696  O OD1 . ASP A 1 85  ? -17.164 3.127   0.517   1.00 43.29 ? 101 ASP A OD1 1 
ATOM   697  O OD2 . ASP A 1 85  ? -18.053 1.356   1.460   1.00 38.48 ? 101 ASP A OD2 1 
ATOM   698  N N   . TYR A 1 86  ? -15.783 0.936   -3.037  1.00 40.06 ? 102 TYR A N   1 
ATOM   699  C CA  . TYR A 1 86  ? -15.220 -0.038  -3.917  1.00 37.76 ? 102 TYR A CA  1 
ATOM   700  C C   . TYR A 1 86  ? -15.965 -1.341  -3.703  1.00 39.64 ? 102 TYR A C   1 
ATOM   701  O O   . TYR A 1 86  ? -16.367 -1.654  -2.583  1.00 39.87 ? 102 TYR A O   1 
ATOM   702  C CB  . TYR A 1 86  ? -13.753 -0.213  -3.579  1.00 38.93 ? 102 TYR A CB  1 
ATOM   703  C CG  . TYR A 1 86  ? -12.902 1.008   -3.826  1.00 38.62 ? 102 TYR A CG  1 
ATOM   704  C CD1 . TYR A 1 86  ? -12.495 1.824   -2.779  1.00 39.88 ? 102 TYR A CD1 1 
ATOM   705  C CD2 . TYR A 1 86  ? -12.486 1.330   -5.110  1.00 37.81 ? 102 TYR A CD2 1 
ATOM   706  C CE1 . TYR A 1 86  ? -11.699 2.925   -3.016  1.00 36.76 ? 102 TYR A CE1 1 
ATOM   707  C CE2 . TYR A 1 86  ? -11.715 2.430   -5.351  1.00 34.98 ? 102 TYR A CE2 1 
ATOM   708  C CZ  . TYR A 1 86  ? -11.318 3.217   -4.304  1.00 34.75 ? 102 TYR A CZ  1 
ATOM   709  O OH  . TYR A 1 86  ? -10.544 4.309   -4.567  1.00 37.53 ? 102 TYR A OH  1 
ATOM   710  N N   . SER A 1 87  ? -16.152 -2.103  -4.776  1.00 40.25 ? 103 SER A N   1 
ATOM   711  C CA  . SER A 1 87  ? -16.889 -3.352  -4.664  1.00 41.71 ? 103 SER A CA  1 
ATOM   712  C C   . SER A 1 87  ? -16.234 -4.300  -3.662  1.00 41.70 ? 103 SER A C   1 
ATOM   713  O O   . SER A 1 87  ? -16.932 -5.061  -2.995  1.00 45.51 ? 103 SER A O   1 
ATOM   714  C CB  . SER A 1 87  ? -17.080 -4.038  -6.029  1.00 44.04 ? 103 SER A CB  1 
ATOM   715  O OG  . SER A 1 87  ? -15.855 -4.391  -6.656  1.00 50.71 ? 103 SER A OG  1 
ATOM   716  N N   . PHE A 1 88  ? -14.903 -4.254  -3.548  1.00 40.73 ? 104 PHE A N   1 
ATOM   717  C CA  . PHE A 1 88  ? -14.181 -5.186  -2.664  1.00 30.95 ? 104 PHE A CA  1 
ATOM   718  C C   . PHE A 1 88  ? -14.532 -4.969  -1.198  1.00 29.53 ? 104 PHE A C   1 
ATOM   719  O O   . PHE A 1 88  ? -14.240 -5.817  -0.359  1.00 29.55 ? 104 PHE A O   1 
ATOM   720  C CB  . PHE A 1 88  ? -12.651 -5.153  -2.880  1.00 30.44 ? 104 PHE A CB  1 
ATOM   721  C CG  . PHE A 1 88  ? -12.008 -3.827  -2.578  1.00 28.11 ? 104 PHE A CG  1 
ATOM   722  C CD1 . PHE A 1 88  ? -11.493 -3.044  -3.601  1.00 26.79 ? 104 PHE A CD1 1 
ATOM   723  C CD2 . PHE A 1 88  ? -11.895 -3.372  -1.273  1.00 29.53 ? 104 PHE A CD2 1 
ATOM   724  C CE1 . PHE A 1 88  ? -10.904 -1.832  -3.333  1.00 22.73 ? 104 PHE A CE1 1 
ATOM   725  C CE2 . PHE A 1 88  ? -11.314 -2.150  -1.009  1.00 27.50 ? 104 PHE A CE2 1 
ATOM   726  C CZ  . PHE A 1 88  ? -10.824 -1.379  -2.051  1.00 25.22 ? 104 PHE A CZ  1 
ATOM   727  N N   . CYS A 1 89  ? -15.157 -3.835  -0.894  1.00 25.60 ? 105 CYS A N   1 
ATOM   728  C CA  . CYS A 1 89  ? -15.573 -3.546  0.472   1.00 32.82 ? 105 CYS A CA  1 
ATOM   729  C C   . CYS A 1 89  ? -16.611 -4.558  0.997   1.00 41.26 ? 105 CYS A C   1 
ATOM   730  O O   . CYS A 1 89  ? -16.704 -4.833  2.191   1.00 41.83 ? 105 CYS A O   1 
ATOM   731  C CB  . CYS A 1 89  ? -16.105 -2.124  0.560   1.00 30.19 ? 105 CYS A CB  1 
ATOM   732  S SG  . CYS A 1 89  ? -14.821 -0.839  0.470   1.00 39.06 ? 105 CYS A SG  1 
ATOM   733  N N   . ARG A 1 90  ? -17.385 -5.136  0.094   1.00 47.94 ? 106 ARG A N   1 
ATOM   734  C CA  . ARG A 1 90  ? -18.389 -6.109  0.494   1.00 46.40 ? 106 ARG A CA  1 
ATOM   735  C C   . ARG A 1 90  ? -17.822 -7.523  0.444   1.00 41.41 ? 106 ARG A C   1 
ATOM   736  O O   . ARG A 1 90  ? -18.584 -8.480  0.325   1.00 39.38 ? 106 ARG A O   1 
ATOM   737  C CB  . ARG A 1 90  ? -19.609 -6.031  -0.431  1.00 54.12 ? 106 ARG A CB  1 
ATOM   738  C CG  . ARG A 1 90  ? -19.913 -4.656  -1.051  1.00 62.20 ? 106 ARG A CG  1 
ATOM   739  C CD  . ARG A 1 90  ? -20.384 -3.637  -0.013  1.00 73.64 ? 106 ARG A CD  1 
ATOM   740  N NE  . ARG A 1 90  ? -21.491 -2.806  -0.501  1.00 80.48 ? 106 ARG A NE  1 
ATOM   741  C CZ  . ARG A 1 90  ? -21.355 -1.713  -1.251  1.00 83.56 ? 106 ARG A CZ  1 
ATOM   742  N NH1 . ARG A 1 90  ? -20.150 -1.289  -1.626  1.00 82.33 ? 106 ARG A NH1 1 
ATOM   743  N NH2 . ARG A 1 90  ? -22.437 -1.043  -1.630  1.00 85.27 ? 106 ARG A NH2 1 
ATOM   744  N N   . ALA A 1 91  ? -16.495 -7.660  0.518   1.00 36.85 ? 107 ALA A N   1 
ATOM   745  C CA  . ALA A 1 91  ? -15.859 -8.987  0.480   1.00 34.45 ? 107 ALA A CA  1 
ATOM   746  C C   . ALA A 1 91  ? -15.773 -9.610  1.875   1.00 31.65 ? 107 ALA A C   1 
ATOM   747  O O   . ALA A 1 91  ? -15.687 -8.911  2.866   1.00 35.97 ? 107 ALA A O   1 
ATOM   748  C CB  . ALA A 1 91  ? -14.479 -8.931  -0.186  1.00 31.69 ? 107 ALA A CB  1 
ATOM   749  N N   . LEU A 1 92  ? -15.832 -10.932 1.941   1.00 30.45 ? 108 LEU A N   1 
ATOM   750  C CA  . LEU A 1 92  ? -15.880 -11.626 3.213   1.00 30.48 ? 108 LEU A CA  1 
ATOM   751  C C   . LEU A 1 92  ? -14.701 -12.544 3.347   1.00 28.63 ? 108 LEU A C   1 
ATOM   752  O O   . LEU A 1 92  ? -14.152 -13.018 2.364   1.00 29.75 ? 108 LEU A O   1 
ATOM   753  C CB  . LEU A 1 92  ? -17.127 -12.519 3.299   1.00 31.59 ? 108 LEU A CB  1 
ATOM   754  C CG  . LEU A 1 92  ? -18.580 -12.050 3.274   1.00 30.86 ? 108 LEU A CG  1 
ATOM   755  C CD1 . LEU A 1 92  ? -19.464 -13.283 3.448   1.00 33.25 ? 108 LEU A CD1 1 
ATOM   756  C CD2 . LEU A 1 92  ? -18.866 -11.018 4.343   1.00 29.59 ? 108 LEU A CD2 1 
ATOM   757  N N   . LYS A 1 93  ? -14.348 -12.841 4.586   1.00 32.56 ? 109 LYS A N   1 
ATOM   758  C CA  . LYS A 1 93  ? -13.326 -13.817 4.832   1.00 36.96 ? 109 LYS A CA  1 
ATOM   759  C C   . LYS A 1 93  ? -13.407 -14.876 3.749   1.00 35.05 ? 109 LYS A C   1 
ATOM   760  O O   . LYS A 1 93  ? -14.393 -15.600 3.663   1.00 42.63 ? 109 LYS A O   1 
ATOM   761  C CB  . LYS A 1 93  ? -13.497 -14.445 6.226   1.00 40.62 ? 109 LYS A CB  1 
ATOM   762  C CG  . LYS A 1 93  ? -14.879 -15.035 6.517   1.00 44.42 ? 109 LYS A CG  1 
ATOM   763  C CD  . LYS A 1 93  ? -14.965 -15.538 7.947   1.00 42.70 ? 109 LYS A CD  1 
ATOM   764  C CE  . LYS A 1 93  ? -14.559 -14.446 8.936   1.00 44.42 ? 109 LYS A CE  1 
ATOM   765  N NZ  . LYS A 1 93  ? -15.425 -13.236 8.827   1.00 45.66 ? 109 LYS A NZ  1 
ATOM   766  N N   . GLY A 1 94  ? -12.385 -14.941 2.903   1.00 37.99 ? 110 GLY A N   1 
ATOM   767  C CA  . GLY A 1 94  ? -12.205 -16.070 1.973   1.00 42.01 ? 110 GLY A CA  1 
ATOM   768  C C   . GLY A 1 94  ? -12.618 -15.827 0.535   1.00 39.25 ? 110 GLY A C   1 
ATOM   769  O O   . GLY A 1 94  ? -12.372 -16.656 -0.344  1.00 35.07 ? 110 GLY A O   1 
ATOM   770  N N   . GLU A 1 95  ? -13.243 -14.681 0.303   1.00 37.51 ? 111 GLU A N   1 
ATOM   771  C CA  . GLU A 1 95  ? -13.730 -14.327 -1.012  1.00 36.03 ? 111 GLU A CA  1 
ATOM   772  C C   . GLU A 1 95  ? -12.721 -13.503 -1.808  1.00 32.79 ? 111 GLU A C   1 
ATOM   773  O O   . GLU A 1 95  ? -12.524 -12.325 -1.537  1.00 38.03 ? 111 GLU A O   1 
ATOM   774  C CB  . GLU A 1 95  ? -15.054 -13.584 -0.882  1.00 34.57 ? 111 GLU A CB  1 
ATOM   775  C CG  . GLU A 1 95  ? -16.148 -14.451 -0.301  1.00 34.91 ? 111 GLU A CG  1 
ATOM   776  C CD  . GLU A 1 95  ? -17.497 -13.760 -0.281  1.00 42.15 ? 111 GLU A CD  1 
ATOM   777  O OE1 . GLU A 1 95  ? -17.538 -12.519 -0.123  1.00 41.16 ? 111 GLU A OE1 1 
ATOM   778  O OE2 . GLU A 1 95  ? -18.521 -14.463 -0.412  1.00 44.14 ? 111 GLU A OE2 1 
ATOM   779  N N   . THR A 1 96  ? -12.108 -14.147 -2.797  1.00 25.87 ? 112 THR A N   1 
ATOM   780  C CA  . THR A 1 96  ? -11.115 -13.549 -3.666  1.00 29.33 ? 112 THR A CA  1 
ATOM   781  C C   . THR A 1 96  ? -11.454 -12.116 -4.022  1.00 33.21 ? 112 THR A C   1 
ATOM   782  O O   . THR A 1 96  ? -12.558 -11.829 -4.486  1.00 40.18 ? 112 THR A O   1 
ATOM   783  C CB  . THR A 1 96  ? -10.929 -14.386 -4.961  1.00 33.40 ? 112 THR A CB  1 
ATOM   784  O OG1 . THR A 1 96  ? -10.486 -15.713 -4.631  1.00 38.71 ? 112 THR A OG1 1 
ATOM   785  C CG2 . THR A 1 96  ? -9.908  -13.750 -5.882  1.00 38.60 ? 112 THR A CG2 1 
ATOM   786  N N   . VAL A 1 97  ? -10.513 -11.215 -3.741  1.00 37.17 ? 113 VAL A N   1 
ATOM   787  C CA  . VAL A 1 97  ? -10.558 -9.827  -4.199  1.00 31.56 ? 113 VAL A CA  1 
ATOM   788  C C   . VAL A 1 97  ? -9.635  -9.778  -5.374  1.00 28.60 ? 113 VAL A C   1 
ATOM   789  O O   . VAL A 1 97  ? -8.497  -10.211 -5.276  1.00 32.67 ? 113 VAL A O   1 
ATOM   790  C CB  . VAL A 1 97  ? -10.008 -8.856  -3.159  1.00 31.40 ? 113 VAL A CB  1 
ATOM   791  C CG1 . VAL A 1 97  ? -9.850  -7.478  -3.763  1.00 27.84 ? 113 VAL A CG1 1 
ATOM   792  C CG2 . VAL A 1 97  ? -10.922 -8.797  -1.963  1.00 32.86 ? 113 VAL A CG2 1 
ATOM   793  N N   . ASN A 1 98  ? -10.122 -9.277  -6.497  1.00 28.14 ? 114 ASN A N   1 
ATOM   794  C CA  . ASN A 1 98  ? -9.330  -9.260  -7.713  1.00 22.27 ? 114 ASN A CA  1 
ATOM   795  C C   . ASN A 1 98  ? -9.733  -7.998  -8.415  1.00 32.55 ? 114 ASN A C   1 
ATOM   796  O O   . ASN A 1 98  ? -10.507 -8.059  -9.361  1.00 34.70 ? 114 ASN A O   1 
ATOM   797  C CB  . ASN A 1 98  ? -9.682  -10.475 -8.552  1.00 19.42 ? 114 ASN A CB  1 
ATOM   798  C CG  . ASN A 1 98  ? -8.786  -10.661 -9.767  1.00 20.40 ? 114 ASN A CG  1 
ATOM   799  O OD1 . ASN A 1 98  ? -7.910  -9.864  -10.035 1.00 28.35 ? 114 ASN A OD1 1 
ATOM   800  N ND2 . ASN A 1 98  ? -9.002  -11.749 -10.488 1.00 21.93 ? 114 ASN A ND2 1 
ATOM   801  N N   . THR A 1 99  ? -9.255  -6.844  -7.935  1.00 33.73 ? 115 THR A N   1 
ATOM   802  C CA  . THR A 1 99  ? -9.730  -5.571  -8.478  1.00 32.58 ? 115 THR A CA  1 
ATOM   803  C C   . THR A 1 99  ? -8.650  -4.581  -8.885  1.00 31.14 ? 115 THR A C   1 
ATOM   804  O O   . THR A 1 99  ? -7.495  -4.734  -8.525  1.00 31.25 ? 115 THR A O   1 
ATOM   805  C CB  . THR A 1 99  ? -10.700 -4.868  -7.520  1.00 36.94 ? 115 THR A CB  1 
ATOM   806  O OG1 . THR A 1 99  ? -11.557 -3.999  -8.275  1.00 47.60 ? 115 THR A OG1 1 
ATOM   807  C CG2 . THR A 1 99  ? -9.952  -4.060  -6.499  1.00 38.32 ? 115 THR A CG2 1 
ATOM   808  N N   . THR A 1 100 ? -9.061  -3.571  -9.648  1.00 20.33 ? 116 THR A N   1 
ATOM   809  C CA  . THR A 1 100 ? -8.215  -2.490  -10.081 1.00 19.02 ? 116 THR A CA  1 
ATOM   810  C C   . THR A 1 100 ? -8.806  -1.180  -9.580  1.00 25.64 ? 116 THR A C   1 
ATOM   811  O O   . THR A 1 100 ? -10.021 -1.035  -9.522  1.00 32.32 ? 116 THR A O   1 
ATOM   812  C CB  . THR A 1 100 ? -8.130  -2.493  -11.572 1.00 22.05 ? 116 THR A CB  1 
ATOM   813  O OG1 . THR A 1 100 ? -7.375  -3.634  -11.982 1.00 30.19 ? 116 THR A OG1 1 
ATOM   814  C CG2 . THR A 1 100 ? -7.441  -1.270  -12.076 1.00 23.59 ? 116 THR A CG2 1 
ATOM   815  N N   . ILE A 1 101 ? -7.948  -0.241  -9.189  1.00 28.43 ? 117 ILE A N   1 
ATOM   816  C CA  . ILE A 1 101 ? -8.349  1.009   -8.530  1.00 25.39 ? 117 ILE A CA  1 
ATOM   817  C C   . ILE A 1 101 ? -7.534  2.144   -9.095  1.00 23.69 ? 117 ILE A C   1 
ATOM   818  O O   . ILE A 1 101 ? -6.346  1.995   -9.321  1.00 29.64 ? 117 ILE A O   1 
ATOM   819  C CB  . ILE A 1 101 ? -8.005  0.972   -7.046  1.00 34.53 ? 117 ILE A CB  1 
ATOM   820  C CG1 . ILE A 1 101 ? -8.844  -0.071  -6.311  1.00 38.26 ? 117 ILE A CG1 1 
ATOM   821  C CG2 . ILE A 1 101 ? -8.184  2.324   -6.429  1.00 34.75 ? 117 ILE A CG2 1 
ATOM   822  C CD1 . ILE A 1 101 ? -8.093  -0.737  -5.173  1.00 37.52 ? 117 ILE A CD1 1 
ATOM   823  N N   . SER A 1 102 ? -8.161  3.285   -9.323  1.00 27.02 ? 118 SER A N   1 
ATOM   824  C CA  . SER A 1 102 ? -7.470  4.394   -9.928  1.00 25.12 ? 118 SER A CA  1 
ATOM   825  C C   . SER A 1 102 ? -6.730  5.135   -8.861  1.00 28.50 ? 118 SER A C   1 
ATOM   826  O O   . SER A 1 102 ? -7.171  5.194   -7.722  1.00 28.40 ? 118 SER A O   1 
ATOM   827  C CB  . SER A 1 102 ? -8.442  5.354   -10.610 1.00 29.59 ? 118 SER A CB  1 
ATOM   828  O OG  . SER A 1 102 ? -8.516  5.102   -11.995 1.00 27.62 ? 118 SER A OG  1 
ATOM   829  N N   . PHE A 1 103 ? -5.596  5.711   -9.222  1.00 27.22 ? 119 PHE A N   1 
ATOM   830  C CA  . PHE A 1 103 ? -4.914  6.570   -8.268  1.00 30.11 ? 119 PHE A CA  1 
ATOM   831  C C   . PHE A 1 103 ? -4.238  7.728   -8.949  1.00 25.76 ? 119 PHE A C   1 
ATOM   832  O O   . PHE A 1 103 ? -3.884  7.673   -10.129 1.00 24.52 ? 119 PHE A O   1 
ATOM   833  C CB  . PHE A 1 103 ? -3.917  5.800   -7.398  1.00 25.60 ? 119 PHE A CB  1 
ATOM   834  C CG  . PHE A 1 103 ? -2.714  5.343   -8.135  1.00 20.27 ? 119 PHE A CG  1 
ATOM   835  C CD1 . PHE A 1 103 ? -1.638  6.182   -8.308  1.00 21.20 ? 119 PHE A CD1 1 
ATOM   836  C CD2 . PHE A 1 103 ? -2.645  4.066   -8.649  1.00 22.58 ? 119 PHE A CD2 1 
ATOM   837  C CE1 . PHE A 1 103 ? -0.526  5.779   -9.003  1.00 15.03 ? 119 PHE A CE1 1 
ATOM   838  C CE2 . PHE A 1 103 ? -1.516  3.640   -9.350  1.00 21.34 ? 119 PHE A CE2 1 
ATOM   839  C CZ  . PHE A 1 103 ? -0.466  4.501   -9.533  1.00 23.15 ? 119 PHE A CZ  1 
ATOM   840  N N   . SER A 1 104 ? -4.100  8.793   -8.179  1.00 27.71 ? 120 SER A N   1 
ATOM   841  C CA  . SER A 1 104 ? -3.307  9.917   -8.574  1.00 26.08 ? 120 SER A CA  1 
ATOM   842  C C   . SER A 1 104 ? -2.329  10.189  -7.443  1.00 29.58 ? 120 SER A C   1 
ATOM   843  O O   . SER A 1 104 ? -2.708  10.254  -6.278  1.00 28.39 ? 120 SER A O   1 
ATOM   844  C CB  . SER A 1 104 ? -4.196  11.123  -8.847  1.00 29.38 ? 120 SER A CB  1 
ATOM   845  O OG  . SER A 1 104 ? -3.406  12.240  -9.168  1.00 34.31 ? 120 SER A OG  1 
ATOM   846  N N   . PHE A 1 105 ? -1.055  10.285  -7.794  1.00 30.11 ? 121 PHE A N   1 
ATOM   847  C CA  . PHE A 1 105 ? -0.023  10.641  -6.842  1.00 32.12 ? 121 PHE A CA  1 
ATOM   848  C C   . PHE A 1 105 ? 0.540   12.035  -7.187  1.00 23.62 ? 121 PHE A C   1 
ATOM   849  O O   . PHE A 1 105 ? 1.269   12.193  -8.163  1.00 25.39 ? 121 PHE A O   1 
ATOM   850  C CB  . PHE A 1 105 ? 1.072   9.560   -6.825  1.00 33.15 ? 121 PHE A CB  1 
ATOM   851  C CG  . PHE A 1 105 ? 2.144   9.810   -5.817  1.00 33.97 ? 121 PHE A CG  1 
ATOM   852  C CD1 . PHE A 1 105 ? 3.440   10.103  -6.220  1.00 32.65 ? 121 PHE A CD1 1 
ATOM   853  C CD2 . PHE A 1 105 ? 1.850   9.800   -4.462  1.00 35.32 ? 121 PHE A CD2 1 
ATOM   854  C CE1 . PHE A 1 105 ? 4.429   10.349  -5.292  1.00 31.63 ? 121 PHE A CE1 1 
ATOM   855  C CE2 . PHE A 1 105 ? 2.840   10.060  -3.521  1.00 38.70 ? 121 PHE A CE2 1 
ATOM   856  C CZ  . PHE A 1 105 ? 4.133   10.329  -3.941  1.00 34.98 ? 121 PHE A CZ  1 
ATOM   857  N N   . LYS A 1 106 ? 0.170   13.051  -6.415  1.00 25.75 ? 122 LYS A N   1 
ATOM   858  C CA  . LYS A 1 106 ? 0.640   14.420  -6.682  1.00 35.72 ? 122 LYS A CA  1 
ATOM   859  C C   . LYS A 1 106 ? 2.162   14.548  -6.858  1.00 36.05 ? 122 LYS A C   1 
ATOM   860  O O   . LYS A 1 106 ? 2.646   15.218  -7.777  1.00 40.35 ? 122 LYS A O   1 
ATOM   861  C CB  . LYS A 1 106 ? 0.153   15.399  -5.601  1.00 39.37 ? 122 LYS A CB  1 
ATOM   862  C CG  . LYS A 1 106 ? 0.450   16.871  -5.938  1.00 43.29 ? 122 LYS A CG  1 
ATOM   863  C CD  . LYS A 1 106 ? -0.422  17.835  -5.144  1.00 45.74 ? 122 LYS A CD  1 
ATOM   864  C CE  . LYS A 1 106 ? -1.895  17.705  -5.543  1.00 49.43 ? 122 LYS A CE  1 
ATOM   865  N NZ  . LYS A 1 106 ? -2.847  18.349  -4.572  1.00 49.32 ? 122 LYS A NZ  1 
ATOM   866  N N   . GLY A 1 107 ? 2.915   13.921  -5.967  1.00 34.81 ? 123 GLY A N   1 
ATOM   867  C CA  . GLY A 1 107 ? 4.364   13.895  -6.095  1.00 40.84 ? 123 GLY A CA  1 
ATOM   868  C C   . GLY A 1 107 ? 5.081   14.886  -5.198  1.00 43.37 ? 123 GLY A C   1 
ATOM   869  O O   . GLY A 1 107 ? 4.537   15.939  -4.867  1.00 44.53 ? 123 GLY A O   1 
ATOM   870  N N   . ILE A 1 108 ? 6.305   14.535  -4.808  1.00 43.03 ? 124 ILE A N   1 
ATOM   871  C CA  . ILE A 1 108 ? 7.196   15.434  -4.089  1.00 40.68 ? 124 ILE A CA  1 
ATOM   872  C C   . ILE A 1 108 ? 8.240   15.970  -5.052  1.00 41.09 ? 124 ILE A C   1 
ATOM   873  O O   . ILE A 1 108 ? 8.745   15.236  -5.903  1.00 40.84 ? 124 ILE A O   1 
ATOM   874  C CB  . ILE A 1 108 ? 7.957   14.702  -3.002  1.00 39.64 ? 124 ILE A CB  1 
ATOM   875  C CG1 . ILE A 1 108 ? 7.236   13.414  -2.637  1.00 40.29 ? 124 ILE A CG1 1 
ATOM   876  C CG2 . ILE A 1 108 ? 8.119   15.588  -1.794  1.00 45.82 ? 124 ILE A CG2 1 
ATOM   877  C CD1 . ILE A 1 108 ? 8.079   12.474  -1.833  1.00 39.30 ? 124 ILE A CD1 1 
ATOM   878  N N   . LYS A 1 109 ? 8.563   17.252  -4.925  1.00 43.85 ? 125 LYS A N   1 
ATOM   879  C CA  . LYS A 1 109 ? 9.692   17.821  -5.658  1.00 45.49 ? 125 LYS A CA  1 
ATOM   880  C C   . LYS A 1 109 ? 10.946  17.779  -4.783  1.00 39.86 ? 125 LYS A C   1 
ATOM   881  O O   . LYS A 1 109 ? 10.865  17.715  -3.550  1.00 40.41 ? 125 LYS A O   1 
ATOM   882  C CB  . LYS A 1 109 ? 9.392   19.254  -6.108  1.00 47.25 ? 125 LYS A CB  1 
ATOM   883  C CG  . LYS A 1 109 ? 8.069   19.379  -6.832  1.00 52.91 ? 125 LYS A CG  1 
ATOM   884  C CD  . LYS A 1 109 ? 7.607   20.821  -6.916  1.00 58.41 ? 125 LYS A CD  1 
ATOM   885  C CE  . LYS A 1 109 ? 8.422   21.597  -7.929  1.00 60.57 ? 125 LYS A CE  1 
ATOM   886  N NZ  . LYS A 1 109 ? 7.678   22.769  -8.493  1.00 67.08 ? 125 LYS A NZ  1 
ATOM   887  N N   . PHE A 1 110 ? 12.098  17.790  -5.434  1.00 34.38 ? 126 PHE A N   1 
ATOM   888  C CA  . PHE A 1 110 ? 13.377  17.751  -4.743  1.00 36.24 ? 126 PHE A CA  1 
ATOM   889  C C   . PHE A 1 110 ? 13.603  16.424  -4.007  1.00 36.26 ? 126 PHE A C   1 
ATOM   890  O O   . PHE A 1 110 ? 14.473  16.306  -3.165  1.00 44.08 ? 126 PHE A O   1 
ATOM   891  C CB  . PHE A 1 110 ? 13.518  18.973  -3.828  1.00 33.02 ? 126 PHE A CB  1 
ATOM   892  C CG  . PHE A 1 110 ? 13.197  20.283  -4.520  1.00 29.26 ? 126 PHE A CG  1 
ATOM   893  C CD1 . PHE A 1 110 ? 13.545  20.491  -5.842  1.00 32.67 ? 126 PHE A CD1 1 
ATOM   894  C CD2 . PHE A 1 110 ? 12.559  21.299  -3.858  1.00 27.83 ? 126 PHE A CD2 1 
ATOM   895  C CE1 . PHE A 1 110 ? 13.246  21.690  -6.500  1.00 26.95 ? 126 PHE A CE1 1 
ATOM   896  C CE2 . PHE A 1 110 ? 12.277  22.486  -4.510  1.00 25.57 ? 126 PHE A CE2 1 
ATOM   897  C CZ  . PHE A 1 110 ? 12.623  22.669  -5.834  1.00 25.83 ? 126 PHE A CZ  1 
ATOM   898  N N   . SER A 1 111 ? 12.833  15.414  -4.382  1.00 39.38 ? 127 SER A N   1 
ATOM   899  C CA  . SER A 1 111 ? 12.923  14.079  -3.815  1.00 29.59 ? 127 SER A CA  1 
ATOM   900  C C   . SER A 1 111 ? 14.303  13.449  -3.966  1.00 30.09 ? 127 SER A C   1 
ATOM   901  O O   . SER A 1 111 ? 14.951  13.578  -4.997  1.00 31.18 ? 127 SER A O   1 
ATOM   902  C CB  . SER A 1 111 ? 11.881  13.178  -4.472  1.00 23.66 ? 127 SER A CB  1 
ATOM   903  O OG  . SER A 1 111 ? 11.828  11.931  -3.812  1.00 39.49 ? 127 SER A OG  1 
ATOM   904  N N   . LYS A 1 112 ? 14.747  12.762  -2.925  1.00 28.04 ? 128 LYS A N   1 
ATOM   905  C CA  . LYS A 1 112 ? 16.011  12.070  -2.955  1.00 27.73 ? 128 LYS A CA  1 
ATOM   906  C C   . LYS A 1 112 ? 16.025  11.118  -1.797  1.00 24.35 ? 128 LYS A C   1 
ATOM   907  O O   . LYS A 1 112 ? 15.268  11.279  -0.854  1.00 27.11 ? 128 LYS A O   1 
ATOM   908  C CB  . LYS A 1 112 ? 17.148  13.068  -2.801  1.00 35.91 ? 128 LYS A CB  1 
ATOM   909  C CG  . LYS A 1 112 ? 16.955  13.982  -1.611  1.00 43.23 ? 128 LYS A CG  1 
ATOM   910  C CD  . LYS A 1 112 ? 18.183  14.836  -1.380  1.00 49.92 ? 128 LYS A CD  1 
ATOM   911  C CE  . LYS A 1 112 ? 18.218  16.074  -2.263  1.00 54.03 ? 128 LYS A CE  1 
ATOM   912  N NZ  . LYS A 1 112 ? 19.189  17.061  -1.696  1.00 56.83 ? 128 LYS A NZ  1 
ATOM   913  N N   . GLY A 1 113 ? 16.870  10.103  -1.870  1.00 23.99 ? 129 GLY A N   1 
ATOM   914  C CA  . GLY A 1 113 ? 17.033  9.209   -0.745  1.00 24.63 ? 129 GLY A CA  1 
ATOM   915  C C   . GLY A 1 113 ? 16.038  8.081   -0.683  1.00 23.85 ? 129 GLY A C   1 
ATOM   916  O O   . GLY A 1 113 ? 15.793  7.401   -1.670  1.00 25.79 ? 129 GLY A O   1 
ATOM   917  N N   . LYS A 1 114 ? 15.483  7.854   0.494   1.00 24.34 ? 130 LYS A N   1 
ATOM   918  C CA  . LYS A 1 114 ? 14.677  6.674   0.706   1.00 22.01 ? 130 LYS A CA  1 
ATOM   919  C C   . LYS A 1 114 ? 13.474  7.056   1.524   1.00 20.56 ? 130 LYS A C   1 
ATOM   920  O O   . LYS A 1 114 ? 13.596  7.795   2.495   1.00 27.31 ? 130 LYS A O   1 
ATOM   921  C CB  . LYS A 1 114 ? 15.488  5.615   1.455   1.00 21.09 ? 130 LYS A CB  1 
ATOM   922  C CG  . LYS A 1 114 ? 14.743  4.302   1.672   1.00 28.45 ? 130 LYS A CG  1 
ATOM   923  C CD  . LYS A 1 114 ? 15.521  3.271   2.487   1.00 30.67 ? 130 LYS A CD  1 
ATOM   924  C CE  . LYS A 1 114 ? 16.647  2.645   1.681   1.00 39.29 ? 130 LYS A CE  1 
ATOM   925  N NZ  . LYS A 1 114 ? 17.524  1.718   2.475   1.00 39.29 ? 130 LYS A NZ  1 
ATOM   926  N N   . TYR A 1 115 ? 12.310  6.553   1.138   1.00 24.24 ? 131 TYR A N   1 
ATOM   927  C CA  . TYR A 1 115 ? 11.081  6.767   1.909   1.00 23.89 ? 131 TYR A CA  1 
ATOM   928  C C   . TYR A 1 115 ? 10.570  5.417   2.363   1.00 22.09 ? 131 TYR A C   1 
ATOM   929  O O   . TYR A 1 115 ? 10.905  4.397   1.778   1.00 22.96 ? 131 TYR A O   1 
ATOM   930  C CB  . TYR A 1 115 ? 10.018  7.488   1.079   1.00 21.60 ? 131 TYR A CB  1 
ATOM   931  C CG  . TYR A 1 115 ? 10.507  8.769   0.500   1.00 21.45 ? 131 TYR A CG  1 
ATOM   932  C CD1 . TYR A 1 115 ? 11.335  8.774   -0.602  1.00 27.16 ? 131 TYR A CD1 1 
ATOM   933  C CD2 . TYR A 1 115 ? 10.174  9.970   1.061   1.00 23.75 ? 131 TYR A CD2 1 
ATOM   934  C CE1 . TYR A 1 115 ? 11.821  9.953   -1.138  1.00 28.92 ? 131 TYR A CE1 1 
ATOM   935  C CE2 . TYR A 1 115 ? 10.643  11.162  0.520   1.00 27.95 ? 131 TYR A CE2 1 
ATOM   936  C CZ  . TYR A 1 115 ? 11.472  11.140  -0.571  1.00 27.13 ? 131 TYR A CZ  1 
ATOM   937  O OH  . TYR A 1 115 ? 11.947  12.312  -1.112  1.00 29.89 ? 131 TYR A OH  1 
ATOM   938  N N   . LYS A 1 116 ? 9.784   5.417   3.429   1.00 20.87 ? 132 LYS A N   1 
ATOM   939  C CA  . LYS A 1 116 ? 9.143   4.206   3.903   1.00 21.96 ? 132 LYS A CA  1 
ATOM   940  C C   . LYS A 1 116 ? 7.713   4.585   4.195   1.00 22.93 ? 132 LYS A C   1 
ATOM   941  O O   . LYS A 1 116 ? 7.426   5.732   4.547   1.00 23.00 ? 132 LYS A O   1 
ATOM   942  C CB  . LYS A 1 116 ? 9.804   3.671   5.186   1.00 23.89 ? 132 LYS A CB  1 
ATOM   943  C CG  . LYS A 1 116 ? 11.255  3.199   5.033   1.00 28.95 ? 132 LYS A CG  1 
ATOM   944  C CD  . LYS A 1 116 ? 11.875  2.684   6.357   1.00 34.11 ? 132 LYS A CD  1 
ATOM   945  C CE  . LYS A 1 116 ? 13.444  2.514   6.269   1.00 41.11 ? 132 LYS A CE  1 
ATOM   946  N NZ  . LYS A 1 116 ? 14.282  3.685   6.789   1.00 36.16 ? 132 LYS A NZ  1 
ATOM   947  N N   . CYS A 1 117 ? 6.809   3.639   4.013   1.00 21.22 ? 133 CYS A N   1 
ATOM   948  C CA  . CYS A 1 117 ? 5.450   3.808   4.457   1.00 20.03 ? 133 CYS A CA  1 
ATOM   949  C C   . CYS A 1 117 ? 5.031   2.466   4.967   1.00 17.12 ? 133 CYS A C   1 
ATOM   950  O O   . CYS A 1 117 ? 5.061   1.481   4.226   1.00 21.17 ? 133 CYS A O   1 
ATOM   951  C CB  . CYS A 1 117 ? 4.520   4.205   3.313   1.00 22.71 ? 133 CYS A CB  1 
ATOM   952  S SG  . CYS A 1 117 ? 2.861   4.662   3.901   1.00 31.99 ? 133 CYS A SG  1 
ATOM   953  N N   . VAL A 1 118 ? 4.682   2.412   6.241   1.00 20.80 ? 134 VAL A N   1 
ATOM   954  C CA  . VAL A 1 118 ? 4.148   1.202   6.810   1.00 16.79 ? 134 VAL A CA  1 
ATOM   955  C C   . VAL A 1 118 ? 2.625   1.323   6.734   1.00 24.31 ? 134 VAL A C   1 
ATOM   956  O O   . VAL A 1 118 ? 2.064   2.339   7.135   1.00 20.50 ? 134 VAL A O   1 
ATOM   957  C CB  . VAL A 1 118 ? 4.579   1.024   8.254   1.00 22.34 ? 134 VAL A CB  1 
ATOM   958  C CG1 . VAL A 1 118 ? 3.764   -0.055  8.886   1.00 19.59 ? 134 VAL A CG1 1 
ATOM   959  C CG2 . VAL A 1 118 ? 6.092   0.706   8.360   1.00 14.68 ? 134 VAL A CG2 1 
ATOM   960  N N   . VAL A 1 119 ? 1.975   0.294   6.196   1.00 21.45 ? 135 VAL A N   1 
ATOM   961  C CA  . VAL A 1 119 ? 0.535   0.284   6.021   1.00 19.16 ? 135 VAL A CA  1 
ATOM   962  C C   . VAL A 1 119 ? -0.086  -0.749  6.931   1.00 17.60 ? 135 VAL A C   1 
ATOM   963  O O   . VAL A 1 119 ? 0.061   -1.936  6.723   1.00 24.33 ? 135 VAL A O   1 
ATOM   964  C CB  . VAL A 1 119 ? 0.145   -0.035  4.576   1.00 15.92 ? 135 VAL A CB  1 
ATOM   965  C CG1 . VAL A 1 119 ? -1.341  -0.206  4.472   1.00 17.08 ? 135 VAL A CG1 1 
ATOM   966  C CG2 . VAL A 1 119 ? 0.604   1.080   3.673   1.00 19.98 ? 135 VAL A CG2 1 
ATOM   967  N N   . GLU A 1 120 ? -0.756  -0.266  7.962   1.00 18.22 ? 136 GLU A N   1 
ATOM   968  C CA  . GLU A 1 120 ? -1.480  -1.096  8.888   1.00 24.05 ? 136 GLU A CA  1 
ATOM   969  C C   . GLU A 1 120 ? -2.902  -1.180  8.372   1.00 27.86 ? 136 GLU A C   1 
ATOM   970  O O   . GLU A 1 120 ? -3.682  -0.211  8.493   1.00 23.64 ? 136 GLU A O   1 
ATOM   971  C CB  . GLU A 1 120 ? -1.509  -0.433  10.266  1.00 28.68 ? 136 GLU A CB  1 
ATOM   972  C CG  . GLU A 1 120 ? -0.721  -1.134  11.364  1.00 32.54 ? 136 GLU A CG  1 
ATOM   973  C CD  . GLU A 1 120 ? -0.629  -0.292  12.638  1.00 33.21 ? 136 GLU A CD  1 
ATOM   974  O OE1 . GLU A 1 120 ? -1.428  0.663   12.793  1.00 33.46 ? 136 GLU A OE1 1 
ATOM   975  O OE2 . GLU A 1 120 ? 0.249   -0.585  13.482  1.00 34.88 ? 136 GLU A OE2 1 
ATOM   976  N N   . ALA A 1 121 ? -3.228  -2.322  7.779   1.00 25.70 ? 137 ALA A N   1 
ATOM   977  C CA  . ALA A 1 121 ? -4.568  -2.541  7.273   1.00 31.07 ? 137 ALA A CA  1 
ATOM   978  C C   . ALA A 1 121 ? -5.435  -3.078  8.384   1.00 30.11 ? 137 ALA A C   1 
ATOM   979  O O   . ALA A 1 121 ? -5.255  -4.212  8.838   1.00 29.06 ? 137 ALA A O   1 
ATOM   980  C CB  . ALA A 1 121 ? -4.561  -3.517  6.081   1.00 29.94 ? 137 ALA A CB  1 
ATOM   981  N N   . ILE A 1 122 ? -6.394  -2.270  8.805   1.00 34.30 ? 138 ILE A N   1 
ATOM   982  C CA  . ILE A 1 122 ? -7.367  -2.716  9.796   1.00 40.34 ? 138 ILE A CA  1 
ATOM   983  C C   . ILE A 1 122 ? -8.800  -2.777  9.196   1.00 42.57 ? 138 ILE A C   1 
ATOM   984  O O   . ILE A 1 122 ? -9.234  -1.849  8.493   1.00 38.06 ? 138 ILE A O   1 
ATOM   985  C CB  . ILE A 1 122 ? -7.286  -1.817  11.083  1.00 45.54 ? 138 ILE A CB  1 
ATOM   986  C CG1 . ILE A 1 122 ? -5.811  -1.550  11.456  1.00 37.15 ? 138 ILE A CG1 1 
ATOM   987  C CG2 . ILE A 1 122 ? -8.066  -2.437  12.255  1.00 43.07 ? 138 ILE A CG2 1 
ATOM   988  C CD1 . ILE A 1 122 ? -5.611  -0.477  12.473  1.00 34.38 ? 138 ILE A CD1 1 
ATOM   989  N N   . SER A 1 123 ? -9.513  -3.880  9.455   1.00 40.44 ? 139 SER A N   1 
ATOM   990  C CA  . SER A 1 123 ? -10.881 -4.063  8.947   1.00 41.51 ? 139 SER A CA  1 
ATOM   991  C C   . SER A 1 123 ? -11.712 -5.119  9.675   1.00 49.30 ? 139 SER A C   1 
ATOM   992  O O   . SER A 1 123 ? -11.211 -5.883  10.512  1.00 43.80 ? 139 SER A O   1 
ATOM   993  C CB  . SER A 1 123 ? -10.857 -4.440  7.461   1.00 36.57 ? 139 SER A CB  1 
ATOM   994  O OG  . SER A 1 123 ? -10.657 -5.836  7.296   1.00 31.51 ? 139 SER A OG  1 
ATOM   995  N N   . GLY A 1 124 ? -13.000 -5.151  9.315   1.00 59.23 ? 140 GLY A N   1 
ATOM   996  C CA  . GLY A 1 124 ? -13.904 -6.252  9.651   1.00 57.87 ? 140 GLY A CA  1 
ATOM   997  C C   . GLY A 1 124 ? -14.665 -6.118  10.952  1.00 59.66 ? 140 GLY A C   1 
ATOM   998  O O   . GLY A 1 124 ? -15.189 -7.111  11.467  1.00 60.31 ? 140 GLY A O   1 
ATOM   999  N N   . SER A 1 125 ? -14.742 -4.899  11.482  1.00 60.80 ? 141 SER A N   1 
ATOM   1000 C CA  . SER A 1 125 ? -15.384 -4.683  12.787  1.00 69.76 ? 141 SER A CA  1 
ATOM   1001 C C   . SER A 1 125 ? -16.319 -5.841  13.203  1.00 68.19 ? 141 SER A C   1 
ATOM   1002 O O   . SER A 1 125 ? -17.389 -6.037  12.603  1.00 65.56 ? 141 SER A O   1 
ATOM   1003 C CB  . SER A 1 125 ? -16.085 -3.314  12.852  1.00 72.17 ? 141 SER A CB  1 
ATOM   1004 O OG  . SER A 1 125 ? -16.436 -2.861  11.557  1.00 74.43 ? 141 SER A OG  1 
ATOM   1005 N N   . PRO A 1 126 ? -15.921 -6.589  14.256  1.00 64.34 ? 142 PRO A N   1 
ATOM   1006 C CA  . PRO A 1 126 ? -14.846 -6.208  15.181  1.00 61.24 ? 142 PRO A CA  1 
ATOM   1007 C C   . PRO A 1 126 ? -13.512 -5.924  14.477  1.00 61.96 ? 142 PRO A C   1 
ATOM   1008 O O   . PRO A 1 126 ? -13.035 -6.748  13.703  1.00 64.78 ? 142 PRO A O   1 
ATOM   1009 C CB  . PRO A 1 126 ? -14.732 -7.420  16.116  1.00 60.62 ? 142 PRO A CB  1 
ATOM   1010 C CG  . PRO A 1 126 ? -15.391 -8.551  15.388  1.00 63.38 ? 142 PRO A CG  1 
ATOM   1011 C CD  . PRO A 1 126 ? -16.475 -7.919  14.569  1.00 63.89 ? 142 PRO A CD  1 
ATOM   1012 N N   . GLU A 1 127 ? -12.928 -4.760  14.756  1.00 63.19 ? 143 GLU A N   1 
ATOM   1013 C CA  . GLU A 1 127 ? -11.698 -4.292  14.104  1.00 67.04 ? 143 GLU A CA  1 
ATOM   1014 C C   . GLU A 1 127 ? -10.428 -5.047  14.500  1.00 65.64 ? 143 GLU A C   1 
ATOM   1015 O O   . GLU A 1 127 ? -9.951  -4.936  15.629  1.00 70.00 ? 143 GLU A O   1 
ATOM   1016 C CB  . GLU A 1 127 ? -11.482 -2.810  14.417  1.00 68.98 ? 143 GLU A CB  1 
ATOM   1017 C CG  . GLU A 1 127 ? -12.515 -1.864  13.823  1.00 73.95 ? 143 GLU A CG  1 
ATOM   1018 C CD  . GLU A 1 127 ? -12.116 -0.402  13.994  1.00 74.72 ? 143 GLU A CD  1 
ATOM   1019 O OE1 . GLU A 1 127 ? -11.186 -0.136  14.786  1.00 78.10 ? 143 GLU A OE1 1 
ATOM   1020 O OE2 . GLU A 1 127 ? -12.721 0.480   13.340  1.00 74.35 ? 143 GLU A OE2 1 
ATOM   1021 N N   . GLU A 1 128 ? -9.862  -5.794  13.560  1.00 63.55 ? 144 GLU A N   1 
ATOM   1022 C CA  . GLU A 1 128 ? -8.568  -6.440  13.766  1.00 61.59 ? 144 GLU A CA  1 
ATOM   1023 C C   . GLU A 1 128 ? -7.680  -6.264  12.528  1.00 60.43 ? 144 GLU A C   1 
ATOM   1024 O O   . GLU A 1 128 ? -8.170  -5.957  11.435  1.00 63.35 ? 144 GLU A O   1 
ATOM   1025 C CB  . GLU A 1 128 ? -8.763  -7.918  14.104  1.00 62.92 ? 144 GLU A CB  1 
ATOM   1026 C CG  . GLU A 1 128 ? -9.771  -8.129  15.224  1.00 63.98 ? 144 GLU A CG  1 
ATOM   1027 C CD  . GLU A 1 128 ? -10.135 -9.584  15.424  1.00 62.72 ? 144 GLU A CD  1 
ATOM   1028 O OE1 . GLU A 1 128 ? -9.226  -10.433 15.334  1.00 61.68 ? 144 GLU A OE1 1 
ATOM   1029 O OE2 . GLU A 1 128 ? -11.323 -9.879  15.688  1.00 61.31 ? 144 GLU A OE2 1 
ATOM   1030 N N   . MET A 1 129 ? -6.375  -6.440  12.689  1.00 54.53 ? 145 MET A N   1 
ATOM   1031 C CA  . MET A 1 129 ? -5.473  -6.177  11.583  1.00 49.57 ? 145 MET A CA  1 
ATOM   1032 C C   . MET A 1 129 ? -5.723  -7.159  10.456  1.00 46.25 ? 145 MET A C   1 
ATOM   1033 O O   . MET A 1 129 ? -5.843  -8.367  10.673  1.00 45.39 ? 145 MET A O   1 
ATOM   1034 C CB  . MET A 1 129 ? -4.008  -6.229  12.016  1.00 51.24 ? 145 MET A CB  1 
ATOM   1035 C CG  . MET A 1 129 ? -3.111  -5.321  11.185  1.00 51.92 ? 145 MET A CG  1 
ATOM   1036 S SD  . MET A 1 129 ? -1.707  -4.748  12.133  1.00 59.15 ? 145 MET A SD  1 
ATOM   1037 C CE  . MET A 1 129 ? -0.774  -6.263  12.151  1.00 56.36 ? 145 MET A CE  1 
ATOM   1038 N N   . LEU A 1 130 ? -5.820  -6.631  9.248   1.00 34.51 ? 146 LEU A N   1 
ATOM   1039 C CA  . LEU A 1 130 ? -6.013  -7.477  8.102   1.00 32.65 ? 146 LEU A CA  1 
ATOM   1040 C C   . LEU A 1 130 ? -4.630  -7.902  7.611   1.00 33.38 ? 146 LEU A C   1 
ATOM   1041 O O   . LEU A 1 130 ? -4.346  -9.094  7.445   1.00 29.08 ? 146 LEU A O   1 
ATOM   1042 C CB  . LEU A 1 130 ? -6.801  -6.713  7.038   1.00 33.03 ? 146 LEU A CB  1 
ATOM   1043 C CG  . LEU A 1 130 ? -7.039  -7.296  5.645   1.00 33.16 ? 146 LEU A CG  1 
ATOM   1044 C CD1 . LEU A 1 130 ? -7.868  -8.562  5.702   1.00 30.84 ? 146 LEU A CD1 1 
ATOM   1045 C CD2 . LEU A 1 130 ? -7.727  -6.238  4.818   1.00 30.73 ? 146 LEU A CD2 1 
ATOM   1046 N N   . PHE A 1 131 ? -3.762  -6.911  7.406   1.00 36.46 ? 147 PHE A N   1 
ATOM   1047 C CA  . PHE A 1 131 ? -2.376  -7.148  7.031   1.00 28.62 ? 147 PHE A CA  1 
ATOM   1048 C C   . PHE A 1 131 ? -1.499  -5.990  7.490   1.00 28.18 ? 147 PHE A C   1 
ATOM   1049 O O   . PHE A 1 131 ? -2.005  -4.944  7.899   1.00 31.44 ? 147 PHE A O   1 
ATOM   1050 C CB  . PHE A 1 131 ? -2.246  -7.402  5.511   1.00 31.25 ? 147 PHE A CB  1 
ATOM   1051 C CG  . PHE A 1 131 ? -2.721  -6.254  4.629   1.00 32.90 ? 147 PHE A CG  1 
ATOM   1052 C CD1 . PHE A 1 131 ? -3.858  -6.380  3.861   1.00 30.37 ? 147 PHE A CD1 1 
ATOM   1053 C CD2 . PHE A 1 131 ? -2.000  -5.066  4.538   1.00 34.43 ? 147 PHE A CD2 1 
ATOM   1054 C CE1 . PHE A 1 131 ? -4.272  -5.343  3.044   1.00 31.66 ? 147 PHE A CE1 1 
ATOM   1055 C CE2 . PHE A 1 131 ? -2.413  -4.031  3.717   1.00 30.17 ? 147 PHE A CE2 1 
ATOM   1056 C CZ  . PHE A 1 131 ? -3.551  -4.168  2.975   1.00 31.57 ? 147 PHE A CZ  1 
ATOM   1057 N N   . CYS A 1 132 ? -0.186  -6.184  7.450   1.00 31.63 ? 148 CYS A N   1 
ATOM   1058 C CA  . CYS A 1 132 ? 0.751   -5.082  7.654   1.00 28.78 ? 148 CYS A CA  1 
ATOM   1059 C C   . CYS A 1 132 ? 1.767   -5.158  6.558   1.00 24.02 ? 148 CYS A C   1 
ATOM   1060 O O   . CYS A 1 132 ? 2.296   -6.225  6.292   1.00 29.11 ? 148 CYS A O   1 
ATOM   1061 C CB  . CYS A 1 132 ? 1.462   -5.194  8.993   1.00 32.45 ? 148 CYS A CB  1 
ATOM   1062 S SG  . CYS A 1 132 ? 2.521   -3.771  9.420   1.00 40.78 ? 148 CYS A SG  1 
ATOM   1063 N N   . LEU A 1 133 ? 2.038   -4.028  5.921   1.00 27.36 ? 149 LEU A N   1 
ATOM   1064 C CA  . LEU A 1 133 ? 3.020   -3.973  4.851   1.00 23.20 ? 149 LEU A CA  1 
ATOM   1065 C C   . LEU A 1 133 ? 3.952   -2.797  5.050   1.00 20.31 ? 149 LEU A C   1 
ATOM   1066 O O   . LEU A 1 133 ? 3.508   -1.678  5.294   1.00 18.51 ? 149 LEU A O   1 
ATOM   1067 C CB  . LEU A 1 133 ? 2.326   -3.825  3.506   1.00 24.41 ? 149 LEU A CB  1 
ATOM   1068 C CG  . LEU A 1 133 ? 1.433   -4.967  3.031   1.00 24.18 ? 149 LEU A CG  1 
ATOM   1069 C CD1 . LEU A 1 133 ? 0.876   -4.557  1.703   1.00 22.54 ? 149 LEU A CD1 1 
ATOM   1070 C CD2 . LEU A 1 133 ? 2.202   -6.263  2.882   1.00 25.96 ? 149 LEU A CD2 1 
ATOM   1071 N N   . GLU A 1 134 ? 5.252   -3.035  4.947   1.00 21.03 ? 150 GLU A N   1 
ATOM   1072 C CA  . GLU A 1 134 ? 6.170   -1.910  4.999   1.00 22.31 ? 150 GLU A CA  1 
ATOM   1073 C C   . GLU A 1 134 ? 6.754   -1.689  3.628   1.00 17.90 ? 150 GLU A C   1 
ATOM   1074 O O   . GLU A 1 134 ? 7.525   -2.503  3.150   1.00 24.45 ? 150 GLU A O   1 
ATOM   1075 C CB  . GLU A 1 134 ? 7.274   -2.139  6.025   1.00 23.43 ? 150 GLU A CB  1 
ATOM   1076 C CG  . GLU A 1 134 ? 8.341   -1.047  5.995   1.00 26.93 ? 150 GLU A CG  1 
ATOM   1077 C CD  . GLU A 1 134 ? 9.275   -1.109  7.192   1.00 33.76 ? 150 GLU A CD  1 
ATOM   1078 O OE1 . GLU A 1 134 ? 9.680   -2.221  7.589   1.00 33.03 ? 150 GLU A OE1 1 
ATOM   1079 O OE2 . GLU A 1 134 ? 9.608   -0.041  7.749   1.00 42.11 ? 150 GLU A OE2 1 
ATOM   1080 N N   . PHE A 1 135 ? 6.357   -0.604  2.981   1.00 19.18 ? 151 PHE A N   1 
ATOM   1081 C CA  . PHE A 1 135 ? 6.868   -0.287  1.668   1.00 13.73 ? 151 PHE A CA  1 
ATOM   1082 C C   . PHE A 1 135 ? 8.118   0.521   1.835   1.00 20.62 ? 151 PHE A C   1 
ATOM   1083 O O   . PHE A 1 135 ? 8.223   1.372   2.731   1.00 21.57 ? 151 PHE A O   1 
ATOM   1084 C CB  . PHE A 1 135 ? 5.859   0.530   0.845   1.00 19.43 ? 151 PHE A CB  1 
ATOM   1085 C CG  . PHE A 1 135 ? 4.646   -0.241  0.440   1.00 18.66 ? 151 PHE A CG  1 
ATOM   1086 C CD1 . PHE A 1 135 ? 3.557   -0.332  1.274   1.00 21.75 ? 151 PHE A CD1 1 
ATOM   1087 C CD2 . PHE A 1 135 ? 4.590   -0.879  -0.786  1.00 26.13 ? 151 PHE A CD2 1 
ATOM   1088 C CE1 . PHE A 1 135 ? 2.424   -1.061  0.914   1.00 24.17 ? 151 PHE A CE1 1 
ATOM   1089 C CE2 . PHE A 1 135 ? 3.464   -1.598  -1.160  1.00 24.42 ? 151 PHE A CE2 1 
ATOM   1090 C CZ  . PHE A 1 135 ? 2.382   -1.693  -0.302  1.00 22.81 ? 151 PHE A CZ  1 
ATOM   1091 N N   . VAL A 1 136 ? 9.079   0.244   0.972   1.00 21.81 ? 152 VAL A N   1 
ATOM   1092 C CA  . VAL A 1 136 ? 10.304  1.023   0.893   1.00 26.05 ? 152 VAL A CA  1 
ATOM   1093 C C   . VAL A 1 136 ? 10.323  1.590   -0.512  1.00 23.49 ? 152 VAL A C   1 
ATOM   1094 O O   . VAL A 1 136 ? 10.221  0.858   -1.465  1.00 32.10 ? 152 VAL A O   1 
ATOM   1095 C CB  . VAL A 1 136 ? 11.554  0.143   1.151   1.00 18.54 ? 152 VAL A CB  1 
ATOM   1096 C CG1 . VAL A 1 136 ? 12.811  0.922   0.928   1.00 24.46 ? 152 VAL A CG1 1 
ATOM   1097 C CG2 . VAL A 1 136 ? 11.524  -0.389  2.566   1.00 18.87 ? 152 VAL A CG2 1 
ATOM   1098 N N   . ILE A 1 137 ? 10.397  2.902   -0.628  1.00 20.82 ? 153 ILE A N   1 
ATOM   1099 C CA  . ILE A 1 137 ? 10.455  3.549   -1.921  1.00 21.33 ? 153 ILE A CA  1 
ATOM   1100 C C   . ILE A 1 137 ? 11.809  4.220   -2.052  1.00 27.03 ? 153 ILE A C   1 
ATOM   1101 O O   . ILE A 1 137 ? 12.084  5.248   -1.422  1.00 27.51 ? 153 ILE A O   1 
ATOM   1102 C CB  . ILE A 1 137 ? 9.328   4.600   -2.050  1.00 21.35 ? 153 ILE A CB  1 
ATOM   1103 C CG1 . ILE A 1 137 ? 7.979   3.928   -1.846  1.00 21.16 ? 153 ILE A CG1 1 
ATOM   1104 C CG2 . ILE A 1 137 ? 9.377   5.306   -3.360  1.00 18.51 ? 153 ILE A CG2 1 
ATOM   1105 C CD1 . ILE A 1 137 ? 7.510   3.990   -0.436  1.00 27.95 ? 153 ILE A CD1 1 
ATOM   1106 N N   A LEU A 1 138 ? 12.663  3.612   -2.862  0.50 27.35 ? 154 LEU A N   1 
ATOM   1107 N N   B LEU A 1 138 ? 12.676  3.637   -2.865  0.50 26.56 ? 154 LEU A N   1 
ATOM   1108 C CA  A LEU A 1 138 ? 13.988  4.135   -3.102  0.50 21.08 ? 154 LEU A CA  1 
ATOM   1109 C CA  B LEU A 1 138 ? 14.033  4.142   -2.998  0.50 19.87 ? 154 LEU A CA  1 
ATOM   1110 C C   A LEU A 1 138 ? 13.912  5.168   -4.186  0.50 23.09 ? 154 LEU A C   1 
ATOM   1111 C C   B LEU A 1 138 ? 14.122  5.065   -4.194  0.50 21.85 ? 154 LEU A C   1 
ATOM   1112 O O   A LEU A 1 138 ? 13.272  4.955   -5.210  0.50 22.55 ? 154 LEU A O   1 
ATOM   1113 O O   B LEU A 1 138 ? 13.787  4.671   -5.303  0.50 21.42 ? 154 LEU A O   1 
ATOM   1114 C CB  A LEU A 1 138 ? 14.924  3.019   -3.557  0.50 21.32 ? 154 LEU A CB  1 
ATOM   1115 C CB  B LEU A 1 138 ? 15.012  2.976   -3.155  0.50 18.19 ? 154 LEU A CB  1 
ATOM   1116 C CG  A LEU A 1 138 ? 15.621  2.236   -2.459  0.50 21.89 ? 154 LEU A CG  1 
ATOM   1117 C CG  B LEU A 1 138 ? 16.425  3.362   -3.592  0.50 21.23 ? 154 LEU A CG  1 
ATOM   1118 C CD1 A LEU A 1 138 ? 16.762  1.438   -3.045  0.50 27.23 ? 154 LEU A CD1 1 
ATOM   1119 C CD1 B LEU A 1 138 ? 17.125  4.158   -2.505  0.50 20.98 ? 154 LEU A CD1 1 
ATOM   1120 C CD2 A LEU A 1 138 ? 16.129  3.190   -1.408  0.50 26.99 ? 154 LEU A CD2 1 
ATOM   1121 C CD2 B LEU A 1 138 ? 17.237  2.135   -3.965  0.50 21.44 ? 154 LEU A CD2 1 
ATOM   1122 N N   . HIS A 1 139 ? 14.560  6.300   -3.980  1.00 19.83 ? 155 HIS A N   1 
ATOM   1123 C CA  . HIS A 1 139 ? 14.712  7.207   -5.081  1.00 22.67 ? 155 HIS A CA  1 
ATOM   1124 C C   . HIS A 1 139 ? 15.845  6.712   -5.964  1.00 28.72 ? 155 HIS A C   1 
ATOM   1125 O O   . HIS A 1 139 ? 16.929  6.414   -5.466  1.00 35.39 ? 155 HIS A O   1 
ATOM   1126 C CB  . HIS A 1 139 ? 14.986  8.621   -4.622  1.00 28.72 ? 155 HIS A CB  1 
ATOM   1127 C CG  . HIS A 1 139 ? 14.928  9.608   -5.739  1.00 29.81 ? 155 HIS A CG  1 
ATOM   1128 N ND1 . HIS A 1 139 ? 13.821  10.394  -5.980  1.00 28.31 ? 155 HIS A ND1 1 
ATOM   1129 C CD2 . HIS A 1 139 ? 15.818  9.894   -6.719  1.00 30.38 ? 155 HIS A CD2 1 
ATOM   1130 C CE1 . HIS A 1 139 ? 14.045  11.145  -7.043  1.00 29.64 ? 155 HIS A CE1 1 
ATOM   1131 N NE2 . HIS A 1 139 ? 15.250  10.861  -7.508  1.00 33.25 ? 155 HIS A NE2 1 
ATOM   1132 N N   . GLN A 1 140 ? 15.603  6.596   -7.268  1.00 26.72 ? 156 GLN A N   1 
ATOM   1133 C CA  . GLN A 1 140 ? 16.663  6.138   -8.164  1.00 22.00 ? 156 GLN A CA  1 
ATOM   1134 C C   . GLN A 1 140 ? 17.826  7.088   -8.020  1.00 28.66 ? 156 GLN A C   1 
ATOM   1135 O O   . GLN A 1 140 ? 17.638  8.325   -8.109  1.00 22.47 ? 156 GLN A O   1 
ATOM   1136 C CB  . GLN A 1 140 ? 16.218  6.125   -9.614  1.00 22.93 ? 156 GLN A CB  1 
ATOM   1137 C CG  . GLN A 1 140 ? 15.174  5.106   -9.928  1.00 25.45 ? 156 GLN A CG  1 
ATOM   1138 C CD  . GLN A 1 140 ? 15.650  3.722   -9.640  1.00 37.45 ? 156 GLN A CD  1 
ATOM   1139 O OE1 . GLN A 1 140 ? 16.518  3.527   -8.784  1.00 44.08 ? 156 GLN A OE1 1 
ATOM   1140 N NE2 . GLN A 1 140 ? 15.078  2.737   -10.331 1.00 28.87 ? 156 GLN A NE2 1 
ATOM   1141 N N   . PRO A 1 141 ? 19.033  6.525   -7.801  1.00 26.06 ? 157 PRO A N   1 
ATOM   1142 C CA  . PRO A 1 141 ? 20.220  7.313   -7.493  1.00 22.81 ? 157 PRO A CA  1 
ATOM   1143 C C   . PRO A 1 141 ? 20.711  8.091   -8.708  1.00 24.33 ? 157 PRO A C   1 
ATOM   1144 O O   . PRO A 1 141 ? 21.440  9.072   -8.559  1.00 29.12 ? 157 PRO A O   1 
ATOM   1145 C CB  . PRO A 1 141 ? 21.243  6.248   -7.060  1.00 22.62 ? 157 PRO A CB  1 
ATOM   1146 C CG  . PRO A 1 141 ? 20.801  4.997   -7.722  1.00 15.23 ? 157 PRO A CG  1 
ATOM   1147 C CD  . PRO A 1 141 ? 19.319  5.076   -7.860  1.00 22.84 ? 157 PRO A CD  1 
ATOM   1148 N N   . ASN A 1 142 ? 20.303  7.674   -9.906  1.00 20.59 ? 158 ASN A N   1 
ATOM   1149 C CA  . ASN A 1 142 ? 20.736  8.344   -11.141 1.00 25.07 ? 158 ASN A CA  1 
ATOM   1150 C C   . ASN A 1 142 ? 19.647  9.187   -11.814 1.00 26.51 ? 158 ASN A C   1 
ATOM   1151 O O   . ASN A 1 142 ? 19.692  9.412   -13.008 1.00 32.46 ? 158 ASN A O   1 
ATOM   1152 C CB  . ASN A 1 142 ? 21.337  7.349   -12.146 1.00 21.99 ? 158 ASN A CB  1 
ATOM   1153 C CG  . ASN A 1 142 ? 20.307  6.359   -12.692 1.00 30.26 ? 158 ASN A CG  1 
ATOM   1154 O OD1 . ASN A 1 142 ? 19.210  6.196   -12.131 1.00 24.10 ? 158 ASN A OD1 1 
ATOM   1155 N ND2 . ASN A 1 142 ? 20.662  5.688   -13.792 1.00 26.44 ? 158 ASN A ND2 1 
ATOM   1156 N N   . SER A 1 143 ? 18.686  9.670   -11.043 1.00 25.66 ? 159 SER A N   1 
ATOM   1157 C CA  . SER A 1 143 ? 17.657  10.520  -11.593 1.00 29.54 ? 159 SER A CA  1 
ATOM   1158 C C   . SER A 1 143 ? 17.252  11.533  -10.553 1.00 28.34 ? 159 SER A C   1 
ATOM   1159 O O   . SER A 1 143 ? 17.289  11.237  -9.380  1.00 31.22 ? 159 SER A O   1 
ATOM   1160 C CB  . SER A 1 143 ? 16.446  9.679   -11.971 1.00 31.18 ? 159 SER A CB  1 
ATOM   1161 O OG  . SER A 1 143 ? 15.419  10.486  -12.502 1.00 41.80 ? 159 SER A OG  1 
ATOM   1162 N N   . ASN A 1 144 ? 16.859  12.732  -10.972 1.00 30.65 ? 160 ASN A N   1 
ATOM   1163 C CA  . ASN A 1 144 ? 16.243  13.676  -10.039 1.00 25.54 ? 160 ASN A CA  1 
ATOM   1164 C C   . ASN A 1 144 ? 14.749  13.397  -9.870  1.00 27.16 ? 160 ASN A C   1 
ATOM   1165 O O   . ASN A 1 144 ? 14.030  14.092  -9.166  1.00 32.30 ? 160 ASN A O   1 
ATOM   1166 C CB  . ASN A 1 144 ? 16.484  15.128  -10.468 1.00 26.64 ? 160 ASN A CB  1 
ATOM   1167 C CG  . ASN A 1 144 ? 17.920  15.573  -10.241 1.00 26.01 ? 160 ASN A CG  1 
ATOM   1168 O OD1 . ASN A 1 144 ? 18.729  15.548  -11.159 1.00 28.69 ? 160 ASN A OD1 1 
ATOM   1169 N ND2 . ASN A 1 144 ? 18.240  15.968  -9.022  1.00 26.28 ? 160 ASN A ND2 1 
ATOM   1170 O OXT . ASN A 1 144 ? 14.211  12.447  -10.430 1.00 34.12 ? 160 ASN A OXT 1 
HETATM 1171 C C1  . NAG B 2 .   ? 15.235  -1.239  -9.947  1.00 44.56 ? 801 NAG A C1  1 
HETATM 1172 C C2  . NAG B 2 .   ? 16.198  -2.197  -10.647 1.00 48.94 ? 801 NAG A C2  1 
HETATM 1173 C C3  . NAG B 2 .   ? 17.306  -2.761  -9.761  1.00 51.67 ? 801 NAG A C3  1 
HETATM 1174 C C4  . NAG B 2 .   ? 17.933  -1.683  -8.885  1.00 50.70 ? 801 NAG A C4  1 
HETATM 1175 C C5  . NAG B 2 .   ? 16.803  -0.911  -8.212  1.00 44.07 ? 801 NAG A C5  1 
HETATM 1176 C C6  . NAG B 2 .   ? 17.316  0.201   -7.309  1.00 35.25 ? 801 NAG A C6  1 
HETATM 1177 C C7  . NAG B 2 .   ? 15.743  -3.722  -12.385 1.00 49.91 ? 801 NAG A C7  1 
HETATM 1178 C C8  . NAG B 2 .   ? 15.646  -5.208  -12.591 1.00 51.74 ? 801 NAG A C8  1 
HETATM 1179 N N2  . NAG B 2 .   ? 15.458  -3.310  -11.169 1.00 49.29 ? 801 NAG A N2  1 
HETATM 1180 O O3  . NAG B 2 .   ? 18.292  -3.361  -10.579 1.00 58.55 ? 801 NAG A O3  1 
HETATM 1181 O O4  . NAG B 2 .   ? 18.807  -2.272  -7.931  1.00 51.23 ? 801 NAG A O4  1 
HETATM 1182 O O5  . NAG B 2 .   ? 16.023  -0.320  -9.226  1.00 48.38 ? 801 NAG A O5  1 
HETATM 1183 O O6  . NAG B 2 .   ? 17.838  1.211   -8.152  1.00 29.23 ? 801 NAG A O6  1 
HETATM 1184 O O7  . NAG B 2 .   ? 16.069  -2.932  -13.275 1.00 48.27 ? 801 NAG A O7  1 
HETATM 1185 C C1  . NAG C 2 .   ? -8.293  -11.707 -11.733 1.00 46.53 ? 901 NAG A C1  1 
HETATM 1186 C C2  . NAG C 2 .   ? -8.308  -13.121 -12.307 1.00 44.63 ? 901 NAG A C2  1 
HETATM 1187 C C3  . NAG C 2 .   ? -7.667  -13.181 -13.690 1.00 48.03 ? 901 NAG A C3  1 
HETATM 1188 C C4  . NAG C 2 .   ? -8.184  -12.053 -14.583 1.00 49.16 ? 901 NAG A C4  1 
HETATM 1189 C C5  . NAG C 2 .   ? -8.063  -10.762 -13.788 1.00 46.06 ? 901 NAG A C5  1 
HETATM 1190 C C6  . NAG C 2 .   ? -8.391  -9.524  -14.588 1.00 44.68 ? 901 NAG A C6  1 
HETATM 1191 C C7  . NAG C 2 .   ? -8.057  -15.178 -11.029 1.00 55.50 ? 901 NAG A C7  1 
HETATM 1192 C C8  . NAG C 2 .   ? -9.517  -15.240 -10.666 1.00 55.53 ? 901 NAG A C8  1 
HETATM 1193 N N2  . NAG C 2 .   ? -7.578  -14.000 -11.430 1.00 51.08 ? 901 NAG A N2  1 
HETATM 1194 O O3  . NAG C 2 .   ? -7.938  -14.442 -14.259 1.00 46.37 ? 901 NAG A O3  1 
HETATM 1195 O O4  . NAG C 2 .   ? -7.401  -11.941 -15.754 1.00 51.02 ? 901 NAG A O4  1 
HETATM 1196 O O5  . NAG C 2 .   ? -8.910  -10.856 -12.668 1.00 48.23 ? 901 NAG A O5  1 
HETATM 1197 O O6  . NAG C 2 .   ? -7.974  -8.409  -13.835 1.00 48.65 ? 901 NAG A O6  1 
HETATM 1198 O O7  . NAG C 2 .   ? -7.344  -16.181 -10.934 1.00 55.17 ? 901 NAG A O7  1 
HETATM 1199 O O48 . LP5 D 3 .   ? -9.819  12.849  -5.933  1.00 55.47 ? 501 LP5 A O48 1 
HETATM 1200 P P45 . LP5 D 3 .   ? -8.410  13.271  -6.271  1.00 53.88 ? 501 LP5 A P45 1 
HETATM 1201 O O46 . LP5 D 3 .   ? -7.912  12.784  -7.609  1.00 52.94 ? 501 LP5 A O46 1 
HETATM 1202 O O47 . LP5 D 3 .   ? -8.153  14.738  -5.995  1.00 49.48 ? 501 LP5 A O47 1 
HETATM 1203 O O1  . LP5 D 3 .   ? -7.567  12.433  -5.172  1.00 50.64 ? 501 LP5 A O1  1 
HETATM 1204 C C1  . LP5 D 3 .   ? -6.190  12.080  -5.286  1.00 50.05 ? 501 LP5 A C1  1 
HETATM 1205 C C2  . LP5 D 3 .   ? -5.902  11.005  -4.248  1.00 48.46 ? 501 LP5 A C2  1 
HETATM 1206 N N2  . LP5 D 3 .   ? -6.859  9.936   -4.472  1.00 46.84 ? 501 LP5 A N2  1 
HETATM 1207 C C7  . LP5 D 3 .   ? -6.538  8.833   -5.150  1.00 45.77 ? 501 LP5 A C7  1 
HETATM 1208 C C8  . LP5 D 3 .   ? -7.637  7.803   -5.309  1.00 42.79 ? 501 LP5 A C8  1 
HETATM 1209 C C16 . LP5 D 3 .   ? -7.639  6.862   -4.117  1.00 39.09 ? 501 LP5 A C16 1 
HETATM 1210 O O44 . LP5 D 3 .   ? -7.820  7.622   -2.920  1.00 43.70 ? 501 LP5 A O44 1 
HETATM 1211 C C17 . LP5 D 3 .   ? -6.296  6.160   -4.041  1.00 33.10 ? 501 LP5 A C17 1 
HETATM 1212 C C18 . LP5 D 3 .   ? -6.326  5.178   -2.885  1.00 32.80 ? 501 LP5 A C18 1 
HETATM 1213 C C19 . LP5 D 3 .   ? -5.953  3.787   -3.370  1.00 28.72 ? 501 LP5 A C19 1 
HETATM 1214 C C20 . LP5 D 3 .   ? -5.730  2.881   -2.176  1.00 33.52 ? 501 LP5 A C20 1 
HETATM 1215 C C21 . LP5 D 3 .   ? -6.806  1.817   -2.052  1.00 26.93 ? 501 LP5 A C21 1 
HETATM 1216 C C22 . LP5 D 3 .   ? -6.132  0.487   -1.762  1.00 28.79 ? 501 LP5 A C22 1 
HETATM 1217 C C23 . LP5 D 3 .   ? -7.165  -0.529  -1.327  1.00 28.37 ? 501 LP5 A C23 1 
HETATM 1218 C C24 . LP5 D 3 .   ? -6.523  -1.752  -0.708  1.00 31.78 ? 501 LP5 A C24 1 
HETATM 1219 C C25 . LP5 D 3 .   ? -7.603  -2.627  -0.096  1.00 29.86 ? 501 LP5 A C25 1 
HETATM 1220 C C26 . LP5 D 3 .   ? -7.603  -3.959  -0.814  1.00 31.21 ? 501 LP5 A C26 1 
HETATM 1221 C C27 . LP5 D 3 .   ? -7.301  -5.087  0.137   1.00 29.24 ? 501 LP5 A C27 1 
HETATM 1222 O O7  . LP5 D 3 .   ? -5.438  8.641   -5.642  1.00 41.00 ? 501 LP5 A O7  1 
HETATM 1223 C C3  . LP5 D 3 .   ? -6.258  11.522  -2.868  1.00 49.79 ? 501 LP5 A C3  1 
HETATM 1224 C C4  . LP5 D 3 .   ? -5.472  12.799  -2.594  1.00 49.73 ? 501 LP5 A C4  1 
HETATM 1225 C C5  . LP5 D 3 .   ? -5.668  13.804  -3.735  1.00 48.38 ? 501 LP5 A C5  1 
HETATM 1226 O O5  . LP5 D 3 .   ? -5.349  13.205  -4.994  1.00 49.87 ? 501 LP5 A O5  1 
HETATM 1227 C C6  . LP5 D 3 .   ? -4.858  15.087  -3.545  1.00 49.22 ? 501 LP5 A C6  1 
HETATM 1228 O O6  . LP5 D 3 .   ? -3.468  14.834  -3.299  1.00 48.07 ? 501 LP5 A O6  1 
HETATM 1229 O O4  . LP5 D 3 .   ? -5.883  13.390  -1.348  1.00 55.59 ? 501 LP5 A O4  1 
HETATM 1230 O O3  . LP5 D 3 .   ? -5.939  10.490  -1.939  1.00 56.10 ? 501 LP5 A O3  1 
HETATM 1231 C C28 . LP5 D 3 .   ? -6.775  10.429  -0.743  1.00 59.42 ? 501 LP5 A C28 1 
HETATM 1232 O O42 . LP5 D 3 .   ? -7.704  11.215  -0.567  1.00 62.88 ? 501 LP5 A O42 1 
HETATM 1233 C C29 . LP5 D 3 .   ? -6.456  9.371   0.288   1.00 59.64 ? 501 LP5 A C29 1 
HETATM 1234 C C30 . LP5 D 3 .   ? -5.938  8.125   -0.424  1.00 58.59 ? 501 LP5 A C30 1 
HETATM 1235 O O43 . LP5 D 3 .   ? -6.471  6.960   0.226   1.00 64.48 ? 501 LP5 A O43 1 
HETATM 1236 C C31 . LP5 D 3 .   ? -4.412  8.108   -0.421  1.00 51.30 ? 501 LP5 A C31 1 
HETATM 1237 C C32 . LP5 D 3 .   ? -3.842  7.134   0.606   1.00 44.48 ? 501 LP5 A C32 1 
HETATM 1238 C C33 . LP5 D 3 .   ? -4.094  5.676   0.247   1.00 38.96 ? 501 LP5 A C33 1 
HETATM 1239 C C34 . LP5 D 3 .   ? -3.142  4.732   0.979   1.00 39.03 ? 501 LP5 A C34 1 
HETATM 1240 C C35 . LP5 D 3 .   ? -1.754  4.708   0.343   1.00 37.50 ? 501 LP5 A C35 1 
HETATM 1241 C C36 . LP5 D 3 .   ? -0.902  3.562   0.892   1.00 41.43 ? 501 LP5 A C36 1 
HETATM 1242 C C37 . LP5 D 3 .   ? -0.713  2.420   -0.113  1.00 42.26 ? 501 LP5 A C37 1 
HETATM 1243 C C38 . LP5 D 3 .   ? -1.797  1.332   -0.046  1.00 35.15 ? 501 LP5 A C38 1 
HETATM 1244 C C39 . LP5 D 3 .   ? -1.450  0.113   -0.905  1.00 30.35 ? 501 LP5 A C39 1 
HETATM 1245 C C40 . LP5 D 3 .   ? -1.692  -1.123  -0.054  1.00 31.44 ? 501 LP5 A C40 1 
HETATM 1246 C C41 . LP5 D 3 .   ? -2.338  -2.217  -0.874  1.00 32.11 ? 501 LP5 A C41 1 
HETATM 1247 C C1  . LP4 E 4 .   ? -2.730  14.875  -2.192  1.00 50.51 ? 601 LP4 A C1  1 
HETATM 1248 C C2  . LP4 E 4 .   ? -1.377  14.174  -2.252  1.00 48.29 ? 601 LP4 A C2  1 
HETATM 1249 N N2  . LP4 E 4 .   ? -1.660  12.786  -1.896  1.00 43.42 ? 601 LP4 A N2  1 
HETATM 1250 C C3  . LP4 E 4 .   ? -0.446  14.718  -1.171  1.00 49.19 ? 601 LP4 A C3  1 
HETATM 1251 O O3  . LP4 E 4 .   ? 0.891   14.240  -1.377  1.00 50.30 ? 601 LP4 A O3  1 
HETATM 1252 C C4  . LP4 E 4 .   ? -0.426  16.244  -1.215  1.00 54.72 ? 601 LP4 A C4  1 
HETATM 1253 O O4  . LP4 E 4 .   ? 0.238   16.753  -0.066  1.00 60.63 ? 601 LP4 A O4  1 
HETATM 1254 C C5  . LP4 E 4 .   ? -1.816  16.865  -1.274  1.00 56.12 ? 601 LP4 A C5  1 
HETATM 1255 O O5  . LP4 E 4 .   ? -2.545  16.277  -2.352  1.00 54.09 ? 601 LP4 A O5  1 
HETATM 1256 C C6  . LP4 E 4 .   ? -1.713  18.378  -1.480  1.00 55.39 ? 601 LP4 A C6  1 
HETATM 1257 O O6  . LP4 E 4 .   ? -2.756  19.059  -0.769  1.00 60.09 ? 601 LP4 A O6  1 
HETATM 1258 C C7  . LP4 E 4 .   ? -1.262  11.768  -2.647  1.00 40.24 ? 601 LP4 A C7  1 
HETATM 1259 O O7  . LP4 E 4 .   ? -0.636  11.921  -3.682  1.00 43.53 ? 601 LP4 A O7  1 
HETATM 1260 C C8  . LP4 E 4 .   ? -1.613  10.387  -2.148  1.00 38.12 ? 601 LP4 A C8  1 
HETATM 1261 C C16 . LP4 E 4 .   ? -1.805  9.449   -3.329  1.00 39.85 ? 601 LP4 A C16 1 
HETATM 1262 C C17 . LP4 E 4 .   ? -1.494  8.008   -2.915  1.00 38.93 ? 601 LP4 A C17 1 
HETATM 1263 C C18 . LP4 E 4 .   ? -1.850  6.976   -3.985  1.00 35.71 ? 601 LP4 A C18 1 
HETATM 1264 C C19 . LP4 E 4 .   ? -0.824  5.853   -4.075  1.00 32.68 ? 601 LP4 A C19 1 
HETATM 1265 C C20 . LP4 E 4 .   ? -1.481  4.486   -4.189  1.00 35.74 ? 601 LP4 A C20 1 
HETATM 1266 C C21 . LP4 E 4 .   ? -0.715  3.555   -5.123  1.00 35.85 ? 601 LP4 A C21 1 
HETATM 1267 C C22 . LP4 E 4 .   ? 0.120   2.542   -4.352  1.00 47.29 ? 601 LP4 A C22 1 
HETATM 1268 C C23 . LP4 E 4 .   ? 1.585   2.977   -4.366  1.00 51.57 ? 601 LP4 A C23 1 
HETATM 1269 C C24 . LP4 E 4 .   ? 2.541   2.000   -3.676  1.00 51.43 ? 601 LP4 A C24 1 
HETATM 1270 C C25 . LP4 E 4 .   ? 2.485   2.126   -2.154  1.00 47.51 ? 601 LP4 A C25 1 
HETATM 1271 C C26 . LP4 E 4 .   ? 3.273   3.311   -1.610  1.00 39.37 ? 601 LP4 A C26 1 
HETATM 1272 C C27 . LP4 E 4 .   ? 2.498   3.864   -0.436  1.00 35.41 ? 601 LP4 A C27 1 
HETATM 1273 C C28 . LP4 E 4 .   ? 1.448   13.442  -0.287  1.00 52.49 ? 601 LP4 A C28 1 
HETATM 1274 C C29 . LP4 E 4 .   ? 2.907   13.015  -0.320  1.00 54.02 ? 601 LP4 A C29 1 
HETATM 1275 C C30 . LP4 E 4 .   ? 3.549   13.156  1.068   1.00 55.82 ? 601 LP4 A C30 1 
HETATM 1276 C C31 . LP4 E 4 .   ? 4.246   11.862  1.480   1.00 52.57 ? 601 LP4 A C31 1 
HETATM 1277 C C32 . LP4 E 4 .   ? 5.582   11.676  0.774   1.00 50.88 ? 601 LP4 A C32 1 
HETATM 1278 C C33 . LP4 E 4 .   ? 6.020   10.215  0.827   1.00 49.69 ? 601 LP4 A C33 1 
HETATM 1279 C C34 . LP4 E 4 .   ? 6.420   9.692   -0.552  1.00 47.60 ? 601 LP4 A C34 1 
HETATM 1280 C C35 . LP4 E 4 .   ? 5.697   8.400   -0.931  1.00 47.46 ? 601 LP4 A C35 1 
HETATM 1281 C C36 . LP4 E 4 .   ? 5.782   7.362   0.184   1.00 48.87 ? 601 LP4 A C36 1 
HETATM 1282 C C37 . LP4 E 4 .   ? 4.433   6.678   0.394   1.00 52.97 ? 601 LP4 A C37 1 
HETATM 1283 C C38 . LP4 E 4 .   ? 3.325   7.688   0.744   1.00 57.57 ? 601 LP4 A C38 1 
HETATM 1284 C C39 . LP4 E 4 .   ? 1.906   7.181   0.429   1.00 53.15 ? 601 LP4 A C39 1 
HETATM 1285 C C40 . LP4 E 4 .   ? 0.839   8.027   1.117   1.00 50.70 ? 601 LP4 A C40 1 
HETATM 1286 C C41 . LP4 E 4 .   ? 1.032   9.504   0.834   1.00 50.23 ? 601 LP4 A C41 1 
HETATM 1287 O O42 . LP4 E 4 .   ? 0.725   13.124  0.649   1.00 55.40 ? 601 LP4 A O42 1 
HETATM 1288 O O43 . LP4 E 4 .   ? 4.510   14.222  1.074   1.00 62.17 ? 601 LP4 A O43 1 
HETATM 1289 O O44 . LP4 E 4 .   ? -3.165  9.566   -3.746  1.00 39.77 ? 601 LP4 A O44 1 
HETATM 1290 P P45 . LP4 E 4 .   ? 1.471   17.791  -0.186  1.00 62.68 ? 601 LP4 A P45 1 
HETATM 1291 O O46 . LP4 E 4 .   ? 0.894   18.966  -0.950  1.00 57.50 ? 601 LP4 A O46 1 
HETATM 1292 O O47 . LP4 E 4 .   ? 2.564   17.054  -0.928  1.00 58.47 ? 601 LP4 A O47 1 
HETATM 1293 O O48 . LP4 E 4 .   ? 1.794   18.027  1.280   1.00 62.55 ? 601 LP4 A O48 1 
HETATM 1294 O O   . HOH F 5 .   ? 2.489   -13.951 3.685   1.00 51.82 ? 902 HOH A O   1 
HETATM 1295 O O   . HOH F 5 .   ? 14.356  4.844   9.144   1.00 34.36 ? 903 HOH A O   1 
HETATM 1296 O O   . HOH F 5 .   ? 13.748  6.525   5.457   1.00 31.01 ? 904 HOH A O   1 
HETATM 1297 O O   . HOH F 5 .   ? 6.075   7.823   10.623  1.00 23.05 ? 905 HOH A O   1 
HETATM 1298 O O   . HOH F 5 .   ? 7.897   4.173   8.511   1.00 22.67 ? 906 HOH A O   1 
HETATM 1299 O O   . HOH F 5 .   ? 2.724   8.803   8.560   1.00 33.49 ? 907 HOH A O   1 
HETATM 1300 O O   . HOH F 5 .   ? 1.622   5.865   -11.767 1.00 33.57 ? 908 HOH A O   1 
HETATM 1301 O O   . HOH F 5 .   ? 12.940  -0.637  -2.613  1.00 27.35 ? 909 HOH A O   1 
HETATM 1302 O O   . HOH F 5 .   ? -0.935  2.277   15.249  1.00 31.49 ? 910 HOH A O   1 
HETATM 1303 O O   . HOH F 5 .   ? 6.793   4.526   -14.565 1.00 42.54 ? 911 HOH A O   1 
HETATM 1304 O O   . HOH F 5 .   ? -2.436  -2.350  -12.528 1.00 31.03 ? 912 HOH A O   1 
HETATM 1305 O O   . HOH F 5 .   ? -4.469  -13.911 -0.038  1.00 30.77 ? 913 HOH A O   1 
HETATM 1306 O O   . HOH F 5 .   ? -3.544  -2.251  -15.532 1.00 33.26 ? 914 HOH A O   1 
HETATM 1307 O O   . HOH F 5 .   ? 10.992  4.545   11.094  1.00 29.07 ? 915 HOH A O   1 
HETATM 1308 O O   . HOH F 5 .   ? -6.082  -11.423 5.504   1.00 52.42 ? 916 HOH A O   1 
HETATM 1309 O O   . HOH F 5 .   ? 6.177   11.852  -13.349 1.00 43.40 ? 917 HOH A O   1 
HETATM 1310 O O   . HOH F 5 .   ? 9.013   -2.167  -13.562 1.00 37.04 ? 918 HOH A O   1 
HETATM 1311 O O   . HOH F 5 .   ? 4.441   -1.098  -13.594 1.00 36.28 ? 919 HOH A O   1 
HETATM 1312 O O   . HOH F 5 .   ? 4.992   9.069   13.808  1.00 37.71 ? 920 HOH A O   1 
HETATM 1313 O O   . HOH F 5 .   ? -20.017 -7.756  4.227   1.00 37.19 ? 921 HOH A O   1 
HETATM 1314 O O   . HOH F 5 .   ? 14.213  13.953  2.846   1.00 43.80 ? 922 HOH A O   1 
HETATM 1315 O O   . HOH F 5 .   ? 8.606   -10.360 3.828   1.00 35.71 ? 923 HOH A O   1 
HETATM 1316 O O   . HOH F 5 .   ? 0.307   -9.986  6.278   1.00 41.95 ? 924 HOH A O   1 
HETATM 1317 O O   . HOH F 5 .   ? 11.226  14.813  -7.133  1.00 32.81 ? 925 HOH A O   1 
HETATM 1318 O O   . HOH F 5 .   ? 12.071  12.608  -8.565  1.00 36.10 ? 926 HOH A O   1 
HETATM 1319 O O   . HOH F 5 .   ? 10.528  -3.136  3.684   1.00 31.40 ? 927 HOH A O   1 
HETATM 1320 O O   . HOH F 5 .   ? -11.602 -4.292  -11.188 1.00 32.62 ? 928 HOH A O   1 
HETATM 1321 O O   . HOH F 5 .   ? -14.369 -10.676 9.943   1.00 38.62 ? 929 HOH A O   1 
HETATM 1322 O O   . HOH F 5 .   ? -4.847  -2.829  -13.312 1.00 39.04 ? 930 HOH A O   1 
HETATM 1323 O O   . HOH F 5 .   ? 5.808   1.307   -14.993 1.00 30.03 ? 931 HOH A O   1 
HETATM 1324 O O   . HOH F 5 .   ? 6.395   -10.961 9.712   1.00 43.23 ? 932 HOH A O   1 
HETATM 1325 O O   . HOH F 5 .   ? 3.833   -3.516  -10.158 1.00 31.49 ? 933 HOH A O   1 
HETATM 1326 O O   . HOH F 5 .   ? -9.155  -7.018  -11.550 1.00 41.91 ? 934 HOH A O   1 
HETATM 1327 O O   . HOH F 5 .   ? 14.570  3.037   -13.382 1.00 44.14 ? 935 HOH A O   1 
HETATM 1328 O O   . HOH F 5 .   ? -0.597  13.292  -10.698 1.00 36.07 ? 936 HOH A O   1 
HETATM 1329 O O   . HOH F 5 .   ? 3.429   -10.725 -1.590  1.00 23.56 ? 937 HOH A O   1 
HETATM 1330 O O   . HOH F 5 .   ? 18.787  9.549   -4.236  1.00 29.62 ? 938 HOH A O   1 
HETATM 1331 O O   . HOH F 5 .   ? 18.558  6.443   -3.531  1.00 27.75 ? 939 HOH A O   1 
HETATM 1332 O O   . HOH F 5 .   ? 2.371   13.918  -3.468  1.00 46.92 ? 940 HOH A O   1 
HETATM 1333 O O   . HOH F 5 .   ? 15.182  15.609  -6.962  1.00 46.27 ? 941 HOH A O   1 
HETATM 1334 O O   . HOH F 5 .   ? 15.771  -22.358 6.799   1.00 36.99 ? 942 HOH A O   1 
HETATM 1335 O O   . HOH F 5 .   ? -20.072 -9.381  10.415  1.00 53.40 ? 943 HOH A O   1 
HETATM 1336 O O   . HOH F 5 .   ? -12.861 -2.018  -7.368  1.00 39.56 ? 944 HOH A O   1 
HETATM 1337 O O   . HOH F 5 .   ? -20.884 -4.951  4.780   1.00 41.21 ? 945 HOH A O   1 
HETATM 1338 O O   . HOH F 5 .   ? -18.966 -12.142 8.128   1.00 33.38 ? 946 HOH A O   1 
HETATM 1339 O O   . HOH F 5 .   ? -3.304  11.826  0.561   1.00 46.86 ? 947 HOH A O   1 
HETATM 1340 O O   . HOH F 5 .   ? -4.642  -11.255 -10.329 1.00 36.61 ? 948 HOH A O   1 
HETATM 1341 O O   . HOH F 5 .   ? 1.713   13.221  8.896   1.00 41.85 ? 949 HOH A O   1 
HETATM 1342 O O   . HOH F 5 .   ? 8.082   18.764  -2.681  1.00 52.74 ? 950 HOH A O   1 
HETATM 1343 O O   . HOH F 5 .   ? 1.429   8.885   -14.957 1.00 37.61 ? 951 HOH A O   1 
HETATM 1344 O O   . HOH F 5 .   ? -2.746  13.329  2.443   1.00 48.65 ? 952 HOH A O   1 
HETATM 1345 O O   . HOH F 5 .   ? -1.442  15.364  2.810   1.00 36.25 ? 953 HOH A O   1 
HETATM 1346 O O   . HOH F 5 .   ? 0.805   16.174  3.140   1.00 45.80 ? 954 HOH A O   1 
HETATM 1347 O O   . HOH F 5 .   ? -1.537  10.462  2.420   1.00 47.07 ? 955 HOH A O   1 
HETATM 1348 O O   . HOH F 5 .   ? -16.928 -7.283  3.954   1.00 29.89 ? 956 HOH A O   1 
HETATM 1349 O O   . HOH F 5 .   ? -8.088  -17.683 -8.422  1.00 56.89 ? 957 HOH A O   1 
HETATM 1350 O O   . HOH F 5 .   ? -18.668 -2.323  2.525   1.00 52.78 ? 958 HOH A O   1 
HETATM 1351 O O   . HOH F 5 .   ? -1.745  -7.728  -8.739  1.00 31.78 ? 959 HOH A O   1 
HETATM 1352 O O   . HOH F 5 .   ? 11.924  10.698  13.736  1.00 29.67 ? 960 HOH A O   1 
HETATM 1353 O O   . HOH F 5 .   ? 11.567  -3.804  1.246   1.00 39.51 ? 961 HOH A O   1 
HETATM 1354 O O   . HOH F 5 .   ? 9.647   24.167  -7.819  1.00 71.31 ? 962 HOH A O   1 
HETATM 1355 O O   . HOH F 5 .   ? 8.517   6.249   -15.376 1.00 36.69 ? 963 HOH A O   1 
HETATM 1356 O O   . HOH F 5 .   ? -4.749  -3.286  13.002  1.00 44.86 ? 964 HOH A O   1 
HETATM 1357 O O   . HOH F 5 .   ? 17.269  -1.895  -3.937  1.00 40.56 ? 965 HOH A O   1 
HETATM 1358 O O   . HOH F 5 .   ? 6.546   -13.255 2.770   1.00 44.13 ? 966 HOH A O   1 
HETATM 1359 O O   . HOH F 5 .   ? -0.285  -3.920  -12.736 1.00 40.07 ? 967 HOH A O   1 
HETATM 1360 O O   . HOH F 5 .   ? -10.073 6.224   -6.408  1.00 53.82 ? 968 HOH A O   1 
HETATM 1361 O O   . HOH F 5 .   ? 11.519  14.666  0.339   1.00 45.19 ? 969 HOH A O   1 
HETATM 1362 O O   . HOH F 5 .   ? -6.402  16.012  -6.966  1.00 42.87 ? 970 HOH A O   1 
HETATM 1363 O O   . HOH F 5 .   ? -2.499  -10.519 13.124  1.00 56.69 ? 971 HOH A O   1 
HETATM 1364 O O   . HOH F 5 .   ? -9.955  -17.729 4.799   1.00 58.94 ? 972 HOH A O   1 
HETATM 1365 O O   . HOH F 5 .   ? -9.765  12.470  -1.202  1.00 40.97 ? 973 HOH A O   1 
HETATM 1366 O O   . HOH F 5 .   ? 16.460  10.475  12.692  1.00 48.24 ? 974 HOH A O   1 
HETATM 1367 O O   . HOH F 5 .   ? -5.918  7.150   -13.042 1.00 36.14 ? 975 HOH A O   1 
HETATM 1368 O O   . HOH F 5 .   ? -2.069  -8.614  10.846  1.00 50.22 ? 976 HOH A O   1 
HETATM 1369 O O   . HOH F 5 .   ? 15.529  -1.220  -0.575  1.00 45.98 ? 977 HOH A O   1 
HETATM 1370 O O   . HOH F 5 .   ? -14.348 -2.525  16.410  1.00 53.24 ? 978 HOH A O   1 
HETATM 1371 O O   . HOH F 5 .   ? -18.030 -16.801 1.203   1.00 48.46 ? 979 HOH A O   1 
HETATM 1372 O O   . HOH F 5 .   ? 11.169  16.688  -8.551  1.00 46.27 ? 980 HOH A O   1 
HETATM 1373 O O   . HOH F 5 .   ? 10.468  -15.995 5.933   1.00 51.61 ? 981 HOH A O   1 
HETATM 1374 O O   . HOH F 5 .   ? 14.969  -12.999 8.804   1.00 44.50 ? 982 HOH A O   1 
HETATM 1375 O O   . HOH F 5 .   ? -3.808  16.079  -7.168  1.00 56.07 ? 983 HOH A O   1 
HETATM 1376 O O   . HOH F 5 .   ? 6.679   15.182  2.080   1.00 45.86 ? 984 HOH A O   1 
HETATM 1377 O O   . HOH F 5 .   ? 9.242   1.976   9.104   1.00 57.55 ? 985 HOH A O   1 
HETATM 1378 O O   . HOH F 5 .   ? -11.938 2.217   14.592  1.00 38.84 ? 986 HOH A O   1 
HETATM 1379 O O   . HOH F 5 .   ? 18.518  11.730  -6.842  1.00 32.72 ? 987 HOH A O   1 
HETATM 1380 O O   . HOH F 5 .   ? -1.555  -7.827  -11.887 1.00 50.73 ? 988 HOH A O   1 
HETATM 1381 O O   . HOH F 5 .   ? -20.746 -9.024  6.171   1.00 50.56 ? 989 HOH A O   1 
HETATM 1382 O O   . HOH F 5 .   ? -2.738  13.182  -5.926  1.00 47.33 ? 990 HOH A O   1 
# 
